data_9R2E
#
_entry.id   9R2E
#
_cell.length_a   77.291
_cell.length_b   232.312
_cell.length_c   105.519
_cell.angle_alpha   90
_cell.angle_beta   90.35
_cell.angle_gamma   90
#
_symmetry.space_group_name_H-M   'C 1 2 1'
#
loop_
_entity.id
_entity.type
_entity.pdbx_description
1 polymer 'ARGX-121 Fab fragment heavy chain'
2 polymer 'ARGX-121 Fab fragment light chain'
3 polymer 'Isoform 1 of Immunoglobulin heavy constant alpha 1'
4 non-polymer 1,2-ETHANEDIOL
5 non-polymer DI(HYDROXYETHYL)ETHER
6 non-polymer 'MAGNESIUM ION'
7 water water
#
loop_
_entity_poly.entity_id
_entity_poly.type
_entity_poly.pdbx_seq_one_letter_code
_entity_poly.pdbx_strand_id
1 'polypeptide(L)'
;MGWSCIILFLVATATGVHSEVQLLESGGGLVQPGGSLRLSCAASGFTSSNYLMSWVRQAPGKGLEWVSSIYHYGHNAYYA
DSVKGRFTISRDNSKNTLYLQMNSLRAEDTAVYYCAKVDSAYDFGSWGQGTLVTVSSASTKGPSVFPLAPSSKSTSGGTA
ALGCLVKDYFPEPVTVSWNSGALTSGVHTFPAVLQSSGLYSLSSVVTVPSSSLGTQTYICNVNHKPSNTKVDKKVEPKSC
DKTH
;
H,A
2 'polypeptide(L)'
;MGWSCIILFLVATATGVHSQSVLTQPPSVSGAPGQRVTISCAGTSSDIGGRTYVSWYQQLPGTAPKLLIYKVTIRASGVP
DRFSGSKSGTSASLAITGLQAEDEADYYCASHRSNNNIVFGGGTKLTVLGQPKAAPSVTLFPPSSEELQANKATLVCLIS
DFYPGAVTVAWKADSSPVKAGVETTTPSKQSNNKYAASSYLSLTPEQWKSHRSYSCQVTHEGSTVEKTVAPTECS
;
L,B
3 'polypeptide(L)'
;CHPRLSLHRPALEDLLLGSEANLTCTLTGLRDASGVTFTWTPSSGKSAVQGPPERDLCGCYSVSSVLPGCAEPWNHGKTF
TCTAAYPESKTPLTATLSKSGNTFRPEVHLLPPPSEELALNELVTLTCLARGFSPKDVLVRWLQGSQELPREKYLTWASR
QEPSQGTTTFAVTSILRVAAEDWKKGDTFSCMVGHEALPLAFTQKTIDRLAGK
;
P,Q
#
loop_
_chem_comp.id
_chem_comp.type
_chem_comp.name
_chem_comp.formula
EDO non-polymer 1,2-ETHANEDIOL 'C2 H6 O2'
MG non-polymer 'MAGNESIUM ION' 'Mg 2'
PEG non-polymer DI(HYDROXYETHYL)ETHER 'C4 H10 O3'
#
# COMPACT_ATOMS: atom_id res chain seq x y z
N GLU A 20 -8.51 -5.21 -39.89
CA GLU A 20 -9.78 -5.23 -39.08
C GLU A 20 -9.77 -6.40 -38.09
N VAL A 21 -10.40 -6.22 -36.94
CA VAL A 21 -10.68 -7.30 -35.95
C VAL A 21 -11.63 -8.30 -36.61
N GLN A 22 -11.29 -9.59 -36.60
CA GLN A 22 -12.15 -10.69 -37.09
C GLN A 22 -12.02 -11.87 -36.12
N LEU A 23 -13.14 -12.55 -35.87
CA LEU A 23 -13.25 -13.74 -35.00
C LEU A 23 -14.04 -14.82 -35.76
N LEU A 24 -13.46 -16.01 -35.97
CA LEU A 24 -14.09 -17.15 -36.68
C LEU A 24 -14.26 -18.32 -35.71
N GLU A 25 -15.48 -18.54 -35.21
CA GLU A 25 -15.83 -19.72 -34.40
C GLU A 25 -15.89 -20.95 -35.31
N SER A 26 -15.46 -22.11 -34.81
CA SER A 26 -15.66 -23.43 -35.46
C SER A 26 -15.83 -24.52 -34.39
N GLY A 27 -16.27 -25.71 -34.79
CA GLY A 27 -16.38 -26.91 -33.93
C GLY A 27 -17.82 -27.27 -33.60
N GLY A 28 -18.77 -26.35 -33.81
CA GLY A 28 -20.20 -26.60 -33.57
C GLY A 28 -20.71 -27.77 -34.39
N GLY A 29 -21.68 -28.51 -33.85
CA GLY A 29 -22.33 -29.64 -34.54
C GLY A 29 -23.12 -30.49 -33.57
N LEU A 30 -23.43 -31.73 -33.97
CA LEU A 30 -24.18 -32.69 -33.14
C LEU A 30 -23.24 -33.29 -32.10
N VAL A 31 -23.74 -33.50 -30.89
CA VAL A 31 -22.99 -34.17 -29.79
C VAL A 31 -24.03 -34.82 -28.86
N GLN A 32 -23.84 -36.09 -28.49
CA GLN A 32 -24.85 -36.89 -27.74
C GLN A 32 -24.87 -36.40 -26.30
N PRO A 33 -26.03 -36.44 -25.58
CA PRO A 33 -26.10 -35.97 -24.19
C PRO A 33 -25.10 -36.72 -23.29
N GLY A 34 -24.25 -35.97 -22.58
CA GLY A 34 -23.13 -36.49 -21.76
C GLY A 34 -21.81 -36.42 -22.51
N GLY A 35 -21.85 -36.18 -23.83
CA GLY A 35 -20.66 -36.14 -24.69
C GLY A 35 -19.83 -34.89 -24.48
N SER A 36 -18.64 -34.85 -25.09
CA SER A 36 -17.71 -33.68 -25.07
C SER A 36 -17.66 -33.04 -26.46
N LEU A 37 -17.23 -31.78 -26.52
CA LEU A 37 -17.03 -31.02 -27.78
C LEU A 37 -16.12 -29.82 -27.50
N ARG A 38 -15.13 -29.58 -28.36
CA ARG A 38 -14.17 -28.45 -28.28
C ARG A 38 -14.55 -27.46 -29.39
N LEU A 39 -14.84 -26.21 -29.01
CA LEU A 39 -15.02 -25.07 -29.95
C LEU A 39 -13.69 -24.33 -30.06
N SER A 40 -13.38 -23.83 -31.25
CA SER A 40 -12.20 -22.97 -31.55
C SER A 40 -12.69 -21.59 -31.98
N CYS A 41 -11.85 -20.58 -31.82
CA CYS A 41 -12.12 -19.18 -32.25
C CYS A 41 -10.82 -18.58 -32.76
N ALA A 42 -10.65 -18.55 -34.09
CA ALA A 42 -9.48 -17.95 -34.77
C ALA A 42 -9.62 -16.42 -34.76
N ALA A 43 -8.74 -15.75 -34.02
CA ALA A 43 -8.63 -14.27 -33.96
C ALA A 43 -7.67 -13.80 -35.05
N SER A 44 -7.91 -12.62 -35.62
CA SER A 44 -7.00 -11.93 -36.56
C SER A 44 -7.23 -10.41 -36.50
N GLY A 45 -6.19 -9.64 -36.82
CA GLY A 45 -6.19 -8.18 -36.75
C GLY A 45 -6.09 -7.65 -35.32
N PHE A 46 -5.77 -8.52 -34.35
CA PHE A 46 -5.44 -8.19 -32.93
C PHE A 46 -4.87 -9.46 -32.28
N THR A 47 -4.12 -9.30 -31.18
CA THR A 47 -3.54 -10.43 -30.40
C THR A 47 -4.51 -10.77 -29.26
N SER A 48 -5.16 -11.94 -29.32
CA SER A 48 -6.20 -12.40 -28.36
C SER A 48 -5.63 -12.50 -26.93
N SER A 49 -4.32 -12.65 -26.78
CA SER A 49 -3.62 -12.66 -25.47
C SER A 49 -3.71 -11.28 -24.80
N ASN A 50 -3.66 -10.20 -25.57
CA ASN A 50 -3.50 -8.80 -25.06
C ASN A 50 -4.83 -8.21 -24.56
N TYR A 51 -5.89 -9.01 -24.43
CA TYR A 51 -7.27 -8.55 -24.12
C TYR A 51 -8.02 -9.58 -23.28
N LEU A 52 -9.05 -9.13 -22.58
CA LEU A 52 -10.11 -9.98 -21.98
C LEU A 52 -10.94 -10.57 -23.13
N MET A 53 -11.03 -11.90 -23.18
CA MET A 53 -11.72 -12.68 -24.24
C MET A 53 -12.79 -13.54 -23.57
N SER A 54 -13.97 -13.64 -24.19
CA SER A 54 -15.15 -14.31 -23.61
C SER A 54 -15.82 -15.24 -24.64
N TRP A 55 -16.54 -16.23 -24.13
CA TRP A 55 -17.56 -17.01 -24.87
C TRP A 55 -18.94 -16.56 -24.38
N VAL A 56 -19.85 -16.25 -25.30
CA VAL A 56 -21.26 -15.83 -25.01
C VAL A 56 -22.16 -16.71 -25.87
N ARG A 57 -23.14 -17.38 -25.27
CA ARG A 57 -24.01 -18.36 -25.95
C ARG A 57 -25.46 -17.86 -25.92
N GLN A 58 -26.24 -18.28 -26.91
CA GLN A 58 -27.66 -17.86 -27.09
C GLN A 58 -28.43 -19.05 -27.65
N ALA A 59 -29.23 -19.71 -26.80
CA ALA A 59 -30.12 -20.84 -27.16
C ALA A 59 -31.16 -20.33 -28.16
N PRO A 60 -31.57 -21.14 -29.17
CA PRO A 60 -32.45 -20.65 -30.23
C PRO A 60 -33.76 -20.10 -29.65
N GLY A 61 -34.10 -18.84 -29.97
CA GLY A 61 -35.31 -18.15 -29.48
C GLY A 61 -35.07 -17.36 -28.21
N LYS A 62 -34.21 -17.87 -27.30
CA LYS A 62 -34.01 -17.33 -25.92
C LYS A 62 -32.91 -16.25 -25.95
N GLY A 63 -32.41 -15.82 -24.79
CA GLY A 63 -31.55 -14.63 -24.64
C GLY A 63 -30.06 -14.93 -24.64
N LEU A 64 -29.24 -13.87 -24.65
CA LEU A 64 -27.75 -13.93 -24.51
C LEU A 64 -27.42 -14.41 -23.09
N GLU A 65 -26.51 -15.38 -22.98
CA GLU A 65 -25.94 -15.86 -21.70
C GLU A 65 -24.42 -15.88 -21.82
N TRP A 66 -23.75 -15.03 -21.05
CA TRP A 66 -22.29 -15.07 -20.83
C TRP A 66 -21.94 -16.44 -20.24
N VAL A 67 -20.88 -17.08 -20.74
CA VAL A 67 -20.48 -18.49 -20.46
C VAL A 67 -19.17 -18.47 -19.68
N SER A 68 -18.09 -18.02 -20.33
CA SER A 68 -16.70 -18.02 -19.78
C SER A 68 -15.97 -16.74 -20.21
N SER A 69 -14.99 -16.33 -19.41
CA SER A 69 -13.99 -15.28 -19.72
C SER A 69 -12.59 -15.81 -19.41
N ILE A 70 -11.58 -15.28 -20.10
CA ILE A 70 -10.14 -15.48 -19.78
C ILE A 70 -9.47 -14.10 -19.83
N TYR A 71 -8.91 -13.65 -18.71
CA TYR A 71 -8.30 -12.30 -18.55
C TYR A 71 -7.00 -12.26 -19.33
N HIS A 72 -6.45 -11.05 -19.48
CA HIS A 72 -5.28 -10.72 -20.33
C HIS A 72 -4.11 -11.64 -20.00
N TYR A 73 -3.39 -12.11 -21.02
CA TYR A 73 -2.02 -12.70 -20.95
C TYR A 73 -1.99 -14.08 -20.29
N GLY A 74 -2.69 -14.25 -19.17
CA GLY A 74 -2.60 -15.45 -18.33
C GLY A 74 -3.70 -16.47 -18.60
N HIS A 75 -3.92 -17.38 -17.64
CA HIS A 75 -4.98 -18.43 -17.64
C HIS A 75 -5.97 -18.21 -16.49
N ASN A 76 -6.16 -16.95 -16.07
N ASN A 76 -6.18 -16.95 -16.10
CA ASN A 76 -7.15 -16.56 -15.02
CA ASN A 76 -7.14 -16.55 -15.04
C ASN A 76 -8.53 -16.51 -15.68
C ASN A 76 -8.54 -16.51 -15.66
N ALA A 77 -9.32 -17.58 -15.48
CA ALA A 77 -10.61 -17.80 -16.15
C ALA A 77 -11.76 -17.67 -15.14
N TYR A 78 -12.93 -17.27 -15.63
CA TYR A 78 -14.21 -17.18 -14.87
C TYR A 78 -15.31 -17.83 -15.70
N TYR A 79 -16.28 -18.44 -15.03
CA TYR A 79 -17.36 -19.27 -15.64
C TYR A 79 -18.71 -18.92 -15.00
N ALA A 80 -19.76 -18.88 -15.82
CA ALA A 80 -21.17 -18.87 -15.37
C ALA A 80 -21.43 -20.15 -14.57
N ASP A 81 -22.20 -20.05 -13.47
CA ASP A 81 -22.52 -21.17 -12.54
C ASP A 81 -23.27 -22.28 -13.27
N SER A 82 -24.05 -21.94 -14.31
CA SER A 82 -24.76 -22.89 -15.22
C SER A 82 -23.76 -23.86 -15.88
N VAL A 83 -22.49 -23.47 -15.95
CA VAL A 83 -21.43 -24.11 -16.80
C VAL A 83 -20.20 -24.51 -15.95
N LYS A 84 -20.12 -24.09 -14.67
CA LYS A 84 -18.96 -24.34 -13.75
C LYS A 84 -18.69 -25.85 -13.64
N GLY A 85 -17.42 -26.26 -13.71
CA GLY A 85 -16.98 -27.66 -13.54
C GLY A 85 -17.00 -28.45 -14.85
N ARG A 86 -17.82 -28.05 -15.83
CA ARG A 86 -18.06 -28.80 -17.10
C ARG A 86 -17.23 -28.20 -18.24
N PHE A 87 -17.21 -26.87 -18.38
CA PHE A 87 -16.56 -26.15 -19.51
C PHE A 87 -15.19 -25.63 -19.10
N THR A 88 -14.27 -25.47 -20.06
CA THR A 88 -12.88 -24.94 -19.87
C THR A 88 -12.51 -24.00 -21.01
N ILE A 89 -12.26 -22.72 -20.70
CA ILE A 89 -11.76 -21.69 -21.66
C ILE A 89 -10.22 -21.75 -21.67
N SER A 90 -9.62 -21.81 -22.86
CA SER A 90 -8.16 -21.85 -23.08
C SER A 90 -7.79 -20.93 -24.24
N ARG A 91 -6.49 -20.68 -24.45
CA ARG A 91 -5.97 -19.70 -25.43
C ARG A 91 -4.55 -20.10 -25.83
N ASP A 92 -4.38 -20.62 -27.06
CA ASP A 92 -3.07 -20.95 -27.69
C ASP A 92 -2.58 -19.71 -28.45
N ASN A 93 -1.61 -18.99 -27.87
CA ASN A 93 -1.09 -17.69 -28.39
C ASN A 93 -0.35 -17.89 -29.72
N SER A 94 0.28 -19.05 -29.96
CA SER A 94 1.05 -19.37 -31.19
C SER A 94 0.12 -19.48 -32.41
N LYS A 95 -1.13 -19.94 -32.22
CA LYS A 95 -2.19 -19.99 -33.25
C LYS A 95 -3.08 -18.74 -33.17
N ASN A 96 -3.03 -17.98 -32.07
CA ASN A 96 -3.89 -16.80 -31.78
C ASN A 96 -5.36 -17.23 -31.84
N THR A 97 -5.68 -18.38 -31.25
CA THR A 97 -7.07 -18.91 -31.22
C THR A 97 -7.48 -19.13 -29.76
N LEU A 98 -8.75 -18.83 -29.47
CA LEU A 98 -9.43 -19.08 -28.18
C LEU A 98 -10.18 -20.40 -28.30
N TYR A 99 -10.30 -21.17 -27.21
CA TYR A 99 -11.01 -22.46 -27.16
C TYR A 99 -12.03 -22.47 -26.02
N LEU A 100 -13.09 -23.24 -26.20
CA LEU A 100 -14.04 -23.65 -25.14
C LEU A 100 -14.18 -25.17 -25.20
N GLN A 101 -13.58 -25.87 -24.24
CA GLN A 101 -13.78 -27.32 -24.02
C GLN A 101 -15.09 -27.48 -23.26
N MET A 102 -16.02 -28.28 -23.78
CA MET A 102 -17.37 -28.52 -23.19
C MET A 102 -17.53 -30.02 -22.93
N ASN A 103 -17.71 -30.42 -21.66
CA ASN A 103 -17.90 -31.83 -21.21
C ASN A 103 -19.29 -31.98 -20.55
N SER A 104 -19.74 -33.21 -20.38
CA SER A 104 -21.02 -33.57 -19.71
C SER A 104 -22.15 -32.69 -20.25
N LEU A 105 -22.32 -32.67 -21.58
CA LEU A 105 -23.24 -31.73 -22.27
C LEU A 105 -24.69 -32.20 -22.11
N ARG A 106 -25.60 -31.24 -21.98
CA ARG A 106 -27.05 -31.43 -21.71
C ARG A 106 -27.86 -30.76 -22.84
N ALA A 107 -29.15 -31.09 -22.95
CA ALA A 107 -30.12 -30.47 -23.88
C ALA A 107 -30.06 -28.93 -23.77
N GLU A 108 -30.00 -28.39 -22.54
CA GLU A 108 -30.07 -26.93 -22.27
C GLU A 108 -28.72 -26.23 -22.58
N ASP A 109 -27.70 -26.95 -23.05
CA ASP A 109 -26.45 -26.35 -23.60
C ASP A 109 -26.56 -26.12 -25.11
N THR A 110 -27.59 -26.67 -25.77
CA THR A 110 -27.92 -26.38 -27.19
C THR A 110 -28.03 -24.86 -27.35
N ALA A 111 -27.15 -24.26 -28.16
CA ALA A 111 -27.11 -22.80 -28.42
C ALA A 111 -26.10 -22.45 -29.51
N VAL A 112 -26.24 -21.25 -30.07
CA VAL A 112 -25.15 -20.54 -30.80
C VAL A 112 -24.14 -20.08 -29.73
N TYR A 113 -22.86 -20.36 -29.96
CA TYR A 113 -21.72 -19.96 -29.11
C TYR A 113 -20.88 -18.96 -29.90
N TYR A 114 -20.83 -17.70 -29.44
CA TYR A 114 -19.95 -16.62 -29.96
C TYR A 114 -18.72 -16.50 -29.06
N CYS A 115 -17.54 -16.29 -29.64
CA CYS A 115 -16.39 -15.66 -28.94
C CYS A 115 -16.49 -14.15 -29.14
N ALA A 116 -15.91 -13.37 -28.23
CA ALA A 116 -16.02 -11.90 -28.23
C ALA A 116 -14.77 -11.29 -27.59
N LYS A 117 -14.26 -10.22 -28.21
CA LYS A 117 -13.17 -9.39 -27.67
C LYS A 117 -13.82 -8.33 -26.77
N VAL A 118 -13.42 -8.29 -25.49
CA VAL A 118 -13.82 -7.23 -24.53
C VAL A 118 -12.89 -6.03 -24.75
N ASP A 119 -13.44 -4.81 -24.77
CA ASP A 119 -12.67 -3.55 -24.91
C ASP A 119 -12.38 -2.98 -23.51
N SER A 120 -12.66 -1.70 -23.26
CA SER A 120 -12.11 -0.92 -22.13
C SER A 120 -12.97 -1.06 -20.86
N ALA A 121 -14.23 -1.51 -20.97
CA ALA A 121 -15.27 -1.33 -19.95
C ALA A 121 -16.19 -2.56 -19.84
N TYR A 122 -15.62 -3.76 -19.89
CA TYR A 122 -16.38 -5.05 -19.83
C TYR A 122 -17.49 -5.04 -20.90
N ASP A 123 -17.16 -4.54 -22.09
CA ASP A 123 -18.06 -4.33 -23.24
C ASP A 123 -17.58 -5.23 -24.39
N PHE A 124 -18.48 -6.07 -24.92
CA PHE A 124 -18.21 -6.96 -26.08
C PHE A 124 -18.22 -6.11 -27.36
N GLY A 125 -17.07 -5.57 -27.75
CA GLY A 125 -16.91 -4.64 -28.88
C GLY A 125 -16.84 -5.35 -30.23
N SER A 126 -16.30 -6.57 -30.25
CA SER A 126 -16.16 -7.41 -31.47
C SER A 126 -16.71 -8.80 -31.17
N TRP A 127 -17.54 -9.32 -32.08
CA TRP A 127 -18.19 -10.66 -32.01
C TRP A 127 -17.83 -11.45 -33.26
N GLY A 128 -17.79 -12.78 -33.16
CA GLY A 128 -17.73 -13.66 -34.34
C GLY A 128 -19.12 -13.93 -34.89
N GLN A 129 -19.22 -14.82 -35.88
CA GLN A 129 -20.50 -15.13 -36.59
C GLN A 129 -21.32 -16.13 -35.74
N GLY A 130 -20.66 -16.84 -34.82
CA GLY A 130 -21.28 -17.86 -33.94
C GLY A 130 -21.13 -19.26 -34.52
N THR A 131 -21.19 -20.29 -33.68
CA THR A 131 -21.19 -21.73 -34.08
C THR A 131 -22.28 -22.45 -33.27
N LEU A 132 -23.19 -23.13 -33.95
CA LEU A 132 -24.36 -23.79 -33.33
C LEU A 132 -23.94 -25.19 -32.84
N VAL A 133 -24.03 -25.42 -31.52
CA VAL A 133 -23.83 -26.74 -30.85
C VAL A 133 -25.22 -27.33 -30.59
N THR A 134 -25.50 -28.52 -31.12
CA THR A 134 -26.80 -29.21 -30.98
C THR A 134 -26.60 -30.47 -30.14
N VAL A 135 -27.18 -30.51 -28.95
CA VAL A 135 -27.10 -31.67 -28.00
C VAL A 135 -28.39 -32.49 -28.14
N SER A 136 -28.29 -33.70 -28.70
CA SER A 136 -29.45 -34.54 -29.08
C SER A 136 -29.04 -36.02 -29.18
N SER A 137 -30.00 -36.92 -28.93
CA SER A 137 -29.88 -38.39 -29.08
C SER A 137 -29.95 -38.81 -30.56
N ALA A 138 -30.48 -37.94 -31.43
CA ALA A 138 -30.68 -38.21 -32.88
C ALA A 138 -29.32 -38.37 -33.58
N SER A 139 -29.34 -38.72 -34.89
CA SER A 139 -28.15 -38.98 -35.75
C SER A 139 -27.92 -37.82 -36.72
N THR A 140 -26.64 -37.55 -37.03
CA THR A 140 -26.19 -36.59 -38.07
C THR A 140 -26.56 -37.13 -39.45
N LYS A 141 -27.27 -36.32 -40.25
CA LYS A 141 -27.67 -36.66 -41.64
C LYS A 141 -27.35 -35.46 -42.54
N GLY A 142 -26.62 -35.70 -43.63
CA GLY A 142 -26.24 -34.69 -44.63
C GLY A 142 -27.42 -34.41 -45.58
N PRO A 143 -27.50 -33.20 -46.17
CA PRO A 143 -28.63 -32.85 -47.03
C PRO A 143 -28.51 -33.43 -48.44
N SER A 144 -29.66 -33.64 -49.10
CA SER A 144 -29.79 -33.78 -50.57
C SER A 144 -30.06 -32.39 -51.14
N VAL A 145 -29.22 -31.92 -52.06
CA VAL A 145 -29.34 -30.60 -52.76
C VAL A 145 -29.97 -30.86 -54.14
N PHE A 146 -31.05 -30.15 -54.46
CA PHE A 146 -31.76 -30.22 -55.77
C PHE A 146 -31.87 -28.81 -56.34
N PRO A 147 -31.71 -28.64 -57.68
CA PRO A 147 -31.93 -27.34 -58.31
C PRO A 147 -33.43 -27.02 -58.38
N LEU A 148 -33.80 -25.79 -58.02
CA LEU A 148 -35.13 -25.21 -58.29
C LEU A 148 -35.00 -24.36 -59.56
N ALA A 149 -35.34 -24.94 -60.71
CA ALA A 149 -35.07 -24.40 -62.06
C ALA A 149 -35.96 -23.20 -62.33
N PRO A 150 -35.48 -22.16 -63.05
CA PRO A 150 -36.30 -20.99 -63.37
C PRO A 150 -37.39 -21.29 -64.41
N SER A 151 -38.46 -20.48 -64.39
CA SER A 151 -39.62 -20.53 -65.31
C SER A 151 -39.17 -20.34 -66.76
N SER A 152 -39.88 -20.95 -67.71
CA SER A 152 -39.62 -20.85 -69.18
C SER A 152 -40.18 -19.54 -69.74
N LYS A 153 -41.11 -18.89 -69.02
CA LYS A 153 -41.71 -17.56 -69.34
C LYS A 153 -40.66 -16.62 -69.96
N SER A 154 -40.93 -16.10 -71.17
CA SER A 154 -40.03 -15.22 -71.96
C SER A 154 -39.85 -13.88 -71.23
N THR A 155 -40.97 -13.21 -70.91
CA THR A 155 -41.09 -11.95 -70.12
C THR A 155 -39.86 -11.05 -70.34
N SER A 156 -39.78 -10.42 -71.52
CA SER A 156 -38.65 -9.54 -71.95
C SER A 156 -38.61 -8.28 -71.07
N GLY A 157 -37.54 -8.10 -70.29
CA GLY A 157 -37.37 -7.01 -69.32
C GLY A 157 -37.68 -7.47 -67.89
N GLY A 158 -38.38 -8.60 -67.72
CA GLY A 158 -38.81 -9.14 -66.41
C GLY A 158 -37.73 -9.95 -65.72
N THR A 159 -38.01 -10.42 -64.51
CA THR A 159 -37.09 -11.23 -63.66
C THR A 159 -37.54 -12.70 -63.66
N ALA A 160 -36.64 -13.60 -63.29
CA ALA A 160 -36.88 -15.05 -63.11
C ALA A 160 -36.36 -15.49 -61.73
N ALA A 161 -37.16 -16.30 -61.03
CA ALA A 161 -36.79 -16.94 -59.74
C ALA A 161 -36.20 -18.31 -60.03
N LEU A 162 -35.02 -18.57 -59.46
CA LEU A 162 -34.38 -19.91 -59.43
C LEU A 162 -33.76 -20.08 -58.04
N GLY A 163 -33.50 -21.32 -57.61
CA GLY A 163 -33.00 -21.58 -56.26
C GLY A 163 -32.35 -22.94 -56.11
N CYS A 164 -32.09 -23.31 -54.85
CA CYS A 164 -31.64 -24.66 -54.43
C CYS A 164 -32.55 -25.14 -53.30
N LEU A 165 -32.89 -26.43 -53.32
CA LEU A 165 -33.63 -27.13 -52.24
C LEU A 165 -32.63 -27.99 -51.46
N VAL A 166 -32.31 -27.60 -50.23
CA VAL A 166 -31.42 -28.36 -49.30
C VAL A 166 -32.32 -29.21 -48.40
N LYS A 167 -32.41 -30.52 -48.69
CA LYS A 167 -33.48 -31.41 -48.17
CA LYS A 167 -33.48 -31.42 -48.19
C LYS A 167 -32.90 -32.42 -47.17
N ASP A 168 -33.60 -32.61 -46.05
CA ASP A 168 -33.45 -33.75 -45.09
C ASP A 168 -32.05 -33.79 -44.46
N TYR A 169 -31.69 -32.77 -43.70
CA TYR A 169 -30.42 -32.71 -42.93
C TYR A 169 -30.72 -32.58 -41.44
N PHE A 170 -29.75 -33.00 -40.62
CA PHE A 170 -29.73 -32.81 -39.15
C PHE A 170 -28.29 -32.85 -38.67
N PRO A 171 -27.85 -32.01 -37.70
CA PRO A 171 -28.66 -30.94 -37.13
C PRO A 171 -28.64 -29.70 -38.02
N GLU A 172 -29.17 -28.58 -37.53
CA GLU A 172 -28.85 -27.23 -38.06
C GLU A 172 -27.38 -26.94 -37.74
N PRO A 173 -26.69 -26.00 -38.43
CA PRO A 173 -27.23 -25.24 -39.56
C PRO A 173 -26.70 -25.68 -40.94
N VAL A 174 -27.38 -25.21 -41.98
CA VAL A 174 -26.92 -25.21 -43.40
C VAL A 174 -26.75 -23.75 -43.81
N THR A 175 -25.64 -23.44 -44.49
CA THR A 175 -25.38 -22.12 -45.14
C THR A 175 -25.49 -22.29 -46.66
N VAL A 176 -25.91 -21.23 -47.36
CA VAL A 176 -26.00 -21.21 -48.85
C VAL A 176 -25.41 -19.89 -49.34
N SER A 177 -24.35 -19.97 -50.16
CA SER A 177 -23.86 -18.87 -51.03
C SER A 177 -24.17 -19.21 -52.49
N TRP A 178 -24.07 -18.22 -53.38
CA TRP A 178 -24.25 -18.35 -54.85
C TRP A 178 -22.99 -17.82 -55.55
N ASN A 179 -22.39 -18.64 -56.43
CA ASN A 179 -21.13 -18.33 -57.16
C ASN A 179 -20.05 -17.93 -56.15
N SER A 180 -19.94 -18.68 -55.05
CA SER A 180 -18.91 -18.53 -53.99
C SER A 180 -18.97 -17.14 -53.36
N GLY A 181 -20.18 -16.57 -53.22
CA GLY A 181 -20.43 -15.29 -52.54
C GLY A 181 -20.36 -14.09 -53.46
N ALA A 182 -20.09 -14.29 -54.76
CA ALA A 182 -20.02 -13.23 -55.79
C ALA A 182 -21.43 -12.67 -56.06
N LEU A 183 -22.46 -13.52 -56.06
CA LEU A 183 -23.88 -13.17 -56.31
C LEU A 183 -24.58 -13.00 -54.95
N THR A 184 -25.09 -11.80 -54.66
CA THR A 184 -25.75 -11.44 -53.37
C THR A 184 -27.05 -10.67 -53.62
N SER A 185 -27.09 -9.73 -54.57
CA SER A 185 -28.34 -9.00 -54.95
C SER A 185 -29.37 -10.01 -55.44
N GLY A 186 -30.56 -10.01 -54.86
CA GLY A 186 -31.68 -10.91 -55.20
C GLY A 186 -31.65 -12.21 -54.40
N VAL A 187 -30.57 -12.48 -53.66
CA VAL A 187 -30.42 -13.73 -52.86
C VAL A 187 -31.31 -13.61 -51.63
N HIS A 188 -32.07 -14.67 -51.36
CA HIS A 188 -32.93 -14.85 -50.16
C HIS A 188 -32.90 -16.32 -49.75
N THR A 189 -32.17 -16.64 -48.67
CA THR A 189 -32.12 -17.99 -48.05
C THR A 189 -33.13 -18.00 -46.90
N PHE A 190 -34.10 -18.91 -46.97
CA PHE A 190 -35.26 -18.96 -46.05
C PHE A 190 -34.88 -19.75 -44.81
N PRO A 191 -35.41 -19.39 -43.61
CA PRO A 191 -35.29 -20.26 -42.44
C PRO A 191 -35.79 -21.68 -42.72
N ALA A 192 -35.10 -22.67 -42.15
CA ALA A 192 -35.37 -24.11 -42.35
C ALA A 192 -36.74 -24.46 -41.74
N VAL A 193 -37.48 -25.34 -42.41
CA VAL A 193 -38.65 -26.04 -41.84
C VAL A 193 -38.12 -27.25 -41.05
N LEU A 194 -38.62 -27.47 -39.83
CA LEU A 194 -38.46 -28.76 -39.10
C LEU A 194 -39.65 -29.64 -39.47
N GLN A 195 -39.38 -30.74 -40.17
CA GLN A 195 -40.42 -31.66 -40.70
C GLN A 195 -40.82 -32.64 -39.58
N SER A 196 -41.89 -33.40 -39.81
CA SER A 196 -42.44 -34.44 -38.88
C SER A 196 -41.40 -35.54 -38.64
N SER A 197 -40.50 -35.79 -39.61
CA SER A 197 -39.42 -36.81 -39.52
C SER A 197 -38.34 -36.41 -38.51
N GLY A 198 -38.28 -35.14 -38.10
CA GLY A 198 -37.22 -34.58 -37.23
C GLY A 198 -36.03 -34.04 -38.03
N LEU A 199 -36.05 -34.16 -39.36
CA LEU A 199 -35.02 -33.61 -40.28
C LEU A 199 -35.44 -32.20 -40.69
N TYR A 200 -34.47 -31.35 -41.04
CA TYR A 200 -34.70 -29.99 -41.58
C TYR A 200 -34.62 -30.01 -43.11
N SER A 201 -35.38 -29.14 -43.76
CA SER A 201 -35.22 -28.74 -45.17
C SER A 201 -35.27 -27.21 -45.26
N LEU A 202 -34.42 -26.58 -46.08
CA LEU A 202 -34.59 -25.16 -46.46
C LEU A 202 -34.47 -25.02 -47.99
N SER A 203 -34.75 -23.81 -48.45
CA SER A 203 -34.56 -23.36 -49.85
C SER A 203 -33.83 -22.01 -49.83
N SER A 204 -32.99 -21.81 -50.83
CA SER A 204 -32.35 -20.51 -51.16
C SER A 204 -32.76 -20.14 -52.58
N VAL A 205 -33.42 -18.99 -52.76
CA VAL A 205 -33.91 -18.49 -54.08
C VAL A 205 -33.11 -17.22 -54.43
N VAL A 206 -32.88 -16.99 -55.72
CA VAL A 206 -32.26 -15.74 -56.25
C VAL A 206 -33.11 -15.23 -57.41
N THR A 207 -33.44 -13.95 -57.38
CA THR A 207 -34.15 -13.20 -58.45
C THR A 207 -33.07 -12.63 -59.39
N VAL A 208 -33.19 -12.90 -60.69
CA VAL A 208 -32.20 -12.51 -61.73
C VAL A 208 -32.96 -12.10 -63.00
N PRO A 209 -32.33 -11.40 -63.96
CA PRO A 209 -33.00 -11.07 -65.23
C PRO A 209 -33.35 -12.33 -66.06
N SER A 210 -34.57 -12.36 -66.62
CA SER A 210 -35.08 -13.42 -67.53
C SER A 210 -34.18 -13.57 -68.76
N SER A 211 -33.76 -12.44 -69.34
CA SER A 211 -32.97 -12.33 -70.59
C SER A 211 -31.60 -13.03 -70.46
N SER A 212 -31.07 -13.16 -69.24
CA SER A 212 -29.70 -13.64 -68.93
C SER A 212 -29.66 -15.14 -68.58
N LEU A 213 -30.76 -15.89 -68.74
CA LEU A 213 -30.92 -17.25 -68.13
C LEU A 213 -30.06 -18.28 -68.86
N GLY A 214 -29.95 -18.19 -70.20
CA GLY A 214 -29.17 -19.13 -71.03
C GLY A 214 -27.67 -18.90 -70.93
N THR A 215 -27.27 -17.68 -70.54
CA THR A 215 -25.89 -17.14 -70.65
C THR A 215 -25.16 -17.25 -69.29
N GLN A 216 -25.82 -16.79 -68.22
CA GLN A 216 -25.27 -16.68 -66.85
C GLN A 216 -25.32 -18.05 -66.17
N THR A 217 -24.21 -18.43 -65.51
CA THR A 217 -24.10 -19.66 -64.69
C THR A 217 -24.44 -19.30 -63.24
N TYR A 218 -25.37 -20.05 -62.64
CA TYR A 218 -25.83 -19.92 -61.24
C TYR A 218 -25.55 -21.24 -60.54
N ILE A 219 -24.57 -21.22 -59.62
CA ILE A 219 -24.16 -22.37 -58.76
C ILE A 219 -24.46 -21.98 -57.31
N CYS A 220 -25.28 -22.76 -56.61
CA CYS A 220 -25.48 -22.67 -55.14
C CYS A 220 -24.41 -23.53 -54.46
N ASN A 221 -23.78 -22.99 -53.41
CA ASN A 221 -22.70 -23.65 -52.62
C ASN A 221 -23.28 -23.94 -51.24
N VAL A 222 -23.67 -25.19 -51.00
CA VAL A 222 -24.32 -25.64 -49.73
C VAL A 222 -23.23 -26.19 -48.82
N ASN A 223 -23.16 -25.66 -47.60
CA ASN A 223 -22.26 -26.19 -46.53
C ASN A 223 -23.16 -26.67 -45.39
N HIS A 224 -23.10 -27.96 -45.09
CA HIS A 224 -23.57 -28.59 -43.83
C HIS A 224 -22.32 -29.06 -43.07
N LYS A 225 -21.75 -28.20 -42.21
CA LYS A 225 -20.47 -28.46 -41.50
CA LYS A 225 -20.48 -28.47 -41.51
C LYS A 225 -20.63 -29.64 -40.55
N PRO A 226 -21.76 -29.78 -39.81
CA PRO A 226 -21.96 -30.92 -38.92
C PRO A 226 -21.78 -32.32 -39.55
N SER A 227 -22.08 -32.47 -40.84
CA SER A 227 -21.95 -33.73 -41.62
C SER A 227 -20.72 -33.69 -42.54
N ASN A 228 -19.94 -32.60 -42.51
CA ASN A 228 -18.83 -32.28 -43.45
C ASN A 228 -19.27 -32.56 -44.88
N THR A 229 -20.44 -32.03 -45.28
CA THR A 229 -21.03 -32.10 -46.64
C THR A 229 -20.92 -30.71 -47.28
N LYS A 230 -20.09 -30.57 -48.32
CA LYS A 230 -20.01 -29.40 -49.22
C LYS A 230 -20.46 -29.84 -50.61
N VAL A 231 -21.65 -29.41 -51.03
CA VAL A 231 -22.23 -29.70 -52.38
C VAL A 231 -22.34 -28.38 -53.14
N ASP A 232 -21.90 -28.38 -54.41
CA ASP A 232 -22.20 -27.33 -55.42
C ASP A 232 -23.22 -27.91 -56.39
N LYS A 233 -24.29 -27.16 -56.69
CA LYS A 233 -25.32 -27.56 -57.68
C LYS A 233 -25.51 -26.41 -58.67
N LYS A 234 -25.17 -26.65 -59.94
CA LYS A 234 -25.51 -25.74 -61.07
C LYS A 234 -27.03 -25.76 -61.26
N VAL A 235 -27.66 -24.59 -61.34
CA VAL A 235 -29.12 -24.42 -61.56
C VAL A 235 -29.34 -23.91 -62.99
N GLU A 236 -29.60 -24.82 -63.93
CA GLU A 236 -29.84 -24.53 -65.36
C GLU A 236 -31.33 -24.34 -65.59
N PRO A 237 -31.76 -23.69 -66.70
CA PRO A 237 -33.17 -23.71 -67.10
C PRO A 237 -33.66 -25.12 -67.45
N LYS A 238 -34.96 -25.24 -67.72
CA LYS A 238 -35.69 -26.53 -67.88
C LYS A 238 -35.39 -27.11 -69.27
N SER A 239 -35.46 -28.44 -69.41
CA SER A 239 -35.23 -29.18 -70.69
C SER A 239 -36.30 -28.85 -71.73
N CYS A 240 -37.49 -28.42 -71.29
CA CYS A 240 -38.61 -27.95 -72.17
C CYS A 240 -38.38 -26.50 -72.64
N ASP A 241 -37.38 -25.80 -72.10
CA ASP A 241 -37.15 -24.33 -72.31
C ASP A 241 -36.38 -24.09 -73.62
N LYS A 242 -36.84 -23.11 -74.40
CA LYS A 242 -36.08 -22.43 -75.50
C LYS A 242 -35.99 -20.94 -75.15
N THR A 243 -34.77 -20.37 -75.21
CA THR A 243 -34.42 -19.01 -74.69
C THR A 243 -35.32 -17.95 -75.34
N SER B 21 -28.10 -15.12 -11.81
CA SER B 21 -29.45 -14.50 -12.12
C SER B 21 -29.41 -13.82 -13.50
N VAL B 22 -30.36 -12.92 -13.77
CA VAL B 22 -30.50 -12.15 -15.03
C VAL B 22 -30.95 -10.72 -14.67
N LEU B 23 -30.35 -9.69 -15.27
CA LEU B 23 -30.80 -8.27 -15.13
C LEU B 23 -32.21 -8.17 -15.73
N THR B 24 -33.12 -7.47 -15.06
CA THR B 24 -34.57 -7.45 -15.44
C THR B 24 -34.79 -6.33 -16.47
N GLN B 25 -35.11 -6.73 -17.72
CA GLN B 25 -35.55 -5.85 -18.82
C GLN B 25 -37.03 -6.09 -19.11
N PRO B 26 -37.79 -5.12 -19.67
CA PRO B 26 -39.15 -5.39 -20.12
C PRO B 26 -39.09 -6.32 -21.33
N PRO B 27 -39.87 -7.44 -21.38
CA PRO B 27 -39.79 -8.39 -22.49
C PRO B 27 -40.13 -7.74 -23.85
N SER B 28 -40.89 -6.65 -23.84
CA SER B 28 -41.39 -5.97 -25.07
C SER B 28 -41.60 -4.47 -24.79
N VAL B 29 -41.18 -3.62 -25.74
CA VAL B 29 -41.50 -2.17 -25.77
CA VAL B 29 -41.48 -2.16 -25.78
C VAL B 29 -41.93 -1.81 -27.20
N SER B 30 -42.94 -0.95 -27.34
CA SER B 30 -43.48 -0.49 -28.65
C SER B 30 -43.50 1.03 -28.73
N GLY B 31 -43.45 1.56 -29.95
CA GLY B 31 -43.35 3.00 -30.22
C GLY B 31 -43.82 3.36 -31.62
N ALA B 32 -44.29 4.61 -31.79
CA ALA B 32 -44.69 5.20 -33.08
C ALA B 32 -43.47 5.85 -33.72
N PRO B 33 -43.37 5.92 -35.08
CA PRO B 33 -42.25 6.59 -35.74
C PRO B 33 -42.06 8.04 -35.27
N GLY B 34 -40.80 8.43 -35.04
CA GLY B 34 -40.42 9.80 -34.65
C GLY B 34 -40.52 10.05 -33.15
N GLN B 35 -41.01 9.09 -32.37
CA GLN B 35 -41.24 9.26 -30.90
C GLN B 35 -39.97 8.84 -30.15
N ARG B 36 -39.86 9.24 -28.88
CA ARG B 36 -38.82 8.81 -27.93
C ARG B 36 -39.33 7.58 -27.19
N VAL B 37 -38.49 6.56 -27.06
CA VAL B 37 -38.80 5.28 -26.35
C VAL B 37 -37.65 4.99 -25.39
N THR B 38 -37.90 4.29 -24.28
CA THR B 38 -36.87 3.90 -23.28
C THR B 38 -36.99 2.41 -22.96
N ILE B 39 -35.84 1.78 -22.70
CA ILE B 39 -35.72 0.35 -22.27
C ILE B 39 -34.95 0.33 -20.95
N SER B 40 -35.61 -0.08 -19.87
CA SER B 40 -35.05 -0.14 -18.50
C SER B 40 -34.23 -1.44 -18.35
N CYS B 41 -33.32 -1.45 -17.37
CA CYS B 41 -32.44 -2.58 -17.02
C CYS B 41 -32.19 -2.53 -15.51
N ALA B 42 -33.02 -3.23 -14.73
CA ALA B 42 -32.97 -3.24 -13.25
C ALA B 42 -31.92 -4.27 -12.81
N GLY B 43 -30.89 -3.82 -12.10
CA GLY B 43 -29.80 -4.65 -11.56
C GLY B 43 -29.72 -4.56 -10.05
N THR B 44 -28.50 -4.54 -9.50
CA THR B 44 -28.21 -4.65 -8.05
C THR B 44 -26.98 -3.78 -7.70
N SER B 45 -26.68 -3.71 -6.40
CA SER B 45 -25.47 -3.08 -5.80
C SER B 45 -24.19 -3.79 -6.28
N SER B 46 -24.27 -5.09 -6.58
CA SER B 46 -23.12 -5.93 -7.04
C SER B 46 -22.77 -5.68 -8.52
N ASP B 47 -23.67 -5.08 -9.31
CA ASP B 47 -23.47 -4.89 -10.78
C ASP B 47 -23.65 -3.41 -11.17
N ILE B 48 -24.87 -2.96 -11.50
CA ILE B 48 -25.15 -1.59 -12.03
C ILE B 48 -24.95 -0.56 -10.90
N GLY B 49 -25.35 -0.90 -9.66
CA GLY B 49 -25.24 -0.04 -8.46
C GLY B 49 -23.78 0.26 -8.10
N GLY B 50 -23.41 1.54 -8.10
CA GLY B 50 -22.07 2.02 -7.70
C GLY B 50 -20.96 1.61 -8.67
N ARG B 51 -21.30 1.31 -9.93
CA ARG B 51 -20.34 1.07 -11.04
C ARG B 51 -20.92 1.65 -12.34
N THR B 52 -20.08 1.76 -13.37
CA THR B 52 -20.41 2.39 -14.68
C THR B 52 -20.12 1.42 -15.83
N TYR B 53 -20.07 0.11 -15.59
CA TYR B 53 -19.68 -0.91 -16.60
C TYR B 53 -20.94 -1.54 -17.20
N VAL B 54 -21.91 -0.71 -17.57
CA VAL B 54 -23.18 -1.12 -18.22
C VAL B 54 -23.02 -0.89 -19.72
N SER B 55 -23.35 -1.90 -20.52
CA SER B 55 -23.29 -1.84 -22.01
C SER B 55 -24.64 -2.26 -22.60
N TRP B 56 -24.95 -1.75 -23.79
CA TRP B 56 -26.19 -2.08 -24.55
C TRP B 56 -25.82 -2.66 -25.91
N TYR B 57 -26.52 -3.70 -26.34
CA TYR B 57 -26.31 -4.39 -27.64
C TYR B 57 -27.59 -4.37 -28.45
N GLN B 58 -27.47 -4.25 -29.77
CA GLN B 58 -28.57 -4.42 -30.75
C GLN B 58 -28.36 -5.76 -31.45
N GLN B 59 -29.41 -6.60 -31.49
CA GLN B 59 -29.43 -7.87 -32.27
C GLN B 59 -30.58 -7.80 -33.29
N LEU B 60 -30.24 -7.59 -34.56
CA LEU B 60 -31.17 -7.77 -35.72
C LEU B 60 -31.37 -9.27 -35.92
N PRO B 61 -32.45 -9.73 -36.61
CA PRO B 61 -32.68 -11.15 -36.81
C PRO B 61 -31.55 -11.85 -37.58
N GLY B 62 -31.14 -13.04 -37.11
CA GLY B 62 -30.13 -13.92 -37.73
C GLY B 62 -28.74 -13.30 -37.81
N THR B 63 -28.43 -12.30 -36.98
CA THR B 63 -27.10 -11.61 -36.92
C THR B 63 -26.60 -11.61 -35.47
N ALA B 64 -25.28 -11.55 -35.29
CA ALA B 64 -24.61 -11.44 -33.97
C ALA B 64 -24.96 -10.10 -33.33
N PRO B 65 -24.94 -9.99 -31.98
CA PRO B 65 -25.15 -8.71 -31.31
C PRO B 65 -24.10 -7.66 -31.72
N LYS B 66 -24.50 -6.39 -31.69
CA LYS B 66 -23.65 -5.21 -32.00
C LYS B 66 -23.70 -4.28 -30.78
N LEU B 67 -22.55 -3.91 -30.22
CA LEU B 67 -22.43 -2.93 -29.11
C LEU B 67 -22.96 -1.58 -29.61
N LEU B 68 -23.95 -1.01 -28.91
CA LEU B 68 -24.45 0.37 -29.14
C LEU B 68 -23.76 1.32 -28.15
N ILE B 69 -23.91 1.04 -26.86
CA ILE B 69 -23.47 1.90 -25.72
C ILE B 69 -22.57 1.07 -24.81
N TYR B 70 -21.45 1.64 -24.35
CA TYR B 70 -20.61 1.12 -23.25
C TYR B 70 -20.40 2.24 -22.23
N LYS B 71 -19.98 1.89 -21.02
CA LYS B 71 -19.64 2.85 -19.93
C LYS B 71 -20.88 3.70 -19.60
N VAL B 72 -22.06 3.08 -19.55
CA VAL B 72 -23.38 3.73 -19.27
C VAL B 72 -23.80 4.62 -20.45
N THR B 73 -22.96 5.60 -20.83
CA THR B 73 -23.33 6.75 -21.70
C THR B 73 -22.60 6.72 -23.06
N ILE B 74 -21.44 6.07 -23.17
CA ILE B 74 -20.51 6.24 -24.33
C ILE B 74 -21.06 5.42 -25.51
N ARG B 75 -21.17 6.09 -26.66
CA ARG B 75 -21.80 5.55 -27.88
C ARG B 75 -20.70 4.95 -28.77
N ALA B 76 -20.84 3.67 -29.15
CA ALA B 76 -19.90 2.95 -30.03
C ALA B 76 -19.76 3.67 -31.38
N SER B 77 -18.72 3.33 -32.14
CA SER B 77 -18.41 3.88 -33.49
C SER B 77 -19.61 3.65 -34.41
N GLY B 78 -20.04 4.70 -35.13
CA GLY B 78 -21.11 4.62 -36.16
C GLY B 78 -22.50 4.79 -35.58
N VAL B 79 -22.70 4.58 -34.27
CA VAL B 79 -24.03 4.56 -33.60
C VAL B 79 -24.53 6.00 -33.52
N PRO B 80 -25.71 6.33 -34.12
CA PRO B 80 -26.22 7.70 -34.11
C PRO B 80 -26.65 8.16 -32.71
N ASP B 81 -26.53 9.47 -32.44
CA ASP B 81 -26.82 10.12 -31.14
C ASP B 81 -28.31 10.03 -30.78
N ARG B 82 -29.17 9.58 -31.70
CA ARG B 82 -30.56 9.12 -31.42
C ARG B 82 -30.55 8.15 -30.22
N PHE B 83 -29.54 7.28 -30.15
CA PHE B 83 -29.28 6.34 -29.03
C PHE B 83 -28.53 7.09 -27.92
N SER B 84 -29.02 7.02 -26.69
CA SER B 84 -28.37 7.55 -25.47
C SER B 84 -28.61 6.59 -24.31
N GLY B 85 -27.65 6.56 -23.37
CA GLY B 85 -27.67 5.69 -22.19
C GLY B 85 -27.60 6.53 -20.93
N SER B 86 -28.20 6.02 -19.85
CA SER B 86 -28.16 6.67 -18.51
C SER B 86 -28.27 5.61 -17.41
N LYS B 87 -27.98 6.02 -16.18
CA LYS B 87 -27.96 5.18 -14.97
C LYS B 87 -28.62 5.99 -13.85
N SER B 88 -29.34 5.31 -12.96
CA SER B 88 -29.86 5.86 -11.68
C SER B 88 -29.91 4.74 -10.65
N GLY B 89 -29.02 4.78 -9.66
CA GLY B 89 -28.86 3.73 -8.63
C GLY B 89 -28.55 2.39 -9.26
N THR B 90 -29.45 1.42 -9.11
CA THR B 90 -29.26 -0.01 -9.45
C THR B 90 -30.03 -0.37 -10.74
N SER B 91 -30.25 0.60 -11.63
CA SER B 91 -30.94 0.37 -12.93
C SER B 91 -30.45 1.36 -13.98
N ALA B 92 -30.33 0.89 -15.23
CA ALA B 92 -29.89 1.68 -16.41
C ALA B 92 -31.02 1.72 -17.45
N SER B 93 -31.00 2.73 -18.31
CA SER B 93 -32.00 2.96 -19.38
C SER B 93 -31.27 3.29 -20.68
N LEU B 94 -31.59 2.55 -21.74
CA LEU B 94 -31.30 2.95 -23.14
C LEU B 94 -32.49 3.80 -23.58
N ALA B 95 -32.22 4.93 -24.25
CA ALA B 95 -33.22 5.87 -24.77
C ALA B 95 -33.00 6.03 -26.28
N ILE B 96 -34.06 5.84 -27.07
CA ILE B 96 -34.05 6.02 -28.55
C ILE B 96 -35.05 7.12 -28.90
N THR B 97 -34.58 8.24 -29.45
CA THR B 97 -35.39 9.34 -30.03
C THR B 97 -35.44 9.17 -31.54
N GLY B 98 -36.32 9.93 -32.21
CA GLY B 98 -36.60 9.84 -33.65
C GLY B 98 -36.73 8.40 -34.09
N LEU B 99 -37.59 7.64 -33.42
CA LEU B 99 -37.71 6.16 -33.59
C LEU B 99 -38.09 5.84 -35.03
N GLN B 100 -37.42 4.85 -35.62
CA GLN B 100 -37.53 4.47 -37.05
C GLN B 100 -37.75 2.96 -37.17
N ALA B 101 -38.39 2.53 -38.25
CA ALA B 101 -38.72 1.11 -38.55
C ALA B 101 -37.47 0.24 -38.45
N GLU B 102 -36.31 0.75 -38.87
CA GLU B 102 -35.02 0.01 -38.93
C GLU B 102 -34.39 -0.08 -37.52
N ASP B 103 -35.02 0.49 -36.48
CA ASP B 103 -34.65 0.26 -35.06
C ASP B 103 -35.33 -1.00 -34.50
N GLU B 104 -36.19 -1.68 -35.28
CA GLU B 104 -36.85 -2.92 -34.81
C GLU B 104 -35.80 -4.02 -34.65
N ALA B 105 -35.60 -4.48 -33.43
CA ALA B 105 -34.50 -5.40 -33.04
C ALA B 105 -34.70 -5.84 -31.59
N ASP B 106 -33.91 -6.83 -31.15
CA ASP B 106 -33.79 -7.21 -29.73
C ASP B 106 -32.63 -6.42 -29.13
N TYR B 107 -32.87 -5.74 -28.02
CA TYR B 107 -31.88 -4.92 -27.27
C TYR B 107 -31.57 -5.61 -25.94
N TYR B 108 -30.29 -5.89 -25.69
CA TYR B 108 -29.77 -6.45 -24.42
C TYR B 108 -28.90 -5.39 -23.74
N CYS B 109 -29.15 -5.14 -22.45
CA CYS B 109 -28.18 -4.52 -21.51
C CYS B 109 -27.29 -5.63 -20.94
N ALA B 110 -26.05 -5.29 -20.59
CA ALA B 110 -25.14 -6.16 -19.80
C ALA B 110 -24.43 -5.29 -18.76
N SER B 111 -23.96 -5.92 -17.68
CA SER B 111 -23.09 -5.29 -16.65
C SER B 111 -22.06 -6.29 -16.11
N HIS B 112 -20.89 -5.78 -15.76
CA HIS B 112 -19.90 -6.46 -14.88
C HIS B 112 -20.53 -6.62 -13.49
N ARG B 113 -20.57 -7.85 -12.97
CA ARG B 113 -20.97 -8.17 -11.57
C ARG B 113 -19.68 -8.39 -10.75
N SER B 114 -19.78 -8.37 -9.42
CA SER B 114 -18.65 -8.49 -8.46
C SER B 114 -18.01 -9.89 -8.52
N ASN B 115 -18.72 -10.89 -9.06
CA ASN B 115 -18.21 -12.28 -9.30
C ASN B 115 -16.99 -12.29 -10.23
N ASN B 116 -16.77 -11.23 -11.02
CA ASN B 116 -16.04 -11.23 -12.32
C ASN B 116 -16.87 -12.04 -13.33
N ASN B 117 -18.20 -11.95 -13.21
CA ASN B 117 -19.19 -12.37 -14.22
C ASN B 117 -19.54 -11.14 -15.06
N ILE B 118 -19.97 -11.37 -16.30
CA ILE B 118 -20.71 -10.34 -17.11
C ILE B 118 -22.15 -10.85 -17.20
N VAL B 119 -23.10 -10.08 -16.65
CA VAL B 119 -24.53 -10.47 -16.52
C VAL B 119 -25.32 -9.73 -17.62
N PHE B 120 -26.06 -10.48 -18.44
CA PHE B 120 -26.97 -9.96 -19.50
C PHE B 120 -28.36 -9.79 -18.91
N GLY B 121 -29.12 -8.82 -19.43
CA GLY B 121 -30.58 -8.73 -19.21
C GLY B 121 -31.33 -9.76 -20.05
N GLY B 122 -32.62 -9.95 -19.76
CA GLY B 122 -33.49 -10.94 -20.42
C GLY B 122 -33.74 -10.60 -21.89
N GLY B 123 -33.41 -9.38 -22.32
CA GLY B 123 -33.62 -8.89 -23.70
C GLY B 123 -34.98 -8.24 -23.86
N THR B 124 -35.08 -7.22 -24.72
CA THR B 124 -36.32 -6.48 -25.03
C THR B 124 -36.51 -6.43 -26.55
N LYS B 125 -37.67 -6.93 -27.03
CA LYS B 125 -38.10 -6.81 -28.45
C LYS B 125 -38.69 -5.41 -28.64
N LEU B 126 -38.11 -4.61 -29.53
CA LEU B 126 -38.61 -3.25 -29.89
C LEU B 126 -39.45 -3.36 -31.18
N THR B 127 -40.76 -3.07 -31.09
CA THR B 127 -41.73 -3.01 -32.22
C THR B 127 -42.00 -1.54 -32.54
N VAL B 128 -42.10 -1.20 -33.82
CA VAL B 128 -42.43 0.17 -34.32
C VAL B 128 -43.80 0.11 -34.99
N LEU B 129 -44.75 0.93 -34.53
CA LEU B 129 -46.19 0.85 -34.90
C LEU B 129 -46.44 1.51 -36.27
N GLY B 130 -47.62 1.26 -36.83
CA GLY B 130 -48.18 1.97 -38.00
C GLY B 130 -47.36 1.78 -39.28
N GLN B 131 -46.67 0.65 -39.42
CA GLN B 131 -45.97 0.28 -40.68
C GLN B 131 -47.01 -0.21 -41.68
N PRO B 132 -46.90 0.13 -42.98
CA PRO B 132 -47.94 -0.20 -43.94
C PRO B 132 -48.03 -1.72 -44.19
N LYS B 133 -49.23 -2.22 -44.53
CA LYS B 133 -49.44 -3.64 -44.89
C LYS B 133 -48.79 -3.88 -46.26
N ALA B 134 -48.07 -5.00 -46.41
CA ALA B 134 -47.41 -5.44 -47.65
C ALA B 134 -47.87 -6.85 -48.00
N ALA B 135 -48.37 -7.06 -49.23
CA ALA B 135 -48.87 -8.36 -49.73
C ALA B 135 -47.68 -9.28 -49.97
N PRO B 136 -47.81 -10.60 -49.70
CA PRO B 136 -46.69 -11.53 -49.86
C PRO B 136 -46.38 -11.76 -51.35
N SER B 137 -45.10 -11.78 -51.69
CA SER B 137 -44.59 -12.33 -52.96
C SER B 137 -44.56 -13.85 -52.81
N VAL B 138 -45.19 -14.58 -53.74
CA VAL B 138 -45.33 -16.07 -53.69
C VAL B 138 -44.68 -16.66 -54.94
N THR B 139 -43.80 -17.65 -54.75
CA THR B 139 -43.13 -18.43 -55.83
C THR B 139 -43.33 -19.92 -55.53
N LEU B 140 -43.98 -20.65 -56.45
CA LEU B 140 -44.18 -22.11 -56.34
C LEU B 140 -43.26 -22.84 -57.31
N PHE B 141 -42.43 -23.76 -56.81
CA PHE B 141 -41.50 -24.60 -57.59
C PHE B 141 -42.03 -26.03 -57.61
N PRO B 142 -42.10 -26.69 -58.78
CA PRO B 142 -42.49 -28.10 -58.86
C PRO B 142 -41.28 -28.98 -58.54
N PRO B 143 -41.44 -30.30 -58.37
CA PRO B 143 -40.31 -31.18 -58.09
C PRO B 143 -39.30 -31.12 -59.24
N SER B 144 -38.02 -31.13 -58.91
CA SER B 144 -36.90 -31.17 -59.89
CA SER B 144 -36.90 -31.17 -59.89
C SER B 144 -36.85 -32.57 -60.50
N SER B 145 -36.39 -32.66 -61.76
CA SER B 145 -36.06 -33.95 -62.43
CA SER B 145 -36.07 -33.95 -62.42
C SER B 145 -35.16 -34.77 -61.50
N GLU B 146 -34.14 -34.12 -60.94
CA GLU B 146 -33.10 -34.72 -60.07
C GLU B 146 -33.77 -35.44 -58.89
N GLU B 147 -34.76 -34.78 -58.25
CA GLU B 147 -35.49 -35.32 -57.07
C GLU B 147 -36.38 -36.50 -57.50
N LEU B 148 -37.14 -36.35 -58.60
CA LEU B 148 -38.01 -37.41 -59.18
C LEU B 148 -37.17 -38.64 -59.55
N GLN B 149 -35.95 -38.45 -60.07
CA GLN B 149 -34.99 -39.53 -60.40
C GLN B 149 -34.53 -40.25 -59.12
N ALA B 150 -34.60 -39.59 -57.96
CA ALA B 150 -34.30 -40.16 -56.62
C ALA B 150 -35.58 -40.67 -55.94
N ASN B 151 -36.70 -40.77 -56.67
CA ASN B 151 -37.99 -41.37 -56.20
C ASN B 151 -38.56 -40.56 -55.02
N LYS B 152 -38.37 -39.24 -55.03
CA LYS B 152 -39.00 -38.29 -54.09
C LYS B 152 -39.62 -37.15 -54.91
N ALA B 153 -40.40 -36.28 -54.28
CA ALA B 153 -41.07 -35.14 -54.95
C ALA B 153 -41.51 -34.10 -53.91
N THR B 154 -41.03 -32.87 -54.05
CA THR B 154 -41.30 -31.73 -53.13
C THR B 154 -41.73 -30.53 -53.96
N LEU B 155 -42.91 -29.99 -53.67
CA LEU B 155 -43.37 -28.65 -54.14
C LEU B 155 -42.93 -27.63 -53.09
N VAL B 156 -42.29 -26.55 -53.54
CA VAL B 156 -41.68 -25.53 -52.64
C VAL B 156 -42.40 -24.20 -52.91
N CYS B 157 -43.14 -23.72 -51.91
CA CYS B 157 -43.90 -22.45 -51.91
C CYS B 157 -43.17 -21.44 -51.01
N LEU B 158 -42.57 -20.41 -51.62
CA LEU B 158 -41.69 -19.42 -50.95
C LEU B 158 -42.46 -18.09 -50.88
N ILE B 159 -42.61 -17.59 -49.64
CA ILE B 159 -43.48 -16.43 -49.29
C ILE B 159 -42.60 -15.39 -48.61
N SER B 160 -42.48 -14.20 -49.21
CA SER B 160 -41.55 -13.13 -48.77
C SER B 160 -42.24 -11.76 -48.81
N ASP B 161 -41.66 -10.82 -48.07
CA ASP B 161 -41.92 -9.35 -48.14
C ASP B 161 -43.37 -9.07 -47.79
N PHE B 162 -43.91 -9.72 -46.75
CA PHE B 162 -45.29 -9.48 -46.24
C PHE B 162 -45.24 -8.85 -44.84
N TYR B 163 -46.25 -8.02 -44.55
CA TYR B 163 -46.48 -7.36 -43.26
C TYR B 163 -47.98 -7.13 -43.08
N PRO B 164 -48.58 -7.34 -41.88
CA PRO B 164 -47.90 -7.96 -40.73
C PRO B 164 -47.60 -9.46 -40.94
N GLY B 165 -46.88 -10.06 -39.98
CA GLY B 165 -46.28 -11.41 -40.10
C GLY B 165 -47.24 -12.53 -39.74
N ALA B 166 -48.34 -12.65 -40.47
CA ALA B 166 -49.32 -13.76 -40.37
C ALA B 166 -49.82 -14.12 -41.76
N VAL B 167 -49.76 -15.41 -42.12
CA VAL B 167 -50.34 -16.00 -43.36
C VAL B 167 -50.90 -17.37 -43.02
N THR B 168 -51.93 -17.80 -43.76
CA THR B 168 -52.39 -19.21 -43.81
C THR B 168 -52.05 -19.75 -45.20
N VAL B 169 -51.51 -20.96 -45.26
CA VAL B 169 -51.16 -21.69 -46.52
C VAL B 169 -52.13 -22.86 -46.66
N ALA B 170 -52.86 -22.89 -47.78
CA ALA B 170 -53.69 -24.03 -48.23
C ALA B 170 -53.08 -24.59 -49.51
N TRP B 171 -52.98 -25.91 -49.60
CA TRP B 171 -52.52 -26.66 -50.81
C TRP B 171 -53.72 -27.31 -51.50
N LYS B 172 -53.66 -27.46 -52.82
CA LYS B 172 -54.69 -28.16 -53.62
C LYS B 172 -54.00 -29.13 -54.57
N ALA B 173 -54.64 -30.29 -54.79
CA ALA B 173 -54.38 -31.24 -55.88
C ALA B 173 -55.63 -31.24 -56.77
N ASP B 174 -55.49 -30.74 -58.01
CA ASP B 174 -56.63 -30.37 -58.89
C ASP B 174 -57.45 -29.31 -58.14
N SER B 175 -58.75 -29.53 -57.93
CA SER B 175 -59.65 -28.61 -57.17
C SER B 175 -59.72 -29.03 -55.69
N SER B 176 -59.19 -30.19 -55.33
CA SER B 176 -59.36 -30.83 -54.00
C SER B 176 -58.30 -30.31 -53.03
N PRO B 177 -58.67 -29.85 -51.81
CA PRO B 177 -57.70 -29.53 -50.77
C PRO B 177 -56.80 -30.72 -50.39
N VAL B 178 -55.53 -30.45 -50.11
CA VAL B 178 -54.53 -31.41 -49.56
C VAL B 178 -53.94 -30.77 -48.30
N LYS B 179 -53.89 -31.52 -47.19
CA LYS B 179 -53.29 -31.10 -45.90
C LYS B 179 -52.14 -32.03 -45.50
N ALA B 180 -52.18 -33.30 -45.92
CA ALA B 180 -51.15 -34.33 -45.62
C ALA B 180 -49.89 -34.04 -46.42
N GLY B 181 -48.72 -34.14 -45.79
CA GLY B 181 -47.41 -33.86 -46.40
C GLY B 181 -47.10 -32.37 -46.47
N VAL B 182 -47.86 -31.54 -45.76
CA VAL B 182 -47.65 -30.06 -45.67
C VAL B 182 -46.77 -29.77 -44.45
N GLU B 183 -45.65 -29.08 -44.67
CA GLU B 183 -44.76 -28.55 -43.60
C GLU B 183 -44.61 -27.05 -43.85
N THR B 184 -45.15 -26.20 -42.97
CA THR B 184 -45.10 -24.72 -43.10
C THR B 184 -44.33 -24.14 -41.92
N THR B 185 -43.44 -23.18 -42.20
CA THR B 185 -42.65 -22.45 -41.18
C THR B 185 -43.51 -21.36 -40.56
N THR B 186 -43.24 -21.02 -39.30
CA THR B 186 -43.75 -19.79 -38.64
C THR B 186 -43.09 -18.61 -39.36
N PRO B 187 -43.81 -17.50 -39.64
CA PRO B 187 -43.19 -16.34 -40.29
C PRO B 187 -42.00 -15.82 -39.48
N SER B 188 -40.97 -15.32 -40.16
CA SER B 188 -39.70 -14.86 -39.58
C SER B 188 -39.33 -13.50 -40.17
N LYS B 189 -38.71 -12.64 -39.35
CA LYS B 189 -38.41 -11.22 -39.66
C LYS B 189 -37.26 -11.16 -40.68
N GLN B 190 -37.50 -10.52 -41.82
CA GLN B 190 -36.45 -10.24 -42.85
C GLN B 190 -35.62 -9.02 -42.42
N SER B 191 -34.52 -8.77 -43.13
CA SER B 191 -33.61 -7.60 -42.94
C SER B 191 -34.35 -6.27 -43.18
N ASN B 192 -35.44 -6.26 -43.96
CA ASN B 192 -36.20 -5.03 -44.35
C ASN B 192 -37.50 -4.88 -43.53
N ASN B 193 -37.61 -5.55 -42.37
CA ASN B 193 -38.72 -5.45 -41.38
C ASN B 193 -39.97 -6.23 -41.82
N LYS B 194 -40.07 -6.68 -43.08
CA LYS B 194 -41.18 -7.55 -43.57
C LYS B 194 -40.84 -9.00 -43.18
N TYR B 195 -41.73 -9.94 -43.46
CA TYR B 195 -41.64 -11.35 -43.00
C TYR B 195 -41.50 -12.30 -44.19
N ALA B 196 -40.79 -13.41 -43.95
CA ALA B 196 -40.63 -14.55 -44.90
C ALA B 196 -41.19 -15.81 -44.24
N ALA B 197 -41.75 -16.70 -45.05
CA ALA B 197 -42.10 -18.09 -44.67
C ALA B 197 -42.08 -18.98 -45.92
N SER B 198 -41.93 -20.29 -45.69
CA SER B 198 -41.90 -21.32 -46.76
C SER B 198 -42.90 -22.41 -46.40
N SER B 199 -43.45 -23.08 -47.42
CA SER B 199 -44.33 -24.27 -47.26
C SER B 199 -43.92 -25.31 -48.30
N TYR B 200 -43.98 -26.59 -47.91
CA TYR B 200 -43.47 -27.75 -48.69
C TYR B 200 -44.58 -28.81 -48.76
N LEU B 201 -44.91 -29.30 -49.96
CA LEU B 201 -45.83 -30.45 -50.15
C LEU B 201 -45.00 -31.66 -50.58
N SER B 202 -44.78 -32.61 -49.67
CA SER B 202 -44.20 -33.94 -49.97
C SER B 202 -45.23 -34.77 -50.74
N LEU B 203 -44.87 -35.16 -51.97
CA LEU B 203 -45.62 -36.14 -52.80
C LEU B 203 -44.67 -37.29 -53.15
N THR B 204 -45.22 -38.37 -53.70
CA THR B 204 -44.44 -39.39 -54.44
C THR B 204 -44.40 -38.95 -55.89
N PRO B 205 -43.39 -39.35 -56.70
CA PRO B 205 -43.41 -39.09 -58.13
C PRO B 205 -44.73 -39.49 -58.80
N GLU B 206 -45.28 -40.64 -58.39
CA GLU B 206 -46.51 -41.23 -58.99
C GLU B 206 -47.72 -40.33 -58.71
N GLN B 207 -47.82 -39.77 -57.50
CA GLN B 207 -48.86 -38.79 -57.11
C GLN B 207 -48.72 -37.53 -57.97
N TRP B 208 -47.51 -36.98 -58.06
CA TRP B 208 -47.18 -35.77 -58.85
C TRP B 208 -47.73 -35.92 -60.28
N LYS B 209 -47.36 -37.02 -60.96
CA LYS B 209 -47.68 -37.28 -62.39
C LYS B 209 -49.20 -37.46 -62.60
N SER B 210 -49.91 -38.01 -61.62
CA SER B 210 -51.31 -38.49 -61.77
C SER B 210 -52.36 -37.47 -61.29
N HIS B 211 -52.02 -36.17 -61.25
CA HIS B 211 -53.00 -35.05 -61.14
C HIS B 211 -52.68 -33.97 -62.19
N ARG B 212 -53.71 -33.27 -62.65
CA ARG B 212 -53.61 -32.21 -63.69
C ARG B 212 -52.72 -31.07 -63.19
N SER B 213 -52.85 -30.69 -61.92
CA SER B 213 -52.12 -29.54 -61.30
C SER B 213 -52.05 -29.66 -59.77
N TYR B 214 -51.20 -28.84 -59.17
CA TYR B 214 -51.13 -28.57 -57.71
C TYR B 214 -51.03 -27.06 -57.49
N SER B 215 -51.71 -26.53 -56.47
CA SER B 215 -51.75 -25.09 -56.15
C SER B 215 -51.31 -24.84 -54.71
N CYS B 216 -50.65 -23.70 -54.48
CA CYS B 216 -50.28 -23.14 -53.16
C CYS B 216 -50.99 -21.79 -53.02
N GLN B 217 -51.96 -21.72 -52.11
CA GLN B 217 -52.78 -20.50 -51.85
C GLN B 217 -52.30 -19.87 -50.54
N VAL B 218 -51.84 -18.63 -50.58
CA VAL B 218 -51.33 -17.87 -49.39
C VAL B 218 -52.33 -16.74 -49.09
N THR B 219 -53.13 -16.91 -48.05
CA THR B 219 -54.06 -15.86 -47.55
C THR B 219 -53.30 -14.95 -46.59
N HIS B 220 -53.30 -13.64 -46.88
CA HIS B 220 -52.68 -12.57 -46.06
C HIS B 220 -53.70 -11.45 -45.85
N GLU B 221 -54.15 -11.24 -44.62
CA GLU B 221 -55.14 -10.19 -44.22
C GLU B 221 -56.32 -10.20 -45.20
N GLY B 222 -56.89 -11.38 -45.48
CA GLY B 222 -58.12 -11.57 -46.29
C GLY B 222 -57.90 -11.41 -47.78
N SER B 223 -56.65 -11.49 -48.27
CA SER B 223 -56.28 -11.53 -49.71
C SER B 223 -55.43 -12.78 -49.98
N THR B 224 -55.93 -13.68 -50.81
CA THR B 224 -55.25 -14.95 -51.20
C THR B 224 -54.45 -14.70 -52.48
N VAL B 225 -53.19 -15.16 -52.50
CA VAL B 225 -52.30 -15.20 -53.70
C VAL B 225 -52.13 -16.68 -54.07
N GLU B 226 -52.66 -17.11 -55.21
CA GLU B 226 -52.61 -18.51 -55.72
C GLU B 226 -51.49 -18.65 -56.76
N LYS B 227 -50.62 -19.65 -56.59
CA LYS B 227 -49.65 -20.11 -57.64
C LYS B 227 -49.91 -21.58 -57.93
N THR B 228 -49.79 -21.98 -59.20
CA THR B 228 -50.18 -23.32 -59.72
C THR B 228 -49.02 -23.90 -60.55
N VAL B 229 -48.73 -25.18 -60.37
CA VAL B 229 -47.72 -25.94 -61.17
C VAL B 229 -48.36 -27.25 -61.64
N ALA B 230 -48.13 -27.61 -62.90
CA ALA B 230 -48.61 -28.85 -63.55
C ALA B 230 -47.40 -29.69 -63.97
N PRO B 231 -47.47 -31.04 -63.91
CA PRO B 231 -46.40 -31.89 -64.46
C PRO B 231 -46.26 -31.80 -66.00
N THR B 232 -47.38 -31.58 -66.70
CA THR B 232 -47.49 -31.61 -68.19
C THR B 232 -46.93 -30.33 -68.81
N GLU B 233 -47.27 -29.17 -68.23
CA GLU B 233 -46.91 -27.82 -68.78
C GLU B 233 -45.50 -27.43 -68.34
N CYS B 234 -44.93 -26.42 -69.02
CA CYS B 234 -43.57 -25.87 -68.81
C CYS B 234 -43.67 -24.35 -68.57
N CYS C 1 41.88 -4.52 -20.55
CA CYS C 1 40.60 -5.13 -20.05
C CYS C 1 40.71 -6.67 -20.08
N HIS C 2 40.12 -7.34 -19.08
CA HIS C 2 40.11 -8.82 -18.92
C HIS C 2 39.06 -9.43 -19.85
N PRO C 3 39.39 -10.46 -20.67
CA PRO C 3 38.37 -11.23 -21.39
C PRO C 3 37.41 -11.98 -20.44
N ARG C 4 36.12 -11.64 -20.49
CA ARG C 4 35.02 -12.29 -19.70
C ARG C 4 33.82 -12.58 -20.62
N LEU C 5 33.21 -13.75 -20.44
CA LEU C 5 32.00 -14.22 -21.17
C LEU C 5 30.88 -14.49 -20.15
N SER C 6 29.63 -14.21 -20.52
CA SER C 6 28.41 -14.48 -19.70
C SER C 6 27.20 -14.75 -20.61
N LEU C 7 26.29 -15.61 -20.15
CA LEU C 7 24.99 -15.91 -20.82
C LEU C 7 23.87 -15.07 -20.18
N HIS C 8 22.80 -14.81 -20.94
CA HIS C 8 21.57 -14.12 -20.49
C HIS C 8 20.37 -15.05 -20.73
N ARG C 9 19.39 -15.03 -19.80
CA ARG C 9 18.14 -15.83 -19.85
C ARG C 9 17.32 -15.47 -21.08
N PRO C 10 16.30 -16.28 -21.46
CA PRO C 10 15.30 -15.84 -22.43
C PRO C 10 14.35 -14.81 -21.78
N ALA C 11 13.72 -13.98 -22.62
CA ALA C 11 12.72 -12.96 -22.23
C ALA C 11 11.55 -13.66 -21.54
N LEU C 12 11.31 -13.35 -20.26
CA LEU C 12 10.15 -13.84 -19.46
C LEU C 12 8.86 -13.54 -20.22
N GLU C 13 8.75 -12.33 -20.76
CA GLU C 13 7.66 -11.85 -21.66
C GLU C 13 7.30 -12.96 -22.67
N ASP C 14 8.29 -13.44 -23.43
CA ASP C 14 8.12 -14.47 -24.50
C ASP C 14 7.69 -15.81 -23.88
N LEU C 15 8.35 -16.23 -22.80
CA LEU C 15 8.14 -17.57 -22.17
C LEU C 15 6.73 -17.70 -21.58
N LEU C 16 6.21 -16.64 -20.94
CA LEU C 16 4.90 -16.66 -20.23
C LEU C 16 3.75 -16.61 -21.24
N LEU C 17 3.93 -15.90 -22.36
CA LEU C 17 2.96 -15.87 -23.50
C LEU C 17 2.87 -17.26 -24.17
N GLY C 18 3.93 -18.07 -24.10
CA GLY C 18 3.99 -19.43 -24.68
C GLY C 18 4.36 -19.41 -26.15
N SER C 19 5.36 -18.59 -26.51
CA SER C 19 5.87 -18.37 -27.88
C SER C 19 7.41 -18.54 -27.90
N GLU C 20 8.04 -18.40 -29.08
CA GLU C 20 9.50 -18.57 -29.29
C GLU C 20 10.27 -17.50 -28.50
N ALA C 21 11.44 -17.86 -27.95
CA ALA C 21 12.27 -17.05 -27.03
C ALA C 21 13.76 -17.16 -27.38
N ASN C 22 14.46 -16.02 -27.47
CA ASN C 22 15.90 -15.90 -27.81
C ASN C 22 16.76 -16.00 -26.54
N LEU C 23 17.68 -16.98 -26.49
CA LEU C 23 18.77 -17.05 -25.48
C LEU C 23 20.01 -16.37 -26.07
N THR C 24 20.55 -15.36 -25.38
CA THR C 24 21.64 -14.47 -25.86
C THR C 24 22.98 -14.85 -25.19
N CYS C 25 24.07 -14.78 -25.97
CA CYS C 25 25.46 -15.10 -25.56
C CYS C 25 26.38 -13.96 -26.02
N THR C 26 27.05 -13.28 -25.07
CA THR C 26 27.84 -12.04 -25.29
C THR C 26 29.23 -12.17 -24.65
N LEU C 27 30.24 -11.59 -25.29
CA LEU C 27 31.66 -11.53 -24.82
C LEU C 27 32.01 -10.07 -24.52
N THR C 28 31.82 -9.64 -23.25
CA THR C 28 31.92 -8.24 -22.77
C THR C 28 33.36 -7.73 -22.84
N GLY C 29 34.34 -8.60 -22.56
CA GLY C 29 35.79 -8.33 -22.76
C GLY C 29 36.28 -7.15 -21.95
N VAL C 36 34.59 -13.73 -35.43
CA VAL C 36 34.38 -14.68 -34.30
C VAL C 36 33.17 -15.58 -34.60
N THR C 37 33.22 -16.84 -34.18
CA THR C 37 32.13 -17.85 -34.31
C THR C 37 31.93 -18.54 -32.95
N PHE C 38 30.67 -18.80 -32.58
CA PHE C 38 30.26 -19.50 -31.33
C PHE C 38 29.80 -20.93 -31.67
N THR C 39 29.78 -21.80 -30.66
CA THR C 39 29.16 -23.15 -30.71
C THR C 39 28.30 -23.35 -29.45
N TRP C 40 27.18 -24.06 -29.60
CA TRP C 40 26.17 -24.32 -28.53
C TRP C 40 26.01 -25.83 -28.35
N THR C 41 25.97 -26.30 -27.09
CA THR C 41 25.76 -27.72 -26.72
C THR C 41 24.34 -28.16 -27.09
N PRO C 42 23.26 -27.51 -26.58
CA PRO C 42 21.90 -28.02 -26.76
C PRO C 42 21.25 -27.75 -28.12
N SER C 43 21.93 -27.00 -29.01
CA SER C 43 21.47 -26.70 -30.39
C SER C 43 21.43 -27.99 -31.22
N SER C 44 20.24 -28.37 -31.72
CA SER C 44 19.99 -29.53 -32.60
C SER C 44 19.44 -29.02 -33.95
N GLY C 45 20.28 -28.29 -34.70
CA GLY C 45 19.91 -27.63 -35.97
C GLY C 45 19.35 -26.23 -35.76
N LYS C 46 19.56 -25.65 -34.58
CA LYS C 46 19.15 -24.25 -34.24
C LYS C 46 20.14 -23.28 -34.88
N SER C 47 19.70 -22.54 -35.92
CA SER C 47 20.53 -21.61 -36.71
C SER C 47 20.84 -20.34 -35.90
N ALA C 48 22.03 -20.27 -35.30
CA ALA C 48 22.55 -19.12 -34.53
C ALA C 48 22.76 -17.91 -35.46
N VAL C 49 22.59 -16.69 -34.94
CA VAL C 49 22.63 -15.41 -35.70
C VAL C 49 23.51 -14.41 -34.93
N GLN C 50 24.44 -13.74 -35.63
CA GLN C 50 25.36 -12.71 -35.06
C GLN C 50 24.95 -11.32 -35.55
N GLY C 51 25.58 -10.27 -34.99
CA GLY C 51 25.37 -8.86 -35.37
C GLY C 51 26.68 -8.08 -35.43
N PRO C 52 26.65 -6.74 -35.67
CA PRO C 52 27.84 -5.89 -35.63
C PRO C 52 28.42 -5.75 -34.23
N PRO C 53 29.76 -5.90 -34.03
CA PRO C 53 30.36 -5.82 -32.70
C PRO C 53 30.58 -4.39 -32.20
N GLU C 54 29.98 -4.02 -31.07
CA GLU C 54 30.09 -2.67 -30.44
C GLU C 54 30.01 -2.78 -28.92
N CYS C 58 31.35 1.52 -21.91
CA CYS C 58 32.80 1.41 -22.24
C CYS C 58 33.02 1.53 -23.75
N GLY C 59 32.38 0.65 -24.53
CA GLY C 59 32.56 0.51 -25.99
C GLY C 59 33.89 -0.16 -26.32
N CYS C 60 34.29 -1.15 -25.50
CA CYS C 60 35.64 -1.80 -25.52
C CYS C 60 35.50 -3.32 -25.70
N TYR C 61 35.34 -3.75 -26.96
CA TYR C 61 35.39 -5.18 -27.41
C TYR C 61 34.17 -5.96 -26.90
N SER C 62 33.04 -5.89 -27.63
CA SER C 62 31.75 -6.56 -27.30
C SER C 62 31.10 -7.15 -28.56
N VAL C 63 30.83 -8.46 -28.57
CA VAL C 63 30.13 -9.21 -29.68
C VAL C 63 28.97 -9.99 -29.08
N SER C 64 27.89 -10.22 -29.85
CA SER C 64 26.64 -10.89 -29.43
C SER C 64 26.22 -11.97 -30.45
N SER C 65 25.63 -13.07 -29.97
CA SER C 65 25.06 -14.18 -30.79
C SER C 65 23.82 -14.77 -30.11
N VAL C 66 22.68 -14.78 -30.81
CA VAL C 66 21.36 -15.28 -30.32
C VAL C 66 21.14 -16.72 -30.83
N LEU C 67 20.24 -17.45 -30.19
CA LEU C 67 19.82 -18.83 -30.55
C LEU C 67 18.31 -18.96 -30.38
N PRO C 68 17.50 -18.96 -31.47
CA PRO C 68 16.05 -18.98 -31.37
C PRO C 68 15.45 -20.38 -31.15
N GLY C 69 14.15 -20.42 -30.83
CA GLY C 69 13.32 -21.64 -30.73
C GLY C 69 13.78 -22.61 -29.65
N CYS C 70 14.40 -22.12 -28.58
CA CYS C 70 14.89 -22.92 -27.43
C CYS C 70 14.09 -22.56 -26.16
N ALA C 71 12.76 -22.45 -26.31
CA ALA C 71 11.79 -22.22 -25.20
C ALA C 71 11.49 -23.56 -24.52
N GLU C 72 11.20 -24.60 -25.32
CA GLU C 72 10.87 -25.98 -24.86
C GLU C 72 11.98 -26.51 -23.94
N PRO C 73 13.26 -26.54 -24.36
CA PRO C 73 14.33 -27.12 -23.54
C PRO C 73 14.62 -26.31 -22.26
N TRP C 74 14.53 -24.98 -22.34
CA TRP C 74 14.71 -24.05 -21.20
C TRP C 74 13.73 -24.40 -20.07
N ASN C 75 12.43 -24.50 -20.38
CA ASN C 75 11.34 -24.79 -19.41
C ASN C 75 11.47 -26.23 -18.88
N HIS C 76 12.08 -27.13 -19.64
CA HIS C 76 12.40 -28.53 -19.25
C HIS C 76 13.55 -28.57 -18.22
N GLY C 77 14.34 -27.49 -18.15
CA GLY C 77 15.45 -27.33 -17.19
C GLY C 77 16.77 -27.82 -17.77
N LYS C 78 16.82 -28.04 -19.09
CA LYS C 78 18.06 -28.45 -19.81
C LYS C 78 19.06 -27.29 -19.73
N THR C 79 20.34 -27.63 -19.52
CA THR C 79 21.47 -26.67 -19.37
C THR C 79 21.99 -26.28 -20.75
N PHE C 80 22.30 -24.98 -20.91
CA PHE C 80 22.81 -24.37 -22.16
C PHE C 80 24.29 -24.01 -21.96
N THR C 81 25.14 -24.41 -22.92
CA THR C 81 26.57 -24.08 -23.01
C THR C 81 26.79 -23.26 -24.29
N CYS C 82 27.54 -22.15 -24.19
CA CYS C 82 27.94 -21.28 -25.33
C CYS C 82 29.45 -21.03 -25.25
N THR C 83 30.22 -21.67 -26.13
CA THR C 83 31.70 -21.52 -26.27
C THR C 83 31.99 -20.62 -27.47
N ALA C 84 32.96 -19.71 -27.32
CA ALA C 84 33.33 -18.66 -28.31
C ALA C 84 34.80 -18.77 -28.68
N ALA C 85 35.10 -19.07 -29.94
CA ALA C 85 36.46 -19.04 -30.54
C ALA C 85 36.69 -17.66 -31.18
N TYR C 86 37.59 -16.86 -30.59
CA TYR C 86 37.90 -15.46 -31.00
C TYR C 86 39.40 -15.34 -31.27
N PRO C 87 39.84 -14.43 -32.18
CA PRO C 87 41.22 -14.42 -32.68
C PRO C 87 42.29 -13.86 -31.73
N GLU C 88 41.90 -13.20 -30.63
CA GLU C 88 42.84 -12.58 -29.65
C GLU C 88 43.57 -13.67 -28.87
N SER C 89 42.83 -14.64 -28.31
CA SER C 89 43.36 -15.83 -27.58
C SER C 89 43.37 -17.05 -28.50
N LYS C 90 43.95 -18.16 -28.05
CA LYS C 90 44.14 -19.42 -28.82
C LYS C 90 42.97 -20.39 -28.54
N THR C 91 42.66 -20.62 -27.25
CA THR C 91 41.59 -21.55 -26.78
C THR C 91 40.32 -20.75 -26.45
N PRO C 92 39.11 -21.37 -26.50
CA PRO C 92 37.86 -20.66 -26.26
C PRO C 92 37.57 -20.38 -24.77
N LEU C 93 36.47 -19.67 -24.50
CA LEU C 93 35.87 -19.48 -23.15
C LEU C 93 34.58 -20.30 -23.05
N THR C 94 34.05 -20.49 -21.83
CA THR C 94 32.86 -21.31 -21.52
C THR C 94 31.94 -20.56 -20.54
N ALA C 95 30.62 -20.66 -20.74
CA ALA C 95 29.57 -20.09 -19.87
C ALA C 95 28.37 -21.05 -19.81
N THR C 96 27.88 -21.33 -18.60
CA THR C 96 26.77 -22.28 -18.30
C THR C 96 25.55 -21.47 -17.80
N LEU C 97 24.35 -21.81 -18.30
CA LEU C 97 23.06 -21.24 -17.84
C LEU C 97 21.92 -22.24 -18.07
N SER C 98 21.10 -22.47 -17.04
CA SER C 98 19.84 -23.25 -17.09
C SER C 98 18.75 -22.52 -16.27
N LYS C 99 17.48 -22.84 -16.52
CA LYS C 99 16.31 -22.35 -15.73
C LYS C 99 16.57 -22.65 -14.25
N SER C 100 16.33 -21.66 -13.37
CA SER C 100 16.69 -21.67 -11.93
C SER C 100 15.84 -22.71 -11.17
N GLY C 101 16.43 -23.36 -10.17
CA GLY C 101 15.74 -24.25 -9.22
C GLY C 101 15.30 -23.48 -7.99
N ASN C 102 14.75 -24.19 -6.98
CA ASN C 102 14.27 -23.62 -5.69
C ASN C 102 13.43 -22.36 -5.98
N THR C 103 12.40 -22.50 -6.82
CA THR C 103 11.45 -21.42 -7.22
C THR C 103 10.40 -21.23 -6.13
N PHE C 104 9.92 -19.98 -5.96
CA PHE C 104 8.78 -19.61 -5.08
C PHE C 104 7.85 -18.67 -5.87
N ARG C 105 6.55 -18.92 -5.83
CA ARG C 105 5.53 -18.11 -6.57
C ARG C 105 5.38 -16.77 -5.85
N PRO C 106 5.19 -15.64 -6.58
CA PRO C 106 5.03 -14.34 -5.96
C PRO C 106 3.71 -14.25 -5.19
N GLU C 107 3.73 -13.58 -4.04
CA GLU C 107 2.54 -13.17 -3.26
C GLU C 107 2.21 -11.75 -3.71
N VAL C 108 1.05 -11.56 -4.35
CA VAL C 108 0.63 -10.25 -4.95
C VAL C 108 -0.43 -9.61 -4.06
N HIS C 109 -0.30 -8.30 -3.85
CA HIS C 109 -1.21 -7.46 -3.04
C HIS C 109 -1.42 -6.13 -3.75
N LEU C 110 -2.69 -5.79 -4.03
CA LEU C 110 -3.07 -4.47 -4.57
C LEU C 110 -3.68 -3.67 -3.42
N LEU C 111 -2.97 -2.63 -2.98
CA LEU C 111 -3.31 -1.83 -1.77
C LEU C 111 -4.07 -0.59 -2.23
N PRO C 112 -5.21 -0.26 -1.57
CA PRO C 112 -6.05 0.86 -2.01
C PRO C 112 -5.42 2.21 -1.70
N PRO C 113 -5.96 3.34 -2.22
CA PRO C 113 -5.34 4.64 -2.02
C PRO C 113 -5.48 5.05 -0.55
N PRO C 114 -4.48 5.78 0.01
CA PRO C 114 -4.58 6.25 1.39
C PRO C 114 -5.69 7.31 1.52
N SER C 115 -6.32 7.40 2.69
CA SER C 115 -7.38 8.39 3.07
C SER C 115 -6.94 9.81 2.68
N GLU C 116 -5.66 10.14 2.91
CA GLU C 116 -5.04 11.48 2.68
C GLU C 116 -5.36 11.97 1.26
N GLU C 117 -5.12 11.14 0.24
CA GLU C 117 -5.20 11.51 -1.20
C GLU C 117 -6.66 11.65 -1.64
N LEU C 118 -7.53 10.74 -1.18
CA LEU C 118 -8.98 10.69 -1.51
C LEU C 118 -9.64 12.02 -1.13
N ALA C 119 -9.36 12.52 0.08
CA ALA C 119 -9.85 13.80 0.64
C ALA C 119 -9.52 14.98 -0.27
N LEU C 120 -8.32 14.98 -0.88
CA LEU C 120 -7.81 16.09 -1.73
C LEU C 120 -8.48 16.10 -3.11
N ASN C 121 -9.14 15.00 -3.50
CA ASN C 121 -10.00 14.86 -4.73
C ASN C 121 -9.25 15.36 -5.98
N GLU C 122 -7.97 15.01 -6.12
CA GLU C 122 -7.15 15.18 -7.35
C GLU C 122 -6.77 13.77 -7.83
N LEU C 123 -5.49 13.49 -8.10
CA LEU C 123 -5.01 12.12 -8.41
C LEU C 123 -4.86 11.33 -7.09
N VAL C 124 -5.17 10.03 -7.13
CA VAL C 124 -4.96 9.05 -6.02
C VAL C 124 -4.04 7.94 -6.52
N THR C 125 -3.35 7.27 -5.59
CA THR C 125 -2.20 6.35 -5.88
C THR C 125 -2.58 4.92 -5.50
N LEU C 126 -2.53 4.00 -6.46
CA LEU C 126 -2.69 2.54 -6.24
C LEU C 126 -1.30 1.90 -6.24
N THR C 127 -1.04 1.01 -5.27
CA THR C 127 0.28 0.42 -4.99
C THR C 127 0.17 -1.11 -5.14
N CYS C 128 0.84 -1.68 -6.14
CA CYS C 128 0.94 -3.15 -6.36
C CYS C 128 2.26 -3.65 -5.75
N LEU C 129 2.19 -4.66 -4.89
CA LEU C 129 3.36 -5.31 -4.24
C LEU C 129 3.34 -6.80 -4.60
N ALA C 130 4.30 -7.23 -5.42
CA ALA C 130 4.66 -8.65 -5.62
C ALA C 130 5.84 -8.95 -4.69
N ARG C 131 5.80 -10.07 -3.98
CA ARG C 131 6.68 -10.36 -2.81
C ARG C 131 6.86 -11.88 -2.68
N GLY C 132 8.07 -12.33 -2.38
CA GLY C 132 8.36 -13.71 -1.93
C GLY C 132 8.72 -14.65 -3.06
N PHE C 133 9.16 -14.13 -4.22
CA PHE C 133 9.40 -14.91 -5.46
C PHE C 133 10.90 -15.12 -5.65
N SER C 134 11.32 -16.33 -6.05
CA SER C 134 12.73 -16.81 -5.94
C SER C 134 13.59 -16.31 -7.10
N PRO C 135 13.18 -16.46 -8.38
CA PRO C 135 13.91 -15.82 -9.48
C PRO C 135 13.51 -14.33 -9.53
N LYS C 136 14.49 -13.44 -9.56
CA LYS C 136 14.33 -11.95 -9.62
C LYS C 136 13.35 -11.55 -10.73
N ASP C 137 13.27 -12.33 -11.82
CA ASP C 137 12.58 -11.93 -13.08
C ASP C 137 11.07 -11.93 -12.86
N VAL C 138 10.43 -10.79 -13.18
CA VAL C 138 9.00 -10.51 -12.88
C VAL C 138 8.49 -9.46 -13.89
N LEU C 139 7.27 -9.66 -14.41
CA LEU C 139 6.52 -8.66 -15.21
C LEU C 139 5.43 -8.08 -14.32
N VAL C 140 5.21 -6.76 -14.40
CA VAL C 140 4.07 -6.06 -13.74
C VAL C 140 3.31 -5.27 -14.81
N ARG C 141 2.00 -5.49 -14.90
CA ARG C 141 1.08 -4.82 -15.85
C ARG C 141 -0.22 -4.44 -15.13
N TRP C 142 -0.90 -3.40 -15.60
CA TRP C 142 -2.11 -2.80 -14.97
C TRP C 142 -3.29 -2.84 -15.93
N LEU C 143 -4.49 -3.09 -15.39
CA LEU C 143 -5.80 -2.76 -16.03
C LEU C 143 -6.46 -1.60 -15.27
N GLN C 144 -7.15 -0.73 -16.02
CA GLN C 144 -8.34 0.05 -15.53
C GLN C 144 -9.54 -0.49 -16.30
N GLY C 145 -10.53 -1.03 -15.59
CA GLY C 145 -11.62 -1.83 -16.16
C GLY C 145 -11.06 -3.08 -16.83
N SER C 146 -11.44 -3.31 -18.09
CA SER C 146 -10.90 -4.38 -18.95
C SER C 146 -9.85 -3.81 -19.91
N GLN C 147 -9.52 -2.51 -19.83
CA GLN C 147 -8.43 -1.87 -20.62
C GLN C 147 -7.10 -2.04 -19.88
N GLU C 148 -6.12 -2.67 -20.53
CA GLU C 148 -4.70 -2.61 -20.12
C GLU C 148 -4.16 -1.19 -20.34
N LEU C 149 -3.52 -0.61 -19.33
CA LEU C 149 -2.90 0.74 -19.41
C LEU C 149 -1.53 0.62 -20.07
N PRO C 150 -1.09 1.61 -20.88
CA PRO C 150 0.28 1.62 -21.40
C PRO C 150 1.36 1.69 -20.31
N ARG C 151 2.55 1.13 -20.60
CA ARG C 151 3.74 1.10 -19.71
C ARG C 151 3.99 2.48 -19.10
N GLU C 152 3.90 3.54 -19.91
CA GLU C 152 4.35 4.91 -19.55
C GLU C 152 3.30 5.64 -18.70
N LYS C 153 2.20 4.99 -18.33
CA LYS C 153 1.14 5.55 -17.43
C LYS C 153 1.31 5.03 -15.99
N TYR C 154 2.34 4.21 -15.71
CA TYR C 154 2.64 3.70 -14.35
C TYR C 154 4.15 3.54 -14.14
N LEU C 155 4.57 3.58 -12.87
CA LEU C 155 5.98 3.45 -12.42
C LEU C 155 6.16 2.10 -11.75
N THR C 156 7.05 1.26 -12.29
CA THR C 156 7.44 -0.04 -11.71
C THR C 156 8.93 0.02 -11.29
N TRP C 157 9.24 -0.32 -10.05
CA TRP C 157 10.63 -0.36 -9.51
C TRP C 157 11.30 -1.66 -9.97
N ALA C 158 12.62 -1.73 -9.84
CA ALA C 158 13.42 -2.94 -10.13
C ALA C 158 13.15 -4.00 -9.06
N SER C 159 13.18 -5.27 -9.44
CA SER C 159 13.03 -6.42 -8.51
C SER C 159 14.28 -6.52 -7.63
N ARG C 160 14.12 -6.39 -6.30
CA ARG C 160 15.20 -6.36 -5.28
C ARG C 160 15.07 -7.55 -4.32
N GLN C 161 16.20 -8.14 -3.94
CA GLN C 161 16.30 -9.21 -2.91
C GLN C 161 15.84 -8.66 -1.55
N GLU C 162 14.90 -9.35 -0.88
CA GLU C 162 14.37 -8.89 0.44
C GLU C 162 15.14 -9.59 1.56
N PRO C 163 15.12 -9.06 2.81
CA PRO C 163 15.86 -9.67 3.91
C PRO C 163 15.27 -11.00 4.42
N SER C 164 16.14 -11.97 4.71
CA SER C 164 15.85 -13.19 5.50
C SER C 164 17.15 -13.95 5.79
N GLN C 165 17.20 -14.63 6.94
CA GLN C 165 18.27 -15.61 7.29
C GLN C 165 18.06 -16.90 6.49
N GLY C 166 16.82 -17.20 6.08
CA GLY C 166 16.42 -18.44 5.39
C GLY C 166 16.63 -18.37 3.89
N THR C 167 15.54 -18.42 3.11
CA THR C 167 15.54 -18.58 1.63
C THR C 167 15.66 -17.23 0.93
N THR C 168 16.29 -17.21 -0.25
CA THR C 168 16.42 -16.01 -1.12
C THR C 168 15.10 -15.81 -1.86
N THR C 169 14.34 -14.78 -1.49
CA THR C 169 13.14 -14.27 -2.22
C THR C 169 13.36 -12.82 -2.62
N PHE C 170 12.62 -12.38 -3.64
CA PHE C 170 12.65 -11.02 -4.21
C PHE C 170 11.27 -10.37 -4.05
N ALA C 171 11.26 -9.05 -4.04
CA ALA C 171 10.04 -8.21 -4.04
C ALA C 171 10.19 -7.15 -5.15
N VAL C 172 9.06 -6.71 -5.71
CA VAL C 172 8.97 -5.55 -6.64
C VAL C 172 7.72 -4.76 -6.27
N THR C 173 7.73 -3.44 -6.49
CA THR C 173 6.55 -2.56 -6.28
C THR C 173 6.22 -1.86 -7.60
N SER C 174 4.93 -1.52 -7.77
CA SER C 174 4.41 -0.71 -8.90
C SER C 174 3.31 0.21 -8.39
N ILE C 175 3.21 1.40 -9.00
CA ILE C 175 2.39 2.54 -8.52
C ILE C 175 1.67 3.14 -9.74
N LEU C 176 0.33 3.13 -9.73
CA LEU C 176 -0.55 3.71 -10.77
C LEU C 176 -1.34 4.87 -10.17
N ARG C 177 -1.15 6.09 -10.68
CA ARG C 177 -1.94 7.29 -10.31
C ARG C 177 -3.23 7.31 -11.16
N VAL C 178 -4.39 7.48 -10.53
CA VAL C 178 -5.71 7.56 -11.21
C VAL C 178 -6.47 8.75 -10.64
N ALA C 179 -7.37 9.32 -11.43
CA ALA C 179 -8.30 10.40 -11.01
C ALA C 179 -9.19 9.86 -9.89
N ALA C 180 -9.37 10.66 -8.82
CA ALA C 180 -10.28 10.38 -7.69
C ALA C 180 -11.70 10.15 -8.21
N GLU C 181 -12.10 10.87 -9.28
CA GLU C 181 -13.37 10.70 -10.02
C GLU C 181 -13.56 9.21 -10.37
N ASP C 182 -12.63 8.65 -11.16
CA ASP C 182 -12.66 7.25 -11.66
C ASP C 182 -12.78 6.30 -10.46
N TRP C 183 -12.01 6.52 -9.39
CA TRP C 183 -12.02 5.69 -8.15
C TRP C 183 -13.40 5.76 -7.49
N LYS C 184 -14.04 6.93 -7.50
CA LYS C 184 -15.33 7.19 -6.79
C LYS C 184 -16.53 6.79 -7.67
N LYS C 185 -16.38 6.72 -9.01
CA LYS C 185 -17.35 6.08 -9.94
C LYS C 185 -17.47 4.57 -9.63
N GLY C 186 -16.45 3.98 -9.01
CA GLY C 186 -16.39 2.54 -8.68
C GLY C 186 -15.70 1.73 -9.79
N ASP C 187 -14.86 2.37 -10.59
CA ASP C 187 -14.04 1.68 -11.64
C ASP C 187 -13.14 0.63 -10.97
N THR C 188 -12.89 -0.47 -11.67
CA THR C 188 -11.95 -1.52 -11.22
C THR C 188 -10.54 -1.10 -11.62
N PHE C 189 -9.56 -1.50 -10.81
CA PHE C 189 -8.11 -1.36 -11.09
C PHE C 189 -7.48 -2.71 -10.75
N SER C 190 -6.66 -3.23 -11.66
CA SER C 190 -6.01 -4.56 -11.53
C SER C 190 -4.50 -4.40 -11.73
N CYS C 191 -3.69 -5.10 -10.93
CA CYS C 191 -2.25 -5.32 -11.22
C CYS C 191 -2.08 -6.82 -11.52
N MET C 192 -1.44 -7.12 -12.66
CA MET C 192 -1.15 -8.49 -13.15
C MET C 192 0.35 -8.73 -13.06
N VAL C 193 0.77 -9.77 -12.35
CA VAL C 193 2.20 -10.09 -12.07
C VAL C 193 2.54 -11.37 -12.82
N GLY C 194 3.41 -11.27 -13.84
CA GLY C 194 3.91 -12.40 -14.64
C GLY C 194 5.14 -13.00 -14.00
N HIS C 195 5.19 -14.33 -13.83
CA HIS C 195 6.31 -15.03 -13.15
C HIS C 195 6.32 -16.54 -13.46
N GLU C 196 7.53 -17.08 -13.63
CA GLU C 196 7.83 -18.48 -14.09
C GLU C 196 7.16 -19.52 -13.18
N ALA C 197 7.15 -19.28 -11.87
CA ALA C 197 6.65 -20.20 -10.83
C ALA C 197 5.12 -20.20 -10.75
N LEU C 198 4.43 -19.26 -11.43
CA LEU C 198 2.94 -19.20 -11.44
C LEU C 198 2.40 -20.25 -12.41
N PRO C 199 1.56 -21.22 -11.94
CA PRO C 199 1.02 -22.26 -12.83
C PRO C 199 0.06 -21.73 -13.91
N LEU C 200 -0.51 -20.54 -13.70
CA LEU C 200 -1.36 -19.82 -14.70
C LEU C 200 -0.59 -18.63 -15.29
N ALA C 201 0.75 -18.66 -15.27
CA ALA C 201 1.67 -17.68 -15.92
C ALA C 201 1.62 -16.31 -15.22
N PHE C 202 0.42 -15.75 -15.03
CA PHE C 202 0.17 -14.47 -14.33
C PHE C 202 -0.73 -14.68 -13.12
N THR C 203 -0.65 -13.77 -12.14
CA THR C 203 -1.56 -13.63 -10.98
C THR C 203 -2.18 -12.24 -11.07
N GLN C 204 -3.50 -12.15 -10.96
CA GLN C 204 -4.26 -10.88 -11.05
C GLN C 204 -4.86 -10.56 -9.68
N LYS C 205 -4.75 -9.31 -9.24
CA LYS C 205 -5.50 -8.76 -8.08
C LYS C 205 -6.25 -7.51 -8.55
N THR C 206 -7.54 -7.44 -8.25
CA THR C 206 -8.50 -6.39 -8.72
C THR C 206 -9.04 -5.67 -7.48
N ILE C 207 -9.13 -4.33 -7.53
CA ILE C 207 -9.53 -3.47 -6.39
C ILE C 207 -10.50 -2.37 -6.88
N ASP C 208 -11.40 -1.93 -6.01
CA ASP C 208 -12.29 -0.75 -6.20
C ASP C 208 -12.71 -0.20 -4.84
N ARG C 209 -13.49 0.89 -4.81
CA ARG C 209 -13.95 1.58 -3.57
C ARG C 209 -14.83 0.66 -2.72
N LEU C 210 -15.40 -0.42 -3.29
CA LEU C 210 -16.40 -1.31 -2.63
C LEU C 210 -15.71 -2.47 -1.90
N ALA C 211 -14.58 -2.24 -1.22
CA ALA C 211 -13.88 -3.27 -0.42
C ALA C 211 -12.90 -2.60 0.57
N CYS D 1 39.05 5.46 -23.68
CA CYS D 1 37.90 6.17 -24.35
C CYS D 1 37.96 7.68 -24.06
N HIS D 2 36.97 8.44 -24.56
CA HIS D 2 36.86 9.92 -24.46
C HIS D 2 36.85 10.33 -22.98
N PRO D 3 37.86 11.10 -22.47
CA PRO D 3 37.85 11.57 -21.08
C PRO D 3 36.63 12.43 -20.72
N ARG D 4 36.00 12.14 -19.57
CA ARG D 4 34.80 12.83 -19.04
C ARG D 4 35.04 13.24 -17.58
N LEU D 5 34.34 14.29 -17.12
CA LEU D 5 34.42 14.82 -15.73
C LEU D 5 33.02 15.24 -15.25
N SER D 6 32.66 14.90 -14.01
CA SER D 6 31.41 15.32 -13.32
C SER D 6 31.68 15.47 -11.81
N LEU D 7 30.96 16.41 -11.16
CA LEU D 7 30.96 16.60 -9.69
C LEU D 7 29.84 15.74 -9.08
N HIS D 8 30.02 15.28 -7.85
CA HIS D 8 29.03 14.51 -7.06
C HIS D 8 28.62 15.32 -5.82
N ARG D 9 27.31 15.45 -5.59
CA ARG D 9 26.68 16.28 -4.53
C ARG D 9 27.04 15.74 -3.14
N PRO D 10 26.88 16.54 -2.05
CA PRO D 10 27.18 16.05 -0.71
C PRO D 10 26.11 15.05 -0.22
N ALA D 11 26.46 14.24 0.78
CA ALA D 11 25.60 13.20 1.39
C ALA D 11 24.36 13.85 2.00
N LEU D 12 23.18 13.38 1.61
CA LEU D 12 21.88 13.87 2.13
C LEU D 12 21.80 13.62 3.64
N GLU D 13 22.30 12.48 4.13
CA GLU D 13 22.41 12.13 5.57
C GLU D 13 23.07 13.28 6.34
N ASP D 14 24.26 13.70 5.89
CA ASP D 14 25.12 14.73 6.56
C ASP D 14 24.39 16.07 6.55
N LEU D 15 23.84 16.47 5.38
CA LEU D 15 23.13 17.77 5.19
C LEU D 15 21.87 17.83 6.07
N LEU D 16 21.10 16.74 6.16
CA LEU D 16 19.78 16.71 6.85
C LEU D 16 19.98 16.74 8.38
N LEU D 17 21.00 16.05 8.88
CA LEU D 17 21.42 16.10 10.31
C LEU D 17 21.91 17.52 10.66
N GLY D 18 22.52 18.23 9.71
CA GLY D 18 23.09 19.58 9.91
C GLY D 18 24.52 19.52 10.42
N SER D 19 25.28 18.51 9.98
CA SER D 19 26.73 18.32 10.26
C SER D 19 27.54 18.59 8.98
N GLU D 20 28.88 18.52 9.06
CA GLU D 20 29.80 18.79 7.93
C GLU D 20 29.62 17.72 6.84
N ALA D 21 29.63 18.13 5.57
CA ALA D 21 29.32 17.29 4.38
C ALA D 21 30.48 17.34 3.37
N ASN D 22 30.95 16.15 2.93
CA ASN D 22 32.05 15.98 1.95
C ASN D 22 31.49 16.17 0.54
N LEU D 23 32.11 17.05 -0.26
CA LEU D 23 31.80 17.27 -1.69
C LEU D 23 32.93 16.65 -2.54
N THR D 24 32.60 15.66 -3.37
CA THR D 24 33.55 14.76 -4.08
C THR D 24 33.63 15.11 -5.57
N CYS D 25 34.82 14.95 -6.16
CA CYS D 25 35.11 15.08 -7.62
C CYS D 25 36.00 13.92 -8.07
N THR D 26 35.70 13.34 -9.25
CA THR D 26 36.38 12.14 -9.82
C THR D 26 36.69 12.37 -11.31
N LEU D 27 37.75 11.72 -11.82
CA LEU D 27 38.24 11.83 -13.22
C LEU D 27 38.14 10.46 -13.91
N THR D 28 37.13 10.28 -14.77
CA THR D 28 36.88 9.05 -15.58
C THR D 28 37.60 9.16 -16.92
N GLY D 29 38.01 8.03 -17.50
CA GLY D 29 38.74 7.95 -18.78
C GLY D 29 40.24 8.09 -18.59
N ASP D 32 46.99 6.76 -17.42
CA ASP D 32 47.90 7.89 -17.10
C ASP D 32 48.16 7.94 -15.59
N ALA D 33 49.41 8.20 -15.20
CA ALA D 33 49.87 8.33 -13.79
C ALA D 33 49.28 9.61 -13.18
N SER D 34 49.09 9.62 -11.85
CA SER D 34 48.41 10.69 -11.08
C SER D 34 49.41 11.78 -10.69
N GLY D 35 49.82 12.61 -11.66
CA GLY D 35 50.50 13.89 -11.45
C GLY D 35 49.51 15.04 -11.54
N VAL D 36 48.48 15.00 -10.68
CA VAL D 36 47.24 15.81 -10.81
C VAL D 36 47.14 16.81 -9.65
N THR D 37 46.61 18.01 -9.95
CA THR D 37 46.35 19.12 -8.98
C THR D 37 44.96 19.71 -9.26
N PHE D 38 44.05 19.63 -8.28
CA PHE D 38 42.65 20.15 -8.34
C PHE D 38 42.60 21.57 -7.76
N THR D 39 41.60 22.35 -8.16
CA THR D 39 41.28 23.69 -7.60
C THR D 39 39.77 23.84 -7.45
N TRP D 40 39.33 24.49 -6.36
CA TRP D 40 37.91 24.72 -5.98
C TRP D 40 37.66 26.23 -5.86
N THR D 41 36.48 26.69 -6.28
CA THR D 41 36.08 28.13 -6.31
C THR D 41 35.60 28.56 -4.91
N PRO D 42 34.41 28.15 -4.44
CA PRO D 42 33.67 28.93 -3.43
C PRO D 42 34.35 29.07 -2.06
N SER D 43 35.12 28.08 -1.63
CA SER D 43 35.85 28.02 -0.34
C SER D 43 37.36 28.06 -0.62
N SER D 44 38.03 29.16 -0.24
CA SER D 44 39.44 29.49 -0.60
C SER D 44 40.38 29.15 0.56
N GLY D 45 41.37 28.26 0.31
CA GLY D 45 42.36 27.79 1.30
C GLY D 45 41.70 27.08 2.46
N LYS D 46 41.06 25.93 2.20
CA LYS D 46 40.22 25.18 3.18
C LYS D 46 40.59 23.69 3.17
N SER D 47 41.85 23.35 2.85
CA SER D 47 42.41 21.98 2.82
C SER D 47 41.53 21.06 1.97
N ALA D 48 41.55 21.25 0.65
CA ALA D 48 40.90 20.37 -0.36
C ALA D 48 41.74 19.10 -0.52
N VAL D 49 41.29 17.99 0.07
CA VAL D 49 42.07 16.72 0.24
C VAL D 49 41.93 15.86 -1.02
N GLN D 50 42.98 15.08 -1.34
CA GLN D 50 43.03 14.12 -2.49
C GLN D 50 43.16 12.69 -1.95
N GLY D 51 43.07 11.68 -2.84
CA GLY D 51 43.20 10.25 -2.50
C GLY D 51 44.04 9.50 -3.53
N PRO D 52 44.30 8.18 -3.33
CA PRO D 52 45.04 7.37 -4.30
C PRO D 52 44.27 7.14 -5.60
N PRO D 53 44.95 6.76 -6.71
CA PRO D 53 44.29 6.56 -8.00
C PRO D 53 43.57 5.20 -8.09
N GLU D 54 42.28 5.18 -7.72
CA GLU D 54 41.42 3.96 -7.75
C GLU D 54 41.07 3.63 -9.21
N ARG D 55 40.83 2.34 -9.50
CA ARG D 55 40.56 1.81 -10.87
C ARG D 55 39.26 2.41 -11.42
N GLY D 59 39.19 -0.52 -14.76
CA GLY D 59 40.15 -0.42 -15.86
C GLY D 59 41.15 0.71 -15.63
N CYS D 60 41.07 1.78 -16.42
CA CYS D 60 41.90 3.01 -16.31
C CYS D 60 41.62 3.70 -14.97
N TYR D 61 42.65 4.29 -14.35
CA TYR D 61 42.62 4.86 -12.98
C TYR D 61 41.80 6.15 -12.93
N SER D 62 41.41 6.55 -11.72
CA SER D 62 40.64 7.78 -11.39
C SER D 62 41.07 8.31 -10.01
N VAL D 63 41.43 9.59 -9.91
CA VAL D 63 41.89 10.26 -8.65
C VAL D 63 40.70 11.01 -8.04
N SER D 64 40.39 10.74 -6.77
CA SER D 64 39.25 11.33 -6.01
C SER D 64 39.74 12.52 -5.20
N SER D 65 39.06 13.67 -5.32
CA SER D 65 39.31 14.93 -4.57
C SER D 65 38.07 15.29 -3.74
N VAL D 66 38.24 15.52 -2.44
CA VAL D 66 37.15 15.89 -1.47
C VAL D 66 37.42 17.30 -0.92
N LEU D 67 36.37 17.94 -0.40
CA LEU D 67 36.39 19.32 0.16
C LEU D 67 35.43 19.36 1.35
N PRO D 68 35.92 19.58 2.60
CA PRO D 68 35.05 19.60 3.78
C PRO D 68 34.38 20.95 4.06
N GLY D 69 33.31 20.94 4.87
CA GLY D 69 32.59 22.13 5.38
C GLY D 69 31.90 22.91 4.29
N CYS D 70 31.26 22.23 3.34
CA CYS D 70 30.57 22.82 2.15
C CYS D 70 29.08 23.05 2.44
N ALA D 71 28.61 22.73 3.65
CA ALA D 71 27.16 22.64 4.02
C ALA D 71 26.46 23.98 3.80
N GLU D 72 26.95 25.04 4.45
CA GLU D 72 26.27 26.37 4.47
C GLU D 72 26.22 26.94 3.05
N PRO D 73 27.34 27.00 2.28
CA PRO D 73 27.28 27.49 0.89
C PRO D 73 26.36 26.65 -0.02
N TRP D 74 26.44 25.32 0.08
CA TRP D 74 25.59 24.36 -0.67
C TRP D 74 24.11 24.68 -0.42
N ASN D 75 23.70 24.72 0.86
CA ASN D 75 22.30 24.98 1.29
C ASN D 75 21.89 26.43 0.96
N HIS D 76 22.85 27.36 0.90
CA HIS D 76 22.64 28.76 0.44
C HIS D 76 22.35 28.80 -1.07
N GLY D 77 22.83 27.80 -1.82
CA GLY D 77 22.56 27.63 -3.27
C GLY D 77 23.73 28.04 -4.13
N LYS D 78 24.85 28.46 -3.54
CA LYS D 78 26.10 28.88 -4.23
C LYS D 78 26.59 27.71 -5.11
N THR D 79 27.22 28.02 -6.25
CA THR D 79 27.68 27.04 -7.27
C THR D 79 29.14 26.68 -7.02
N PHE D 80 29.44 25.38 -6.99
CA PHE D 80 30.80 24.80 -6.82
C PHE D 80 31.38 24.45 -8.20
N THR D 81 32.57 24.98 -8.51
CA THR D 81 33.38 24.64 -9.71
C THR D 81 34.62 23.88 -9.23
N CYS D 82 34.99 22.80 -9.93
CA CYS D 82 36.14 21.92 -9.62
C CYS D 82 36.98 21.68 -10.89
N THR D 83 37.93 22.58 -11.16
CA THR D 83 38.91 22.48 -12.28
C THR D 83 40.06 21.55 -11.84
N ALA D 84 40.39 20.57 -12.68
CA ALA D 84 41.36 19.49 -12.40
C ALA D 84 42.41 19.41 -13.51
N ALA D 85 43.67 19.73 -13.18
CA ALA D 85 44.85 19.60 -14.08
C ALA D 85 45.33 18.15 -14.08
N TYR D 86 45.57 17.58 -15.27
CA TYR D 86 46.03 16.17 -15.47
C TYR D 86 47.14 16.15 -16.53
N PRO D 87 48.22 15.36 -16.35
CA PRO D 87 49.35 15.36 -17.28
C PRO D 87 49.04 15.03 -18.76
N GLU D 88 48.09 14.13 -19.02
CA GLU D 88 47.74 13.61 -20.37
C GLU D 88 47.44 14.75 -21.35
N SER D 89 46.77 15.81 -20.88
CA SER D 89 46.47 17.06 -21.65
C SER D 89 47.32 18.22 -21.12
N LYS D 90 47.31 19.35 -21.84
CA LYS D 90 48.00 20.61 -21.46
C LYS D 90 47.09 21.43 -20.54
N THR D 91 45.86 21.72 -21.00
CA THR D 91 44.82 22.52 -20.29
C THR D 91 43.84 21.57 -19.60
N PRO D 92 43.21 21.99 -18.46
CA PRO D 92 42.37 21.10 -17.67
C PRO D 92 40.91 20.98 -18.15
N LEU D 93 40.11 20.17 -17.44
CA LEU D 93 38.64 20.01 -17.63
C LEU D 93 37.89 20.80 -16.54
N THR D 94 36.63 21.14 -16.82
CA THR D 94 35.73 21.94 -15.94
C THR D 94 34.46 21.13 -15.63
N ALA D 95 33.97 21.23 -14.39
CA ALA D 95 32.72 20.60 -13.89
C ALA D 95 32.04 21.53 -12.87
N THR D 96 30.74 21.79 -13.07
CA THR D 96 29.90 22.72 -12.25
C THR D 96 28.79 21.90 -11.57
N LEU D 97 28.52 22.18 -10.28
CA LEU D 97 27.43 21.57 -9.49
C LEU D 97 26.97 22.52 -8.38
N SER D 98 25.66 22.80 -8.32
CA SER D 98 24.97 23.56 -7.25
C SER D 98 23.79 22.73 -6.70
N LYS D 99 23.18 23.18 -5.60
CA LYS D 99 21.92 22.62 -5.05
C LYS D 99 20.82 22.82 -6.11
N SER D 100 19.96 21.81 -6.30
CA SER D 100 18.93 21.76 -7.37
C SER D 100 17.84 22.79 -7.11
N GLY D 101 17.27 23.36 -8.18
CA GLY D 101 16.09 24.24 -8.15
C GLY D 101 14.82 23.43 -8.34
N ASN D 102 13.67 24.11 -8.43
CA ASN D 102 12.32 23.52 -8.64
C ASN D 102 12.13 22.33 -7.68
N THR D 103 12.31 22.57 -6.38
CA THR D 103 12.17 21.54 -5.30
C THR D 103 10.68 21.32 -5.02
N PHE D 104 10.30 20.08 -4.69
CA PHE D 104 8.94 19.71 -4.22
C PHE D 104 9.07 18.77 -3.01
N ARG D 105 8.19 18.95 -2.02
CA ARG D 105 8.16 18.15 -0.77
C ARG D 105 7.64 16.76 -1.09
N PRO D 106 8.20 15.67 -0.50
CA PRO D 106 7.61 14.35 -0.65
C PRO D 106 6.24 14.27 0.04
N GLU D 107 5.26 13.67 -0.65
CA GLU D 107 4.00 13.17 -0.03
C GLU D 107 4.31 11.76 0.49
N VAL D 108 4.18 11.55 1.80
CA VAL D 108 4.54 10.27 2.46
C VAL D 108 3.24 9.57 2.90
N HIS D 109 3.10 8.30 2.53
CA HIS D 109 1.93 7.43 2.83
C HIS D 109 2.44 6.10 3.39
N LEU D 110 2.05 5.77 4.63
CA LEU D 110 2.31 4.45 5.24
C LEU D 110 1.00 3.65 5.17
N LEU D 111 1.00 2.56 4.40
CA LEU D 111 -0.20 1.77 4.07
C LEU D 111 -0.22 0.53 4.96
N PRO D 112 -1.39 0.16 5.53
CA PRO D 112 -1.48 -0.98 6.45
C PRO D 112 -1.33 -2.30 5.71
N PRO D 113 -1.10 -3.42 6.41
CA PRO D 113 -0.94 -4.72 5.75
C PRO D 113 -2.28 -5.21 5.20
N PRO D 114 -2.28 -5.90 4.04
CA PRO D 114 -3.54 -6.35 3.42
C PRO D 114 -4.19 -7.49 4.21
N SER D 115 -5.54 -7.55 4.16
CA SER D 115 -6.40 -8.57 4.83
C SER D 115 -5.85 -9.98 4.63
N GLU D 116 -5.35 -10.28 3.41
CA GLU D 116 -4.78 -11.58 2.99
C GLU D 116 -3.70 -12.03 3.98
N GLU D 117 -2.70 -11.17 4.23
CA GLU D 117 -1.53 -11.47 5.10
C GLU D 117 -1.97 -11.62 6.56
N LEU D 118 -2.80 -10.69 7.03
CA LEU D 118 -3.35 -10.66 8.43
C LEU D 118 -3.98 -12.02 8.77
N ALA D 119 -4.82 -12.55 7.88
CA ALA D 119 -5.55 -13.84 8.03
C ALA D 119 -4.55 -15.00 8.16
N LEU D 120 -3.50 -15.03 7.35
CA LEU D 120 -2.45 -16.09 7.35
C LEU D 120 -1.65 -16.05 8.67
N ASN D 121 -1.57 -14.87 9.30
CA ASN D 121 -1.12 -14.66 10.71
C ASN D 121 0.31 -15.20 10.93
N GLU D 122 1.19 -15.04 9.94
CA GLU D 122 2.66 -15.26 10.04
C GLU D 122 3.32 -13.87 10.04
N LEU D 123 4.02 -13.49 8.97
CA LEU D 123 4.56 -12.12 8.78
C LEU D 123 3.55 -11.31 7.95
N VAL D 124 3.40 -10.02 8.27
CA VAL D 124 2.57 -9.04 7.52
C VAL D 124 3.51 -7.93 7.03
N THR D 125 3.14 -7.25 5.95
CA THR D 125 4.01 -6.30 5.22
C THR D 125 3.45 -4.88 5.36
N LEU D 126 4.27 -3.95 5.84
CA LEU D 126 3.98 -2.48 5.86
C LEU D 126 4.71 -1.84 4.68
N THR D 127 4.02 -1.00 3.92
CA THR D 127 4.48 -0.38 2.66
C THR D 127 4.56 1.13 2.88
N CYS D 128 5.77 1.69 2.86
CA CYS D 128 6.01 3.16 2.90
C CYS D 128 6.17 3.64 1.46
N LEU D 129 5.35 4.61 1.05
CA LEU D 129 5.40 5.27 -0.29
C LEU D 129 5.72 6.75 -0.06
N ALA D 130 6.89 7.19 -0.52
CA ALA D 130 7.25 8.63 -0.64
C ALA D 130 7.16 9.00 -2.12
N ARG D 131 6.45 10.07 -2.44
CA ARG D 131 5.94 10.39 -3.79
C ARG D 131 5.91 11.90 -4.00
N GLY D 132 6.25 12.37 -5.21
CA GLY D 132 5.97 13.73 -5.69
C GLY D 132 7.05 14.75 -5.36
N PHE D 133 8.31 14.30 -5.17
CA PHE D 133 9.48 15.10 -4.72
C PHE D 133 10.47 15.26 -5.89
N SER D 134 11.06 16.46 -6.06
CA SER D 134 11.73 16.88 -7.33
C SER D 134 13.19 16.48 -7.38
N PRO D 135 14.01 16.67 -6.32
CA PRO D 135 15.34 16.06 -6.27
C PRO D 135 15.19 14.57 -5.95
N LYS D 136 15.86 13.71 -6.72
CA LYS D 136 15.77 12.22 -6.61
C LYS D 136 16.20 11.75 -5.21
N ASP D 137 17.13 12.46 -4.57
CA ASP D 137 17.80 12.01 -3.31
C ASP D 137 16.79 12.00 -2.16
N VAL D 138 16.61 10.85 -1.51
CA VAL D 138 15.73 10.64 -0.32
C VAL D 138 16.33 9.60 0.61
N LEU D 139 16.16 9.81 1.91
CA LEU D 139 16.39 8.82 2.98
C LEU D 139 15.05 8.22 3.37
N VAL D 140 15.02 6.91 3.62
CA VAL D 140 13.87 6.18 4.22
C VAL D 140 14.39 5.35 5.40
N ARG D 141 13.81 5.57 6.59
CA ARG D 141 14.12 4.82 7.84
C ARG D 141 12.80 4.40 8.49
N TRP D 142 12.87 3.42 9.39
CA TRP D 142 11.68 2.79 10.04
C TRP D 142 11.81 2.82 11.57
N LEU D 143 10.67 3.02 12.25
CA LEU D 143 10.50 2.78 13.71
C LEU D 143 9.53 1.62 13.91
N GLN D 144 9.82 0.72 14.85
CA GLN D 144 8.82 -0.08 15.61
C GLN D 144 8.80 0.46 17.03
N GLY D 145 7.64 0.92 17.52
CA GLY D 145 7.53 1.72 18.75
C GLY D 145 8.35 2.98 18.63
N SER D 146 9.22 3.25 19.62
CA SER D 146 10.22 4.35 19.59
C SER D 146 11.60 3.82 19.18
N GLN D 147 11.72 2.52 18.84
CA GLN D 147 13.00 1.88 18.40
C GLN D 147 13.15 2.01 16.88
N GLU D 148 14.26 2.57 16.41
CA GLU D 148 14.68 2.55 14.99
C GLU D 148 15.14 1.14 14.62
N LEU D 149 14.59 0.58 13.54
CA LEU D 149 15.00 -0.74 13.00
C LEU D 149 16.27 -0.55 12.18
N PRO D 150 17.25 -1.47 12.27
CA PRO D 150 18.45 -1.39 11.42
C PRO D 150 18.11 -1.68 9.95
N ARG D 151 18.83 -1.03 9.02
CA ARG D 151 18.68 -1.13 7.54
C ARG D 151 18.35 -2.55 7.11
N GLU D 152 19.05 -3.55 7.68
CA GLU D 152 18.98 -4.99 7.31
C GLU D 152 17.58 -5.59 7.53
N LYS D 153 16.71 -4.93 8.32
CA LYS D 153 15.37 -5.46 8.70
C LYS D 153 14.26 -4.96 7.75
N TYR D 154 14.58 -4.12 6.76
CA TYR D 154 13.60 -3.64 5.75
C TYR D 154 14.26 -3.50 4.37
N LEU D 155 13.42 -3.37 3.33
CA LEU D 155 13.81 -3.28 1.91
C LEU D 155 13.32 -1.95 1.35
N THR D 156 14.25 -1.12 0.87
CA THR D 156 13.98 0.19 0.20
C THR D 156 14.44 0.11 -1.26
N TRP D 157 13.56 0.45 -2.19
CA TRP D 157 13.85 0.57 -3.64
C TRP D 157 14.56 1.91 -3.89
N ALA D 158 15.14 2.10 -5.08
CA ALA D 158 15.82 3.34 -5.48
C ALA D 158 14.77 4.34 -5.95
N SER D 159 15.00 5.63 -5.71
CA SER D 159 14.15 6.75 -6.17
C SER D 159 14.14 6.77 -7.71
N ARG D 160 12.95 6.70 -8.32
CA ARG D 160 12.77 6.65 -9.81
C ARG D 160 11.78 7.75 -10.23
N GLN D 161 11.97 8.32 -11.43
CA GLN D 161 11.13 9.41 -11.99
C GLN D 161 9.71 8.89 -12.25
N GLU D 162 8.70 9.68 -11.85
CA GLU D 162 7.25 9.37 -12.05
C GLU D 162 6.81 9.81 -13.45
N PRO D 163 5.74 9.21 -14.02
CA PRO D 163 5.11 9.76 -15.22
C PRO D 163 4.49 11.16 -14.99
N SER D 164 4.79 12.11 -15.89
CA SER D 164 4.17 13.45 -15.97
C SER D 164 4.65 14.19 -17.23
N GLN D 165 3.73 14.80 -17.98
CA GLN D 165 4.03 15.82 -19.03
C GLN D 165 4.44 17.13 -18.35
N GLY D 166 3.94 17.40 -17.14
CA GLY D 166 4.20 18.62 -16.35
C GLY D 166 5.55 18.58 -15.66
N THR D 167 5.56 18.78 -14.33
CA THR D 167 6.79 18.91 -13.50
C THR D 167 7.44 17.53 -13.28
N THR D 168 8.77 17.51 -13.17
CA THR D 168 9.59 16.28 -12.96
C THR D 168 9.66 15.98 -11.46
N THR D 169 8.85 14.99 -11.01
CA THR D 169 8.85 14.46 -9.62
C THR D 169 9.44 13.05 -9.60
N PHE D 170 9.83 12.58 -8.41
CA PHE D 170 10.34 11.21 -8.14
C PHE D 170 9.47 10.56 -7.06
N ALA D 171 9.54 9.23 -7.00
CA ALA D 171 8.86 8.37 -6.01
C ALA D 171 9.81 7.27 -5.55
N VAL D 172 9.71 6.87 -4.28
CA VAL D 172 10.44 5.72 -3.71
C VAL D 172 9.45 4.93 -2.83
N THR D 173 9.66 3.61 -2.74
CA THR D 173 8.88 2.68 -1.89
C THR D 173 9.84 1.99 -0.93
N SER D 174 9.32 1.57 0.23
CA SER D 174 10.04 0.78 1.25
C SER D 174 9.04 -0.15 1.95
N ILE D 175 9.53 -1.32 2.35
CA ILE D 175 8.71 -2.49 2.77
C ILE D 175 9.33 -3.03 4.06
N LEU D 176 8.58 -2.99 5.17
CA LEU D 176 8.97 -3.56 6.49
C LEU D 176 8.03 -4.75 6.80
N ARG D 177 8.62 -5.94 6.96
CA ARG D 177 7.89 -7.18 7.35
C ARG D 177 8.03 -7.38 8.87
N VAL D 178 6.89 -7.51 9.55
CA VAL D 178 6.79 -7.58 11.04
C VAL D 178 5.83 -8.72 11.40
N ALA D 179 6.05 -9.34 12.55
CA ALA D 179 5.22 -10.44 13.11
C ALA D 179 3.77 -9.98 13.24
N ALA D 180 2.82 -10.83 12.83
CA ALA D 180 1.36 -10.63 13.01
C ALA D 180 1.05 -10.33 14.48
N GLU D 181 1.68 -11.09 15.40
CA GLU D 181 1.60 -10.89 16.88
C GLU D 181 1.76 -9.40 17.20
N ASP D 182 2.93 -8.85 16.84
CA ASP D 182 3.34 -7.44 17.14
C ASP D 182 2.25 -6.49 16.62
N TRP D 183 1.82 -6.65 15.36
CA TRP D 183 0.76 -5.81 14.74
C TRP D 183 -0.55 -5.94 15.54
N LYS D 184 -0.89 -7.15 15.99
CA LYS D 184 -2.16 -7.45 16.68
C LYS D 184 -2.12 -6.96 18.14
N LYS D 185 -0.95 -6.90 18.79
CA LYS D 185 -0.78 -6.32 20.16
C LYS D 185 -1.11 -4.83 20.18
N GLY D 186 -1.00 -4.15 19.03
CA GLY D 186 -1.22 -2.70 18.87
C GLY D 186 0.07 -1.90 18.78
N ASP D 187 1.21 -2.56 18.52
CA ASP D 187 2.53 -1.89 18.33
C ASP D 187 2.40 -0.85 17.21
N THR D 188 3.10 0.27 17.35
CA THR D 188 3.18 1.34 16.32
C THR D 188 4.32 0.99 15.36
N PHE D 189 4.17 1.36 14.09
CA PHE D 189 5.22 1.27 13.06
C PHE D 189 5.23 2.60 12.31
N SER D 190 6.41 3.19 12.13
CA SER D 190 6.61 4.49 11.43
C SER D 190 7.63 4.30 10.31
N CYS D 191 7.42 4.98 9.19
CA CYS D 191 8.48 5.27 8.19
C CYS D 191 8.77 6.77 8.24
N MET D 192 10.06 7.12 8.30
CA MET D 192 10.58 8.50 8.31
C MET D 192 11.26 8.74 6.96
N VAL D 193 10.86 9.80 6.26
CA VAL D 193 11.37 10.15 4.91
C VAL D 193 12.19 11.43 5.05
N GLY D 194 13.50 11.34 4.78
CA GLY D 194 14.43 12.49 4.74
C GLY D 194 14.51 13.10 3.35
N HIS D 195 14.43 14.43 3.24
CA HIS D 195 14.47 15.13 1.93
C HIS D 195 14.82 16.62 2.09
N GLU D 196 15.61 17.15 1.14
CA GLU D 196 16.16 18.54 1.10
C GLU D 196 15.06 19.60 1.21
N ALA D 197 13.90 19.35 0.61
CA ALA D 197 12.77 20.30 0.45
C ALA D 197 11.85 20.31 1.69
N LEU D 198 11.99 19.36 2.61
CA LEU D 198 11.17 19.31 3.85
C LEU D 198 11.63 20.39 4.81
N PRO D 199 10.72 21.25 5.34
CA PRO D 199 11.11 22.33 6.25
C PRO D 199 11.65 21.83 7.60
N LEU D 200 11.24 20.62 8.02
CA LEU D 200 11.69 19.94 9.27
C LEU D 200 12.59 18.73 8.94
N ALA D 201 13.26 18.73 7.78
CA ALA D 201 14.29 17.75 7.37
C ALA D 201 13.67 16.37 7.07
N PHE D 202 12.90 15.81 8.00
CA PHE D 202 12.18 14.52 7.88
C PHE D 202 10.67 14.74 7.99
N THR D 203 9.90 13.84 7.37
CA THR D 203 8.43 13.68 7.55
C THR D 203 8.20 12.26 8.05
N GLN D 204 7.34 12.10 9.05
CA GLN D 204 7.07 10.81 9.74
C GLN D 204 5.60 10.49 9.57
N LYS D 205 5.27 9.25 9.20
CA LYS D 205 3.89 8.71 9.23
C LYS D 205 3.91 7.47 10.11
N THR D 206 2.96 7.40 11.05
CA THR D 206 2.86 6.35 12.09
C THR D 206 1.51 5.66 11.91
N ILE D 207 1.53 4.33 11.75
CA ILE D 207 0.32 3.47 11.56
C ILE D 207 0.29 2.46 12.71
N ASP D 208 -0.91 2.17 13.21
CA ASP D 208 -1.22 1.02 14.10
C ASP D 208 -2.49 0.35 13.58
N ARG D 209 -2.82 -0.81 14.16
CA ARG D 209 -4.07 -1.58 13.84
C ARG D 209 -5.32 -0.81 14.31
N LEU D 210 -5.20 0.08 15.30
CA LEU D 210 -6.34 0.79 15.94
C LEU D 210 -6.91 1.89 15.02
N ALA D 211 -6.19 2.31 13.98
CA ALA D 211 -6.65 3.30 12.97
C ALA D 211 -6.12 2.91 11.58
N GLU E 20 28.96 4.99 28.73
CA GLU E 20 27.68 5.13 29.51
C GLU E 20 26.93 6.37 29.03
N VAL E 21 25.61 6.26 28.88
CA VAL E 21 24.69 7.37 28.51
C VAL E 21 24.73 8.39 29.65
N GLN E 22 24.85 9.69 29.33
CA GLN E 22 24.81 10.79 30.31
C GLN E 22 24.06 11.98 29.72
N LEU E 23 23.21 12.62 30.53
CA LEU E 23 22.44 13.85 30.19
C LEU E 23 22.68 14.88 31.29
N LEU E 24 23.23 16.05 30.95
CA LEU E 24 23.42 17.18 31.90
C LEU E 24 22.52 18.36 31.48
N GLU E 25 21.44 18.60 32.25
CA GLU E 25 20.57 19.79 32.10
C GLU E 25 21.29 21.02 32.65
N SER E 26 21.15 22.16 32.00
CA SER E 26 21.56 23.50 32.50
C SER E 26 20.56 24.55 32.00
N GLY E 27 20.60 25.75 32.60
CA GLY E 27 19.78 26.91 32.20
C GLY E 27 18.83 27.36 33.28
N GLY E 28 18.51 26.48 34.25
CA GLY E 28 17.54 26.74 35.33
C GLY E 28 17.92 27.94 36.17
N GLY E 29 16.93 28.57 36.80
CA GLY E 29 17.11 29.74 37.68
C GLY E 29 15.85 30.56 37.78
N LEU E 30 15.96 31.80 38.25
CA LEU E 30 14.82 32.73 38.45
C LEU E 30 14.44 33.36 37.11
N VAL E 31 13.13 33.46 36.85
CA VAL E 31 12.55 34.21 35.69
C VAL E 31 11.26 34.88 36.18
N GLN E 32 11.00 36.12 35.78
CA GLN E 32 9.78 36.87 36.21
C GLN E 32 8.59 36.34 35.42
N PRO E 33 7.36 36.31 36.00
CA PRO E 33 6.16 35.93 35.25
C PRO E 33 6.02 36.71 33.93
N GLY E 34 5.74 36.00 32.83
CA GLY E 34 5.75 36.54 31.46
C GLY E 34 7.12 36.45 30.82
N GLY E 35 8.16 36.12 31.59
CA GLY E 35 9.56 36.05 31.12
C GLY E 35 9.79 34.81 30.27
N SER E 36 10.97 34.71 29.68
CA SER E 36 11.41 33.53 28.89
C SER E 36 12.72 32.99 29.45
N LEU E 37 12.93 31.68 29.33
CA LEU E 37 14.14 30.95 29.74
C LEU E 37 14.48 29.93 28.66
N ARG E 38 15.75 29.58 28.53
CA ARG E 38 16.23 28.48 27.65
C ARG E 38 16.96 27.46 28.52
N LEU E 39 16.47 26.21 28.53
CA LEU E 39 17.18 25.05 29.13
C LEU E 39 17.97 24.34 28.01
N SER E 40 19.22 23.98 28.31
CA SER E 40 20.09 23.12 27.48
C SER E 40 20.18 21.74 28.14
N CYS E 41 20.51 20.72 27.37
CA CYS E 41 20.72 19.33 27.85
C CYS E 41 21.79 18.66 26.98
N ALA E 42 23.02 18.58 27.50
CA ALA E 42 24.20 18.00 26.80
C ALA E 42 24.15 16.46 26.93
N ALA E 43 24.13 15.77 25.79
CA ALA E 43 24.15 14.29 25.68
C ALA E 43 25.60 13.81 25.55
N SER E 44 25.92 12.66 26.16
CA SER E 44 27.24 11.99 26.07
C SER E 44 27.03 10.48 25.98
N GLY E 45 27.90 9.78 25.25
CA GLY E 45 27.90 8.31 25.13
C GLY E 45 26.74 7.79 24.30
N PHE E 46 26.05 8.67 23.57
CA PHE E 46 25.01 8.35 22.56
C PHE E 46 24.78 9.61 21.71
N THR E 47 24.20 9.44 20.53
CA THR E 47 23.86 10.55 19.59
C THR E 47 22.38 10.88 19.73
N SER E 48 22.05 12.05 20.30
CA SER E 48 20.66 12.49 20.63
C SER E 48 19.78 12.57 19.37
N SER E 49 20.37 12.71 18.18
CA SER E 49 19.64 12.73 16.87
C SER E 49 18.98 11.37 16.61
N ASN E 50 19.63 10.26 17.00
CA ASN E 50 19.26 8.87 16.62
C ASN E 50 18.15 8.30 17.52
N TYR E 51 17.52 9.11 18.38
CA TYR E 51 16.51 8.65 19.39
C TYR E 51 15.39 9.68 19.54
N LEU E 52 14.24 9.20 20.02
CA LEU E 52 13.16 10.05 20.57
C LEU E 52 13.67 10.64 21.90
N MET E 53 13.77 11.97 21.96
CA MET E 53 14.27 12.74 23.12
C MET E 53 13.12 13.58 23.68
N SER E 54 13.04 13.71 25.01
CA SER E 54 11.90 14.35 25.71
C SER E 54 12.39 15.27 26.84
N TRP E 55 11.59 16.28 27.16
CA TRP E 55 11.62 17.04 28.43
C TRP E 55 10.46 16.56 29.30
N VAL E 56 10.71 16.30 30.59
CA VAL E 56 9.69 15.89 31.61
C VAL E 56 9.93 16.76 32.85
N ARG E 57 8.86 17.32 33.42
CA ARG E 57 8.95 18.32 34.51
C ARG E 57 8.22 17.80 35.75
N GLN E 58 8.62 18.29 36.91
CA GLN E 58 8.04 17.91 38.23
C GLN E 58 8.08 19.13 39.15
N ALA E 59 6.93 19.77 39.37
CA ALA E 59 6.75 20.88 40.33
C ALA E 59 7.08 20.36 41.73
N PRO E 60 7.66 21.18 42.63
CA PRO E 60 8.12 20.68 43.92
C PRO E 60 6.97 20.07 44.72
N GLY E 61 7.13 18.81 45.15
CA GLY E 61 6.12 18.06 45.94
C GLY E 61 5.13 17.28 45.09
N LYS E 62 5.06 17.51 43.77
CA LYS E 62 3.96 17.01 42.89
C LYS E 62 4.52 15.99 41.90
N GLY E 63 3.71 15.59 40.91
CA GLY E 63 3.95 14.42 40.03
C GLY E 63 4.68 14.76 38.75
N LEU E 64 5.12 13.73 38.02
CA LEU E 64 5.83 13.85 36.72
C LEU E 64 4.82 14.29 35.65
N GLU E 65 5.20 15.27 34.84
CA GLU E 65 4.43 15.76 33.68
C GLU E 65 5.36 15.81 32.47
N TRP E 66 5.11 14.95 31.48
CA TRP E 66 5.70 15.03 30.12
C TRP E 66 5.40 16.42 29.54
N VAL E 67 6.42 17.08 28.99
CA VAL E 67 6.37 18.49 28.48
C VAL E 67 6.43 18.43 26.95
N SER E 68 7.53 17.89 26.40
CA SER E 68 7.79 17.85 24.94
C SER E 68 8.57 16.58 24.56
N SER E 69 8.32 16.08 23.36
CA SER E 69 9.14 15.06 22.67
C SER E 69 9.63 15.67 21.35
N ILE E 70 10.81 15.25 20.89
CA ILE E 70 11.32 15.47 19.51
C ILE E 70 11.74 14.11 18.97
N TYR E 71 11.16 13.70 17.84
CA TYR E 71 11.37 12.36 17.23
C TYR E 71 12.73 12.33 16.53
N HIS E 72 13.13 11.13 16.11
CA HIS E 72 14.48 10.79 15.58
C HIS E 72 14.80 11.70 14.39
N TYR E 73 16.01 12.26 14.34
CA TYR E 73 16.63 12.92 13.15
C TYR E 73 15.99 14.28 12.84
N GLY E 74 14.69 14.31 12.57
CA GLY E 74 13.98 15.53 12.13
C GLY E 74 13.74 16.52 13.26
N HIS E 75 12.91 17.53 12.97
CA HIS E 75 12.43 18.57 13.92
C HIS E 75 10.92 18.44 14.13
N ASN E 76 10.40 17.21 14.12
N ASN E 76 10.40 17.20 14.13
CA ASN E 76 8.97 16.88 14.37
CA ASN E 76 8.98 16.87 14.37
C ASN E 76 8.77 16.75 15.87
C ASN E 76 8.75 16.74 15.87
N ALA E 77 8.13 17.75 16.48
CA ALA E 77 7.96 17.89 17.94
C ALA E 77 6.49 17.70 18.33
N TYR E 78 6.27 17.21 19.55
CA TYR E 78 4.95 17.12 20.22
C TYR E 78 5.06 17.79 21.60
N TYR E 79 3.95 18.36 22.08
CA TYR E 79 3.88 19.20 23.29
C TYR E 79 2.63 18.82 24.10
N ALA E 80 2.73 18.85 25.44
CA ALA E 80 1.57 18.86 26.37
C ALA E 80 0.77 20.16 26.14
N ASP E 81 -0.56 20.09 26.25
CA ASP E 81 -1.51 21.22 25.99
C ASP E 81 -1.28 22.33 27.03
N SER E 82 -0.88 21.97 28.25
CA SER E 82 -0.48 22.91 29.34
C SER E 82 0.66 23.83 28.90
N VAL E 83 1.40 23.44 27.86
CA VAL E 83 2.68 24.07 27.40
C VAL E 83 2.58 24.55 25.93
N LYS E 84 1.49 24.22 25.21
CA LYS E 84 1.36 24.45 23.74
C LYS E 84 1.33 25.96 23.44
N GLY E 85 2.00 26.39 22.38
CA GLY E 85 2.06 27.79 21.91
C GLY E 85 3.03 28.65 22.71
N ARG E 86 3.82 28.06 23.62
CA ARG E 86 4.75 28.77 24.55
C ARG E 86 6.15 28.16 24.47
N PHE E 87 6.26 26.86 24.75
CA PHE E 87 7.55 26.11 24.79
C PHE E 87 7.88 25.60 23.38
N THR E 88 9.18 25.47 23.07
CA THR E 88 9.72 24.91 21.82
C THR E 88 10.91 23.99 22.15
N ILE E 89 10.79 22.70 21.81
CA ILE E 89 11.90 21.69 21.93
C ILE E 89 12.75 21.81 20.65
N SER E 90 14.06 22.06 20.83
CA SER E 90 15.07 22.15 19.74
C SER E 90 16.13 21.07 19.96
N ARG E 91 16.86 20.73 18.90
CA ARG E 91 18.05 19.83 18.94
C ARG E 91 19.13 20.42 18.03
N ASP E 92 20.40 20.35 18.46
CA ASP E 92 21.60 20.86 17.75
C ASP E 92 22.62 19.73 17.71
N ASN E 93 22.78 19.09 16.54
CA ASN E 93 23.50 17.80 16.39
C ASN E 93 25.01 18.01 16.49
N SER E 94 25.52 19.19 16.12
CA SER E 94 26.97 19.55 16.18
C SER E 94 27.47 19.56 17.64
N LYS E 95 26.66 20.07 18.57
CA LYS E 95 26.94 20.10 20.03
C LYS E 95 26.40 18.85 20.72
N ASN E 96 25.46 18.12 20.09
CA ASN E 96 24.75 16.93 20.65
C ASN E 96 24.00 17.37 21.92
N THR E 97 23.29 18.50 21.85
CA THR E 97 22.52 19.05 22.99
C THR E 97 21.05 19.22 22.58
N LEU E 98 20.15 19.03 23.54
CA LEU E 98 18.69 19.25 23.44
C LEU E 98 18.37 20.57 24.13
N TYR E 99 17.43 21.35 23.59
CA TYR E 99 16.97 22.64 24.15
C TYR E 99 15.48 22.58 24.41
N LEU E 100 15.03 23.35 25.41
CA LEU E 100 13.61 23.73 25.60
C LEU E 100 13.57 25.26 25.73
N GLN E 101 13.10 25.94 24.69
CA GLN E 101 12.79 27.39 24.74
C GLN E 101 11.45 27.54 25.46
N MET E 102 11.42 28.30 26.56
CA MET E 102 10.22 28.52 27.40
C MET E 102 9.86 30.02 27.36
N ASN E 103 8.63 30.36 26.95
CA ASN E 103 8.13 31.76 26.83
C ASN E 103 6.86 31.93 27.67
N SER E 104 6.49 33.17 27.98
CA SER E 104 5.25 33.55 28.72
C SER E 104 5.09 32.68 29.97
N LEU E 105 6.14 32.60 30.79
CA LEU E 105 6.22 31.64 31.93
C LEU E 105 5.35 32.12 33.09
N ARG E 106 4.78 31.17 33.83
CA ARG E 106 3.77 31.37 34.90
C ARG E 106 4.22 30.62 36.16
N ALA E 107 3.67 30.96 37.32
CA ALA E 107 3.88 30.26 38.62
C ALA E 107 3.78 28.74 38.43
N GLU E 108 2.81 28.29 37.63
CA GLU E 108 2.48 26.85 37.39
C GLU E 108 3.61 26.13 36.62
N ASP E 109 4.52 26.87 35.99
CA ASP E 109 5.70 26.30 35.25
C ASP E 109 6.91 26.11 36.19
N THR E 110 6.86 26.60 37.44
CA THR E 110 7.88 26.32 38.47
C THR E 110 8.00 24.80 38.59
N ALA E 111 9.18 24.23 38.33
CA ALA E 111 9.43 22.78 38.34
C ALA E 111 10.91 22.45 38.13
N VAL E 112 11.32 21.24 38.53
CA VAL E 112 12.55 20.58 38.02
C VAL E 112 12.21 20.07 36.62
N TYR E 113 13.02 20.46 35.63
CA TYR E 113 12.93 20.03 34.22
C TYR E 113 14.02 18.99 33.96
N TYR E 114 13.59 17.76 33.67
CA TYR E 114 14.45 16.61 33.26
C TYR E 114 14.44 16.51 31.73
N CYS E 115 15.58 16.31 31.10
CA CYS E 115 15.68 15.73 29.73
C CYS E 115 15.87 14.23 29.87
N ALA E 116 15.24 13.45 28.99
CA ALA E 116 15.22 11.97 29.04
C ALA E 116 15.37 11.39 27.64
N LYS E 117 16.15 10.31 27.52
CA LYS E 117 16.33 9.52 26.28
C LYS E 117 15.28 8.40 26.29
N VAL E 118 14.45 8.31 25.25
CA VAL E 118 13.45 7.22 25.09
C VAL E 118 14.15 6.02 24.44
N ASP E 119 13.90 4.81 24.95
CA ASP E 119 14.42 3.54 24.38
C ASP E 119 13.43 3.02 23.33
N SER E 120 12.97 1.77 23.44
CA SER E 120 12.31 1.01 22.34
C SER E 120 10.80 1.19 22.38
N ALA E 121 10.23 1.51 23.55
CA ALA E 121 8.79 1.34 23.85
C ALA E 121 8.20 2.57 24.55
N TYR E 122 8.57 3.78 24.13
CA TYR E 122 8.07 5.06 24.69
C TYR E 122 8.35 5.08 26.20
N ASP E 123 9.53 4.60 26.58
CA ASP E 123 9.99 4.41 27.98
C ASP E 123 11.23 5.29 28.18
N PHE E 124 11.25 6.08 29.26
CA PHE E 124 12.36 6.99 29.63
C PHE E 124 13.48 6.15 30.28
N GLY E 125 14.41 5.64 29.47
CA GLY E 125 15.48 4.73 29.92
C GLY E 125 16.58 5.45 30.68
N SER E 126 16.93 6.67 30.24
CA SER E 126 18.05 7.48 30.79
C SER E 126 17.53 8.88 31.08
N TRP E 127 17.74 9.35 32.31
CA TRP E 127 17.31 10.68 32.82
C TRP E 127 18.54 11.49 33.23
N GLY E 128 18.50 12.81 33.00
CA GLY E 128 19.46 13.74 33.61
C GLY E 128 19.15 13.96 35.08
N GLN E 129 19.92 14.84 35.74
CA GLN E 129 19.82 15.13 37.21
C GLN E 129 18.73 16.17 37.45
N GLY E 130 18.39 16.96 36.43
CA GLY E 130 17.27 17.92 36.42
C GLY E 130 17.75 19.35 36.70
N THR E 131 17.00 20.34 36.22
CA THR E 131 17.29 21.78 36.46
C THR E 131 16.00 22.49 36.91
N LEU E 132 16.06 23.21 38.03
CA LEU E 132 14.90 23.87 38.69
C LEU E 132 14.72 25.27 38.09
N VAL E 133 13.60 25.47 37.40
CA VAL E 133 13.13 26.81 36.93
C VAL E 133 12.18 27.34 38.00
N THR E 134 12.44 28.54 38.52
CA THR E 134 11.59 29.24 39.52
C THR E 134 10.97 30.46 38.84
N VAL E 135 9.64 30.47 38.66
CA VAL E 135 8.88 31.63 38.12
C VAL E 135 8.32 32.41 39.31
N SER E 136 8.77 33.65 39.51
CA SER E 136 8.53 34.46 40.74
C SER E 136 8.81 35.94 40.46
N SER E 137 8.04 36.82 41.12
CA SER E 137 8.20 38.29 41.11
C SER E 137 9.40 38.72 41.98
N ALA E 138 9.85 37.84 42.88
CA ALA E 138 10.96 38.09 43.83
C ALA E 138 12.28 38.31 43.07
N SER E 139 13.33 38.71 43.79
CA SER E 139 14.69 39.01 43.27
C SER E 139 15.67 37.89 43.63
N THR E 140 16.64 37.63 42.75
CA THR E 140 17.76 36.67 42.98
C THR E 140 18.66 37.25 44.07
N LYS E 141 19.02 36.44 45.07
CA LYS E 141 19.98 36.81 46.14
C LYS E 141 20.98 35.67 46.35
N GLY E 142 22.28 35.97 46.28
CA GLY E 142 23.37 35.01 46.52
C GLY E 142 23.47 34.63 47.99
N PRO E 143 23.89 33.38 48.32
CA PRO E 143 24.05 32.95 49.70
C PRO E 143 25.28 33.56 50.36
N SER E 144 25.25 33.68 51.69
CA SER E 144 26.43 33.88 52.57
C SER E 144 26.79 32.51 53.16
N VAL E 145 28.01 32.04 52.93
CA VAL E 145 28.54 30.74 53.45
C VAL E 145 29.33 31.03 54.73
N PHE E 146 29.07 30.29 55.80
CA PHE E 146 29.81 30.37 57.09
C PHE E 146 30.26 28.97 57.49
N PRO E 147 31.46 28.83 58.10
CA PRO E 147 31.94 27.55 58.59
C PRO E 147 31.23 27.20 59.91
N LEU E 148 30.76 25.95 60.03
CA LEU E 148 30.28 25.35 61.29
C LEU E 148 31.43 24.51 61.87
N ALA E 149 32.27 25.14 62.69
CA ALA E 149 33.54 24.61 63.22
C ALA E 149 33.28 23.38 64.09
N PRO E 150 34.16 22.35 64.07
CA PRO E 150 33.97 21.17 64.93
C PRO E 150 34.20 21.44 66.43
N SER E 151 33.74 20.52 67.27
CA SER E 151 33.85 20.53 68.75
C SER E 151 35.31 20.49 69.20
N SER E 152 35.57 20.88 70.46
CA SER E 152 36.91 21.09 71.06
C SER E 152 37.65 19.77 71.26
N LYS E 153 36.97 18.73 71.74
CA LYS E 153 37.52 17.36 71.96
C LYS E 153 37.99 16.80 70.60
N SER E 154 39.30 16.87 70.33
CA SER E 154 39.95 16.49 69.05
C SER E 154 40.97 15.36 69.26
N THR E 155 40.77 14.50 70.28
CA THR E 155 41.67 13.36 70.61
C THR E 155 40.90 12.30 71.41
N SER E 156 40.29 11.34 70.71
CA SER E 156 39.58 10.16 71.28
C SER E 156 39.27 9.16 70.15
N GLY E 157 38.62 8.04 70.48
CA GLY E 157 38.12 7.05 69.51
C GLY E 157 36.88 7.52 68.74
N GLY E 158 36.18 8.57 69.24
CA GLY E 158 34.89 9.05 68.72
C GLY E 158 35.03 10.03 67.58
N THR E 159 33.89 10.45 67.00
CA THR E 159 33.79 11.33 65.80
C THR E 159 33.58 12.79 66.21
N ALA E 160 33.59 13.70 65.22
CA ALA E 160 33.26 15.14 65.36
C ALA E 160 32.45 15.59 64.13
N ALA E 161 31.40 16.40 64.36
CA ALA E 161 30.55 17.02 63.33
C ALA E 161 31.08 18.42 63.02
N LEU E 162 31.28 18.71 61.73
CA LEU E 162 31.58 20.06 61.21
C LEU E 162 30.72 20.27 59.96
N GLY E 163 30.54 21.51 59.51
CA GLY E 163 29.60 21.81 58.41
C GLY E 163 29.80 23.15 57.76
N CYS E 164 28.85 23.52 56.89
CA CYS E 164 28.76 24.82 56.20
C CYS E 164 27.30 25.31 56.28
N LEU E 165 27.10 26.52 56.82
CA LEU E 165 25.81 27.23 56.81
C LEU E 165 25.74 28.08 55.54
N VAL E 166 24.82 27.76 54.63
CA VAL E 166 24.56 28.51 53.37
C VAL E 166 23.30 29.36 53.61
N LYS E 167 23.51 30.65 53.90
CA LYS E 167 22.52 31.54 54.56
C LYS E 167 21.92 32.52 53.55
N ASP E 168 20.58 32.63 53.53
CA ASP E 168 19.80 33.74 52.92
C ASP E 168 20.01 33.82 51.41
N TYR E 169 19.58 32.81 50.67
CA TYR E 169 19.62 32.79 49.18
C TYR E 169 18.20 32.64 48.61
N PHE E 170 18.04 33.04 47.35
CA PHE E 170 16.82 32.82 46.54
C PHE E 170 17.19 32.88 45.06
N PRO E 171 16.60 32.04 44.17
CA PRO E 171 15.71 30.94 44.55
C PRO E 171 16.52 29.70 44.94
N GLU E 172 15.82 28.58 45.19
CA GLU E 172 16.43 27.24 45.16
C GLU E 172 16.97 26.99 43.74
N PRO E 173 17.94 26.07 43.51
CA PRO E 173 18.63 25.32 44.57
C PRO E 173 20.07 25.75 44.86
N VAL E 174 20.63 25.16 45.91
CA VAL E 174 22.07 25.17 46.27
C VAL E 174 22.55 23.72 46.26
N THR E 175 23.72 23.46 45.69
CA THR E 175 24.45 22.17 45.81
C THR E 175 25.65 22.39 46.73
N VAL E 176 25.91 21.45 47.63
CA VAL E 176 27.12 21.43 48.50
C VAL E 176 27.86 20.10 48.24
N SER E 177 29.14 20.19 47.88
CA SER E 177 30.11 19.06 47.89
C SER E 177 31.23 19.40 48.89
N TRP E 178 31.94 18.37 49.35
CA TRP E 178 33.11 18.50 50.26
C TRP E 178 34.37 18.00 49.54
N ASN E 179 35.42 18.83 49.51
CA ASN E 179 36.73 18.51 48.88
C ASN E 179 36.50 18.07 47.42
N SER E 180 35.72 18.87 46.68
CA SER E 180 35.42 18.70 45.23
C SER E 180 34.85 17.29 44.93
N GLY E 181 34.08 16.72 45.86
CA GLY E 181 33.41 15.41 45.69
C GLY E 181 34.18 14.25 46.26
N ALA E 182 35.46 14.43 46.60
CA ALA E 182 36.36 13.39 47.18
C ALA E 182 35.79 12.86 48.49
N LEU E 183 35.19 13.74 49.30
CA LEU E 183 34.62 13.40 50.63
C LEU E 183 33.09 13.26 50.49
N THR E 184 32.59 12.04 50.69
CA THR E 184 31.16 11.64 50.56
C THR E 184 30.70 10.88 51.79
N SER E 185 31.56 10.01 52.37
CA SER E 185 31.26 9.25 53.61
CA SER E 185 31.26 9.25 53.61
C SER E 185 31.01 10.24 54.77
N GLY E 186 29.88 10.08 55.46
CA GLY E 186 29.48 10.91 56.62
C GLY E 186 28.98 12.28 56.21
N VAL E 187 28.79 12.54 54.92
CA VAL E 187 28.29 13.85 54.40
C VAL E 187 26.76 13.79 54.44
N HIS E 188 26.13 14.84 54.98
CA HIS E 188 24.66 15.03 55.04
C HIS E 188 24.32 16.49 54.75
N THR E 189 23.80 16.78 53.55
CA THR E 189 23.30 18.12 53.15
C THR E 189 21.79 18.16 53.41
N PHE E 190 21.37 18.98 54.37
CA PHE E 190 19.97 19.04 54.86
C PHE E 190 19.11 19.82 53.87
N PRO E 191 17.84 19.41 53.63
CA PRO E 191 16.91 20.25 52.89
C PRO E 191 16.78 21.64 53.51
N ALA E 192 16.76 22.65 52.64
CA ALA E 192 16.71 24.09 53.00
C ALA E 192 15.42 24.41 53.77
N VAL E 193 15.52 25.33 54.74
CA VAL E 193 14.36 26.00 55.40
C VAL E 193 13.98 27.19 54.52
N LEU E 194 12.69 27.36 54.21
CA LEU E 194 12.13 28.63 53.69
C LEU E 194 11.77 29.51 54.90
N GLN E 195 12.44 30.64 55.04
CA GLN E 195 12.30 31.57 56.20
C GLN E 195 11.15 32.55 55.93
N SER E 196 10.71 33.26 56.97
CA SER E 196 9.65 34.30 56.93
C SER E 196 10.03 35.44 55.98
N SER E 197 11.33 35.68 55.77
CA SER E 197 11.89 36.68 54.82
C SER E 197 11.69 36.27 53.36
N GLY E 198 11.35 35.01 53.09
CA GLY E 198 11.21 34.44 51.72
C GLY E 198 12.54 33.94 51.16
N LEU E 199 13.62 34.03 51.94
CA LEU E 199 14.98 33.54 51.56
C LEU E 199 15.17 32.16 52.16
N TYR E 200 15.88 31.29 51.44
CA TYR E 200 16.23 29.93 51.90
C TYR E 200 17.55 30.01 52.69
N SER E 201 17.69 29.13 53.68
CA SER E 201 18.97 28.78 54.34
C SER E 201 19.11 27.25 54.34
N LEU E 202 20.31 26.71 54.17
CA LEU E 202 20.56 25.27 54.41
C LEU E 202 21.92 25.08 55.10
N SER E 203 22.14 23.86 55.57
CA SER E 203 23.36 23.41 56.26
C SER E 203 23.80 22.06 55.67
N SER E 204 25.09 21.89 55.47
CA SER E 204 25.75 20.60 55.13
C SER E 204 26.71 20.24 56.26
N VAL E 205 26.54 19.08 56.90
CA VAL E 205 27.40 18.60 58.01
C VAL E 205 28.16 17.35 57.54
N VAL E 206 29.40 17.17 58.01
CA VAL E 206 30.19 15.92 57.78
C VAL E 206 30.73 15.43 59.13
N THR E 207 30.44 14.17 59.45
CA THR E 207 31.00 13.42 60.61
C THR E 207 32.36 12.88 60.17
N VAL E 208 33.42 13.20 60.92
CA VAL E 208 34.83 12.79 60.63
C VAL E 208 35.49 12.36 61.94
N PRO E 209 36.60 11.59 61.88
CA PRO E 209 37.35 11.24 63.10
C PRO E 209 37.85 12.49 63.85
N SER E 210 37.75 12.49 65.18
CA SER E 210 38.19 13.59 66.08
C SER E 210 39.72 13.77 66.02
N SER E 211 40.48 12.66 66.08
CA SER E 211 41.96 12.63 66.08
C SER E 211 42.55 13.36 64.86
N SER E 212 41.83 13.36 63.72
CA SER E 212 42.29 13.86 62.40
C SER E 212 41.82 15.30 62.14
N LEU E 213 41.46 16.08 63.16
CA LEU E 213 40.80 17.41 62.98
C LEU E 213 41.85 18.46 62.57
N GLY E 214 43.03 18.43 63.19
CA GLY E 214 44.14 19.37 62.91
C GLY E 214 44.87 19.04 61.61
N THR E 215 44.88 17.76 61.22
CA THR E 215 45.67 17.21 60.09
C THR E 215 44.92 17.38 58.77
N GLN E 216 43.65 16.93 58.73
CA GLN E 216 42.82 16.85 57.51
C GLN E 216 42.25 18.23 57.17
N THR E 217 42.27 18.61 55.89
CA THR E 217 41.60 19.82 55.35
C THR E 217 40.20 19.42 54.92
N TYR E 218 39.19 20.16 55.38
CA TYR E 218 37.76 20.00 55.01
C TYR E 218 37.28 21.31 54.42
N ILE E 219 36.99 21.31 53.12
CA ILE E 219 36.47 22.49 52.36
C ILE E 219 35.12 22.11 51.75
N CYS E 220 34.07 22.89 52.06
CA CYS E 220 32.76 22.79 51.38
C CYS E 220 32.78 23.67 50.13
N ASN E 221 32.19 23.16 49.04
CA ASN E 221 32.11 23.81 47.71
C ASN E 221 30.63 24.11 47.47
N VAL E 222 30.22 25.36 47.74
CA VAL E 222 28.81 25.82 47.65
C VAL E 222 28.62 26.41 46.26
N ASN E 223 27.65 25.88 45.51
CA ASN E 223 27.25 26.41 44.19
C ASN E 223 25.79 26.87 44.30
N HIS E 224 25.54 28.13 43.96
CA HIS E 224 24.19 28.72 43.71
C HIS E 224 24.19 29.25 42.29
N LYS E 225 23.82 28.41 41.32
CA LYS E 225 23.88 28.72 39.86
C LYS E 225 23.03 29.94 39.53
N PRO E 226 21.79 30.08 40.06
CA PRO E 226 20.93 31.23 39.76
C PRO E 226 21.53 32.62 40.04
N SER E 227 22.48 32.74 40.97
CA SER E 227 23.19 34.00 41.32
C SER E 227 24.64 34.00 40.83
N ASN E 228 25.05 32.96 40.09
CA ASN E 228 26.46 32.71 39.67
C ASN E 228 27.41 32.91 40.87
N THR E 229 27.03 32.39 42.04
CA THR E 229 27.84 32.39 43.29
C THR E 229 28.42 30.98 43.48
N LYS E 230 29.73 30.83 43.29
CA LYS E 230 30.53 29.64 43.68
C LYS E 230 31.46 30.06 44.82
N VAL E 231 31.35 29.42 45.99
CA VAL E 231 32.18 29.73 47.19
C VAL E 231 32.84 28.44 47.67
N ASP E 232 34.15 28.49 47.92
CA ASP E 232 34.91 27.46 48.66
C ASP E 232 35.16 28.00 50.07
N LYS E 233 34.72 27.31 51.11
CA LYS E 233 34.93 27.70 52.53
C LYS E 233 35.63 26.55 53.27
N LYS E 234 36.85 26.81 53.76
CA LYS E 234 37.62 25.87 54.61
C LYS E 234 37.02 25.93 56.01
N VAL E 235 36.81 24.76 56.63
CA VAL E 235 36.20 24.61 57.97
C VAL E 235 37.27 24.07 58.93
N GLU E 236 37.92 25.00 59.66
CA GLU E 236 39.00 24.71 60.65
C GLU E 236 38.40 24.51 62.03
N PRO E 237 39.12 23.87 62.98
CA PRO E 237 38.70 23.85 64.38
C PRO E 237 38.73 25.25 65.02
N LYS E 238 38.07 25.40 66.17
CA LYS E 238 37.84 26.69 66.86
C LYS E 238 39.17 27.24 67.39
N SER E 239 39.26 28.57 67.56
CA SER E 239 40.46 29.31 68.05
C SER E 239 40.80 28.91 69.50
N CYS E 240 39.82 28.44 70.28
CA CYS E 240 39.98 27.95 71.68
C CYS E 240 40.42 26.48 71.73
N ASP E 241 40.67 25.84 70.56
CA ASP E 241 40.99 24.39 70.44
C ASP E 241 42.51 24.19 70.57
N LYS E 242 42.91 23.10 71.25
CA LYS E 242 44.32 22.61 71.37
C LYS E 242 44.35 21.11 71.10
N SER F 21 -5.37 15.09 30.49
CA SER F 21 -5.73 14.34 31.74
C SER F 21 -4.49 13.63 32.30
N VAL F 22 -4.68 12.75 33.28
CA VAL F 22 -3.61 11.98 34.00
C VAL F 22 -4.11 10.54 34.21
N LEU F 23 -3.29 9.54 33.92
CA LEU F 23 -3.59 8.10 34.23
C LEU F 23 -3.83 7.99 35.74
N THR F 24 -4.83 7.24 36.17
CA THR F 24 -5.33 7.28 37.57
C THR F 24 -4.63 6.21 38.40
N GLN F 25 -3.80 6.64 39.37
CA GLN F 25 -3.09 5.79 40.37
C GLN F 25 -3.63 6.09 41.77
N PRO F 26 -3.56 5.13 42.72
CA PRO F 26 -3.89 5.43 44.11
C PRO F 26 -2.81 6.32 44.73
N PRO F 27 -3.18 7.43 45.42
CA PRO F 27 -2.17 8.32 46.01
C PRO F 27 -1.18 7.60 46.94
N SER F 28 -1.56 6.47 47.55
CA SER F 28 -0.67 5.67 48.42
C SER F 28 -1.10 4.20 48.46
N VAL F 29 -0.14 3.28 48.58
CA VAL F 29 -0.33 1.87 49.03
C VAL F 29 0.66 1.63 50.17
N SER F 30 0.37 0.63 51.01
CA SER F 30 1.23 0.22 52.14
C SER F 30 1.23 -1.29 52.26
N GLY F 31 2.26 -1.84 52.91
CA GLY F 31 2.45 -3.29 53.10
C GLY F 31 3.37 -3.58 54.27
N ALA F 32 3.29 -4.82 54.79
CA ALA F 32 4.22 -5.38 55.79
C ALA F 32 5.44 -5.91 55.04
N PRO F 33 6.64 -5.95 55.68
CA PRO F 33 7.81 -6.61 55.09
C PRO F 33 7.50 -8.03 54.62
N GLY F 34 7.99 -8.42 53.44
CA GLY F 34 7.82 -9.77 52.87
C GLY F 34 6.49 -9.93 52.15
N GLN F 35 5.59 -8.93 52.22
CA GLN F 35 4.24 -8.94 51.61
C GLN F 35 4.38 -8.76 50.09
N ARG F 36 3.38 -9.23 49.33
CA ARG F 36 3.13 -8.84 47.92
C ARG F 36 2.15 -7.67 47.95
N VAL F 37 2.48 -6.56 47.28
CA VAL F 37 1.61 -5.36 47.15
C VAL F 37 1.47 -5.04 45.66
N THR F 38 0.36 -4.41 45.26
CA THR F 38 0.07 -4.01 43.86
C THR F 38 -0.25 -2.51 43.79
N ILE F 39 0.20 -1.85 42.72
CA ILE F 39 -0.13 -0.42 42.40
C ILE F 39 -0.82 -0.41 41.04
N SER F 40 -2.08 0.05 40.99
CA SER F 40 -2.94 0.07 39.78
C SER F 40 -2.75 1.39 39.02
N CYS F 41 -3.04 1.35 37.72
CA CYS F 41 -2.85 2.46 36.75
C CYS F 41 -3.97 2.39 35.71
N ALA F 42 -5.01 3.21 35.88
CA ALA F 42 -6.26 3.17 35.07
C ALA F 42 -6.16 4.22 33.97
N GLY F 43 -6.17 3.78 32.72
CA GLY F 43 -6.07 4.64 31.52
C GLY F 43 -7.29 4.51 30.63
N THR F 44 -7.10 4.73 29.32
CA THR F 44 -8.17 4.81 28.29
C THR F 44 -7.81 3.88 27.13
N SER F 45 -8.74 3.76 26.17
CA SER F 45 -8.60 3.01 24.90
C SER F 45 -7.54 3.66 23.98
N SER F 46 -7.25 4.95 24.18
CA SER F 46 -6.24 5.73 23.43
C SER F 46 -4.82 5.50 23.96
N ASP F 47 -4.64 4.90 25.15
CA ASP F 47 -3.30 4.64 25.76
C ASP F 47 -3.18 3.16 26.15
N ILE F 48 -3.47 2.78 27.39
CA ILE F 48 -3.19 1.42 27.94
C ILE F 48 -4.04 0.38 27.18
N GLY F 49 -5.30 0.73 26.88
CA GLY F 49 -6.22 -0.11 26.08
C GLY F 49 -5.76 -0.26 24.65
N GLY F 50 -5.49 -1.49 24.20
CA GLY F 50 -5.15 -1.80 22.80
C GLY F 50 -3.66 -1.78 22.51
N ARG F 51 -2.85 -1.04 23.27
CA ARG F 51 -1.37 -0.96 23.13
C ARG F 51 -0.68 -1.57 24.36
N THR F 52 0.64 -1.77 24.24
CA THR F 52 1.51 -2.40 25.27
C THR F 52 2.65 -1.43 25.63
N TYR F 53 2.46 -0.12 25.52
CA TYR F 53 3.50 0.92 25.75
C TYR F 53 3.33 1.54 27.14
N VAL F 54 3.28 0.69 28.17
CA VAL F 54 3.09 1.07 29.59
C VAL F 54 4.43 0.86 30.31
N SER F 55 4.94 1.91 30.94
CA SER F 55 6.26 1.92 31.65
C SER F 55 6.01 2.26 33.12
N TRP F 56 6.89 1.78 34.00
CA TRP F 56 6.88 2.05 35.47
C TRP F 56 8.21 2.67 35.88
N TYR F 57 8.16 3.72 36.71
CA TYR F 57 9.35 4.45 37.24
C TYR F 57 9.31 4.43 38.77
N GLN F 58 10.47 4.18 39.39
CA GLN F 58 10.73 4.37 40.84
C GLN F 58 11.42 5.72 41.03
N GLN F 59 10.91 6.55 41.95
CA GLN F 59 11.56 7.81 42.37
C GLN F 59 11.82 7.78 43.88
N LEU F 60 13.06 7.48 44.28
CA LEU F 60 13.51 7.61 45.69
C LEU F 60 13.53 9.11 46.00
N PRO F 61 13.46 9.52 47.29
CA PRO F 61 13.48 10.96 47.63
C PRO F 61 14.81 11.60 47.18
N GLY F 62 14.74 12.84 46.68
CA GLY F 62 15.90 13.61 46.18
C GLY F 62 16.22 13.31 44.72
N THR F 63 16.37 12.03 44.37
CA THR F 63 16.91 11.53 43.08
C THR F 63 15.87 11.60 41.95
N ALA F 64 16.34 11.58 40.70
CA ALA F 64 15.52 11.53 39.46
C ALA F 64 14.85 10.16 39.32
N PRO F 65 13.75 10.04 38.54
CA PRO F 65 13.08 8.75 38.36
C PRO F 65 13.95 7.72 37.63
N LYS F 66 13.72 6.44 37.94
CA LYS F 66 14.43 5.28 37.38
C LYS F 66 13.39 4.33 36.78
N LEU F 67 13.53 3.98 35.50
CA LEU F 67 12.70 2.95 34.80
C LEU F 67 12.85 1.61 35.52
N LEU F 68 11.75 1.00 35.96
CA LEU F 68 11.68 -0.40 36.46
C LEU F 68 11.22 -1.32 35.33
N ILE F 69 10.00 -1.07 34.81
CA ILE F 69 9.30 -1.93 33.82
C ILE F 69 9.01 -1.10 32.58
N TYR F 70 9.19 -1.69 31.39
CA TYR F 70 8.75 -1.13 30.09
C TYR F 70 8.03 -2.24 29.31
N LYS F 71 7.23 -1.87 28.31
CA LYS F 71 6.47 -2.80 27.42
C LYS F 71 5.53 -3.65 28.30
N VAL F 72 4.95 -3.07 29.34
CA VAL F 72 4.00 -3.71 30.30
C VAL F 72 4.75 -4.66 31.24
N THR F 73 5.55 -5.61 30.73
CA THR F 73 6.05 -6.80 31.46
C THR F 73 7.58 -6.83 31.64
N ILE F 74 8.35 -6.05 30.86
CA ILE F 74 9.83 -6.22 30.74
C ILE F 74 10.54 -5.38 31.81
N ARG F 75 11.29 -6.04 32.71
CA ARG F 75 12.16 -5.38 33.72
CA ARG F 75 12.15 -5.38 33.71
C ARG F 75 13.33 -4.71 33.01
N ALA F 76 13.71 -3.51 33.45
CA ALA F 76 14.99 -2.85 33.08
C ALA F 76 16.11 -3.63 33.76
N SER F 77 17.36 -3.52 33.26
CA SER F 77 18.52 -4.28 33.80
C SER F 77 18.81 -3.76 35.22
N GLY F 78 19.15 -4.67 36.14
CA GLY F 78 19.39 -4.37 37.56
C GLY F 78 18.15 -4.57 38.42
N VAL F 79 16.95 -4.36 37.86
CA VAL F 79 15.64 -4.46 38.57
C VAL F 79 15.43 -5.91 38.97
N PRO F 80 15.25 -6.24 40.28
CA PRO F 80 15.02 -7.62 40.70
C PRO F 80 13.64 -8.16 40.25
N ASP F 81 13.50 -9.49 40.22
CA ASP F 81 12.28 -10.21 39.73
C ASP F 81 11.12 -10.02 40.71
N ARG F 82 11.38 -9.55 41.95
CA ARG F 82 10.37 -9.07 42.93
C ARG F 82 9.39 -8.11 42.24
N PHE F 83 9.88 -7.24 41.35
CA PHE F 83 9.08 -6.28 40.55
C PHE F 83 8.55 -6.99 39.31
N SER F 84 7.25 -6.84 39.01
CA SER F 84 6.59 -7.39 37.81
C SER F 84 5.40 -6.51 37.41
N GLY F 85 5.13 -6.46 36.11
CA GLY F 85 4.05 -5.67 35.51
C GLY F 85 3.09 -6.54 34.76
N SER F 86 1.85 -6.09 34.65
CA SER F 86 0.76 -6.74 33.88
C SER F 86 -0.22 -5.68 33.40
N LYS F 87 -1.06 -6.07 32.44
CA LYS F 87 -2.11 -5.23 31.80
C LYS F 87 -3.40 -6.06 31.77
N SER F 88 -4.53 -5.38 31.88
CA SER F 88 -5.88 -5.95 31.65
C SER F 88 -6.80 -4.84 31.14
N GLY F 89 -7.11 -4.85 29.85
CA GLY F 89 -7.96 -3.83 29.18
C GLY F 89 -7.33 -2.46 29.27
N THR F 90 -7.98 -1.54 29.99
CA THR F 90 -7.65 -0.09 30.02
C THR F 90 -6.84 0.26 31.27
N SER F 91 -6.47 -0.73 32.10
CA SER F 91 -5.64 -0.51 33.32
C SER F 91 -4.49 -1.52 33.37
N ALA F 92 -3.34 -1.06 33.87
CA ALA F 92 -2.15 -1.87 34.19
C ALA F 92 -1.87 -1.77 35.69
N SER F 93 -1.10 -2.71 36.23
CA SER F 93 -0.68 -2.70 37.65
C SER F 93 0.75 -3.21 37.78
N LEU F 94 1.56 -2.48 38.55
CA LEU F 94 2.88 -2.93 39.06
C LEU F 94 2.60 -3.87 40.23
N ALA F 95 3.41 -4.91 40.41
CA ALA F 95 3.33 -5.86 41.53
C ALA F 95 4.73 -6.02 42.15
N ILE F 96 4.83 -5.85 43.47
CA ILE F 96 6.08 -6.04 44.26
C ILE F 96 5.84 -7.19 45.23
N THR F 97 6.66 -8.25 45.17
CA THR F 97 6.71 -9.36 46.16
C THR F 97 7.91 -9.14 47.08
N GLY F 98 8.01 -9.92 48.15
CA GLY F 98 9.07 -9.82 49.16
C GLY F 98 9.38 -8.37 49.54
N LEU F 99 8.33 -7.57 49.77
CA LEU F 99 8.40 -6.10 49.98
C LEU F 99 9.43 -5.80 51.08
N GLN F 100 10.37 -4.89 50.80
CA GLN F 100 11.46 -4.47 51.72
C GLN F 100 11.35 -2.96 51.94
N ALA F 101 11.85 -2.47 53.09
CA ALA F 101 11.92 -1.03 53.45
C ALA F 101 12.66 -0.24 52.36
N GLU F 102 13.61 -0.88 51.66
CA GLU F 102 14.33 -0.36 50.47
C GLU F 102 13.35 0.10 49.37
N ASP F 103 12.16 -0.50 49.29
CA ASP F 103 11.16 -0.25 48.21
C ASP F 103 10.36 1.02 48.47
N GLU F 104 10.49 1.65 49.64
CA GLU F 104 9.77 2.91 49.96
C GLU F 104 10.20 4.01 48.98
N ALA F 105 9.25 4.48 48.16
CA ALA F 105 9.48 5.45 47.06
C ALA F 105 8.14 5.88 46.47
N ASP F 106 8.14 6.90 45.62
CA ASP F 106 7.01 7.21 44.71
C ASP F 106 7.16 6.34 43.45
N TYR F 107 6.06 5.76 42.98
CA TYR F 107 5.98 4.91 41.76
C TYR F 107 5.02 5.56 40.76
N TYR F 108 5.51 5.88 39.57
CA TYR F 108 4.73 6.43 38.44
C TYR F 108 4.67 5.42 37.30
N CYS F 109 3.46 5.12 36.84
CA CYS F 109 3.21 4.50 35.51
C CYS F 109 3.22 5.63 34.47
N ALA F 110 3.59 5.31 33.24
CA ALA F 110 3.41 6.17 32.04
C ALA F 110 2.90 5.31 30.90
N SER F 111 2.33 5.94 29.88
CA SER F 111 1.85 5.27 28.64
C SER F 111 1.90 6.23 27.46
N HIS F 112 2.30 5.72 26.30
CA HIS F 112 2.06 6.38 24.98
C HIS F 112 0.54 6.56 24.82
N ARG F 113 0.11 7.70 24.30
CA ARG F 113 -1.31 8.01 24.00
C ARG F 113 -1.41 8.28 22.48
N SER F 114 -2.61 8.13 21.90
CA SER F 114 -2.88 8.24 20.44
C SER F 114 -2.39 9.59 19.88
N ASN F 115 -2.45 10.66 20.69
CA ASN F 115 -2.11 12.05 20.29
C ASN F 115 -0.59 12.28 20.32
N ASN F 116 0.22 11.21 20.32
CA ASN F 116 1.71 11.25 20.39
C ASN F 116 2.18 11.98 21.66
N ASN F 117 1.37 11.97 22.73
CA ASN F 117 1.81 12.34 24.10
C ASN F 117 2.38 11.10 24.78
N ILE F 118 3.15 11.31 25.85
CA ILE F 118 3.45 10.30 26.89
C ILE F 118 2.74 10.78 28.16
N VAL F 119 1.74 10.04 28.64
CA VAL F 119 0.88 10.44 29.81
C VAL F 119 1.37 9.71 31.05
N PHE F 120 1.67 10.46 32.12
CA PHE F 120 2.09 9.92 33.44
C PHE F 120 0.85 9.73 34.32
N GLY F 121 0.96 8.86 35.32
CA GLY F 121 -0.01 8.77 36.43
C GLY F 121 0.25 9.83 37.49
N GLY F 122 -0.70 10.02 38.41
CA GLY F 122 -0.59 10.94 39.55
C GLY F 122 0.57 10.58 40.47
N GLY F 123 0.95 9.29 40.51
CA GLY F 123 2.04 8.76 41.35
C GLY F 123 1.47 8.13 42.61
N THR F 124 2.20 7.16 43.17
CA THR F 124 1.78 6.37 44.37
C THR F 124 2.94 6.33 45.37
N LYS F 125 2.75 6.90 46.56
CA LYS F 125 3.70 6.81 47.70
C LYS F 125 3.57 5.42 48.33
N LEU F 126 4.62 4.60 48.26
CA LEU F 126 4.65 3.23 48.85
C LEU F 126 5.29 3.32 50.26
N THR F 127 4.57 2.81 51.27
CA THR F 127 4.99 2.75 52.69
C THR F 127 5.21 1.29 53.08
N VAL F 128 6.27 0.99 53.84
CA VAL F 128 6.52 -0.36 54.44
C VAL F 128 6.28 -0.25 55.95
N LEU F 129 5.29 -0.97 56.47
CA LEU F 129 4.83 -0.89 57.89
C LEU F 129 5.87 -1.56 58.81
N GLY F 130 5.76 -1.29 60.11
CA GLY F 130 6.45 -2.04 61.19
C GLY F 130 7.93 -1.78 61.29
N GLN F 131 8.41 -0.65 60.75
CA GLN F 131 9.83 -0.23 60.88
C GLN F 131 10.07 0.26 62.30
N PRO F 132 11.21 -0.08 62.94
CA PRO F 132 11.43 0.23 64.36
C PRO F 132 11.60 1.73 64.60
N LYS F 133 11.21 2.19 65.79
CA LYS F 133 11.50 3.54 66.31
C LYS F 133 13.01 3.75 66.31
N ALA F 134 13.47 4.89 65.79
CA ALA F 134 14.88 5.36 65.82
C ALA F 134 14.90 6.78 66.37
N ALA F 135 15.73 7.03 67.39
CA ALA F 135 15.83 8.32 68.11
C ALA F 135 16.65 9.31 67.29
N PRO F 136 16.29 10.61 67.29
CA PRO F 136 17.01 11.59 66.48
C PRO F 136 18.43 11.79 67.02
N SER F 137 19.41 11.85 66.12
CA SER F 137 20.77 12.40 66.39
C SER F 137 20.68 13.92 66.25
N VAL F 138 20.98 14.66 67.32
CA VAL F 138 20.89 16.15 67.40
C VAL F 138 22.30 16.71 67.51
N THR F 139 22.68 17.59 66.58
CA THR F 139 23.94 18.38 66.58
C THR F 139 23.56 19.87 66.62
N LEU F 140 24.08 20.62 67.59
CA LEU F 140 23.81 22.07 67.74
C LEU F 140 25.11 22.86 67.52
N PHE F 141 25.14 23.71 66.49
CA PHE F 141 26.25 24.63 66.19
C PHE F 141 25.90 26.03 66.69
N PRO F 142 26.80 26.70 67.45
CA PRO F 142 26.63 28.12 67.77
C PRO F 142 26.98 29.00 66.58
N PRO F 143 26.69 30.34 66.64
CA PRO F 143 27.10 31.25 65.58
C PRO F 143 28.63 31.23 65.40
N SER F 144 29.07 31.14 64.15
CA SER F 144 30.50 31.21 63.75
C SER F 144 31.01 32.63 64.01
N SER F 145 32.32 32.75 64.29
N SER F 145 32.31 32.75 64.28
CA SER F 145 33.05 34.05 64.40
CA SER F 145 33.05 34.04 64.41
C SER F 145 32.82 34.90 63.15
C SER F 145 32.84 34.90 63.15
N GLU F 146 32.81 34.26 61.97
CA GLU F 146 32.65 34.92 60.65
C GLU F 146 31.27 35.59 60.57
N GLU F 147 30.20 34.88 60.97
CA GLU F 147 28.81 35.42 60.96
C GLU F 147 28.67 36.58 61.95
N LEU F 148 29.21 36.43 63.17
CA LEU F 148 29.20 37.48 64.23
C LEU F 148 29.89 38.76 63.72
N GLN F 149 31.00 38.61 62.98
CA GLN F 149 31.74 39.75 62.37
C GLN F 149 30.90 40.45 61.29
N ALA F 150 29.90 39.77 60.73
CA ALA F 150 28.92 40.34 59.76
C ALA F 150 27.66 40.86 60.48
N ASN F 151 27.71 41.05 61.80
CA ASN F 151 26.61 41.60 62.62
C ASN F 151 25.35 40.72 62.47
N LYS F 152 25.52 39.40 62.54
CA LYS F 152 24.43 38.41 62.44
C LYS F 152 24.81 37.19 63.29
N ALA F 153 23.84 36.36 63.66
CA ALA F 153 24.04 35.20 64.56
C ALA F 153 22.92 34.17 64.33
N THR F 154 23.30 32.93 64.00
CA THR F 154 22.39 31.80 63.77
C THR F 154 22.89 30.58 64.57
N LEU F 155 22.02 29.95 65.35
CA LEU F 155 22.25 28.62 65.98
C LEU F 155 21.62 27.58 65.06
N VAL F 156 22.42 26.63 64.58
CA VAL F 156 21.97 25.55 63.65
C VAL F 156 21.79 24.28 64.47
N CYS F 157 20.56 23.78 64.55
CA CYS F 157 20.17 22.50 65.21
C CYS F 157 19.82 21.48 64.12
N LEU F 158 20.71 20.50 63.90
CA LEU F 158 20.57 19.47 62.84
C LEU F 158 20.09 18.17 63.48
N ILE F 159 19.01 17.61 62.93
CA ILE F 159 18.23 16.46 63.47
C ILE F 159 18.14 15.42 62.36
N SER F 160 18.66 14.21 62.59
CA SER F 160 18.79 13.16 61.55
C SER F 160 18.55 11.77 62.14
N ASP F 161 18.27 10.82 61.24
CA ASP F 161 18.19 9.36 61.51
C ASP F 161 17.11 9.09 62.55
N PHE F 162 15.96 9.77 62.48
CA PHE F 162 14.77 9.48 63.33
C PHE F 162 13.68 8.84 62.47
N TYR F 163 12.92 7.94 63.10
CA TYR F 163 11.70 7.28 62.56
C TYR F 163 10.75 7.03 63.74
N PRO F 164 9.41 7.26 63.63
CA PRO F 164 8.79 7.89 62.45
C PRO F 164 9.09 9.39 62.29
N GLY F 165 8.70 9.95 61.14
CA GLY F 165 9.05 11.30 60.68
C GLY F 165 8.21 12.38 61.32
N ALA F 166 8.33 12.54 62.65
CA ALA F 166 7.65 13.58 63.45
C ALA F 166 8.54 13.93 64.65
N VAL F 167 8.92 15.20 64.77
CA VAL F 167 9.59 15.79 65.97
C VAL F 167 8.92 17.13 66.28
N THR F 168 9.01 17.56 67.54
CA THR F 168 8.75 18.97 67.96
C THR F 168 10.08 19.54 68.47
N VAL F 169 10.40 20.77 68.04
CA VAL F 169 11.64 21.51 68.43
C VAL F 169 11.23 22.69 69.30
N ALA F 170 11.74 22.71 70.54
CA ALA F 170 11.65 23.85 71.48
C ALA F 170 13.06 24.42 71.67
N TRP F 171 13.16 25.75 71.65
CA TRP F 171 14.40 26.53 71.88
C TRP F 171 14.34 27.19 73.25
N LYS F 172 15.49 27.34 73.91
CA LYS F 172 15.63 28.00 75.23
C LYS F 172 16.78 29.01 75.19
N ALA F 173 16.60 30.15 75.85
CA ALA F 173 17.64 31.12 76.22
C ALA F 173 17.76 31.09 77.74
N ASP F 174 18.89 30.59 78.26
CA ASP F 174 19.07 30.19 79.68
C ASP F 174 18.01 29.12 79.99
N SER F 175 17.11 29.34 80.95
CA SER F 175 15.96 28.44 81.27
C SER F 175 14.65 28.93 80.64
N SER F 176 14.64 30.13 80.04
CA SER F 176 13.45 30.77 79.45
C SER F 176 13.24 30.24 78.03
N PRO F 177 12.02 29.76 77.66
CA PRO F 177 11.78 29.33 76.29
C PRO F 177 11.77 30.50 75.29
N VAL F 178 12.12 30.21 74.03
CA VAL F 178 12.15 31.17 72.89
C VAL F 178 11.36 30.56 71.74
N LYS F 179 10.47 31.35 71.13
CA LYS F 179 9.64 30.95 69.96
C LYS F 179 9.94 31.87 68.75
N ALA F 180 10.29 33.14 69.00
CA ALA F 180 10.64 34.15 67.98
C ALA F 180 12.00 33.81 67.34
N GLY F 181 12.12 34.03 66.04
CA GLY F 181 13.37 33.80 65.27
C GLY F 181 13.65 32.32 65.05
N VAL F 182 12.67 31.44 65.29
CA VAL F 182 12.75 29.97 65.06
C VAL F 182 12.17 29.67 63.67
N GLU F 183 12.95 29.00 62.82
CA GLU F 183 12.49 28.44 61.52
C GLU F 183 12.85 26.95 61.52
N THR F 184 11.85 26.07 61.65
CA THR F 184 11.98 24.58 61.63
C THR F 184 11.44 24.06 60.29
N THR F 185 12.17 23.12 59.67
CA THR F 185 11.74 22.40 58.44
C THR F 185 10.74 21.29 58.79
N THR F 186 9.87 20.94 57.86
CA THR F 186 9.11 19.66 57.91
C THR F 186 10.11 18.53 57.73
N PRO F 187 9.96 17.39 58.44
CA PRO F 187 10.90 16.27 58.29
C PRO F 187 10.79 15.73 56.86
N SER F 188 11.93 15.38 56.26
CA SER F 188 12.02 14.82 54.88
C SER F 188 12.73 13.47 54.94
N LYS F 189 12.32 12.55 54.05
CA LYS F 189 12.82 11.16 53.95
C LYS F 189 14.30 11.20 53.55
N GLN F 190 15.17 10.50 54.29
CA GLN F 190 16.59 10.27 53.92
C GLN F 190 16.67 9.05 52.99
N SER F 191 17.86 8.75 52.47
CA SER F 191 18.14 7.56 51.60
C SER F 191 18.00 6.25 52.40
N ASN F 192 18.13 6.29 53.73
CA ASN F 192 18.11 5.09 54.63
C ASN F 192 16.73 4.88 55.27
N ASN F 193 15.66 5.56 54.77
CA ASN F 193 14.24 5.42 55.19
C ASN F 193 13.93 6.23 56.45
N LYS F 194 14.93 6.64 57.24
CA LYS F 194 14.74 7.52 58.42
C LYS F 194 14.61 8.97 57.92
N TYR F 195 14.33 9.92 58.81
CA TYR F 195 13.96 11.32 58.48
C TYR F 195 15.02 12.30 59.01
N ALA F 196 15.18 13.42 58.32
CA ALA F 196 16.06 14.55 58.69
C ALA F 196 15.21 15.82 58.84
N ALA F 197 15.57 16.68 59.77
CA ALA F 197 14.99 18.05 59.94
C ALA F 197 16.05 18.96 60.54
N SER F 198 16.04 20.24 60.14
CA SER F 198 16.90 21.30 60.73
C SER F 198 16.03 22.33 61.43
N SER F 199 16.58 23.02 62.42
CA SER F 199 15.95 24.20 63.06
C SER F 199 17.02 25.28 63.26
N TYR F 200 16.66 26.53 62.95
CA TYR F 200 17.55 27.72 62.97
C TYR F 200 16.98 28.76 63.95
N LEU F 201 17.79 29.21 64.90
CA LEU F 201 17.45 30.34 65.82
C LEU F 201 18.26 31.57 65.43
N SER F 202 17.61 32.58 64.83
CA SER F 202 18.19 33.93 64.56
C SER F 202 18.26 34.71 65.87
N LEU F 203 19.45 35.18 66.22
CA LEU F 203 19.70 36.18 67.29
C LEU F 203 20.51 37.32 66.68
N THR F 204 20.59 38.45 67.38
CA THR F 204 21.62 39.49 67.12
C THR F 204 22.89 39.04 67.84
N PRO F 205 24.09 39.47 67.41
CA PRO F 205 25.31 39.21 68.18
C PRO F 205 25.17 39.59 69.66
N GLU F 206 24.52 40.73 69.93
CA GLU F 206 24.36 41.29 71.31
C GLU F 206 23.49 40.36 72.15
N GLN F 207 22.43 39.79 71.57
CA GLN F 207 21.58 38.77 72.25
C GLN F 207 22.42 37.55 72.60
N TRP F 208 23.10 36.97 71.60
CA TRP F 208 23.98 35.78 71.73
C TRP F 208 24.94 35.97 72.92
N LYS F 209 25.65 37.11 72.97
CA LYS F 209 26.72 37.41 73.96
C LYS F 209 26.14 37.53 75.37
N SER F 210 24.95 38.10 75.52
CA SER F 210 24.38 38.55 76.83
C SER F 210 23.43 37.50 77.42
N HIS F 211 23.72 36.20 77.22
CA HIS F 211 22.97 35.04 77.76
C HIS F 211 23.96 33.94 78.15
N ARG F 212 23.73 33.25 79.28
CA ARG F 212 24.67 32.23 79.82
C ARG F 212 24.71 31.03 78.87
N SER F 213 23.56 30.63 78.31
CA SER F 213 23.45 29.51 77.34
C SER F 213 22.17 29.60 76.49
N TYR F 214 22.16 28.90 75.36
CA TYR F 214 20.99 28.63 74.50
C TYR F 214 20.90 27.11 74.27
N SER F 215 19.69 26.56 74.27
CA SER F 215 19.43 25.11 74.09
C SER F 215 18.49 24.87 72.91
N CYS F 216 18.73 23.78 72.16
CA CYS F 216 17.80 23.15 71.19
C CYS F 216 17.34 21.82 71.80
N GLN F 217 16.03 21.67 72.05
CA GLN F 217 15.39 20.47 72.64
C GLN F 217 14.55 19.78 71.56
N VAL F 218 14.88 18.53 71.22
CA VAL F 218 14.17 17.75 70.16
C VAL F 218 13.39 16.64 70.85
N THR F 219 12.05 16.71 70.80
CA THR F 219 11.12 15.71 71.38
C THR F 219 10.66 14.78 70.24
N HIS F 220 10.89 13.48 70.41
CA HIS F 220 10.54 12.43 69.42
C HIS F 220 9.86 11.28 70.17
N GLU F 221 8.59 11.01 69.86
CA GLU F 221 7.76 9.95 70.47
C GLU F 221 7.94 9.99 72.00
N GLY F 222 7.85 11.17 72.60
CA GLY F 222 7.79 11.38 74.06
C GLY F 222 9.14 11.34 74.76
N SER F 223 10.25 11.32 74.02
CA SER F 223 11.65 11.38 74.54
C SER F 223 12.37 12.57 73.95
N THR F 224 12.94 13.43 74.80
CA THR F 224 13.60 14.70 74.40
C THR F 224 15.12 14.50 74.39
N VAL F 225 15.79 15.06 73.38
CA VAL F 225 17.27 15.17 73.27
C VAL F 225 17.61 16.65 73.36
N GLU F 226 18.43 17.05 74.34
CA GLU F 226 18.85 18.46 74.57
C GLU F 226 20.32 18.62 74.18
N LYS F 227 20.62 19.60 73.34
CA LYS F 227 21.99 20.12 73.09
C LYS F 227 22.04 21.60 73.50
N THR F 228 23.13 22.01 74.15
CA THR F 228 23.32 23.37 74.71
C THR F 228 24.64 23.94 74.19
N VAL F 229 24.62 25.22 73.83
CA VAL F 229 25.82 26.03 73.47
C VAL F 229 25.82 27.30 74.34
N ALA F 230 27.00 27.81 74.65
CA ALA F 230 27.23 29.06 75.41
C ALA F 230 28.23 29.91 74.65
N PRO F 231 28.12 31.26 74.65
CA PRO F 231 29.16 32.11 74.03
C PRO F 231 30.55 31.99 74.69
N THR F 232 30.60 31.60 75.98
CA THR F 232 31.84 31.47 76.80
C THR F 232 32.23 30.00 76.98
N GLU F 233 32.26 29.20 75.90
CA GLU F 233 32.76 27.80 75.92
C GLU F 233 33.08 27.34 74.49
N CYS F 234 33.61 26.11 74.36
CA CYS F 234 33.92 25.41 73.08
C CYS F 234 33.05 24.15 72.97
C1 EDO G . -21.88 -24.49 -37.08
O1 EDO G . -22.62 -23.30 -36.88
C2 EDO G . -20.67 -24.29 -37.92
O2 EDO G . -19.50 -23.86 -37.24
C1 EDO H . -14.00 -26.08 -14.94
O1 EDO H . -15.18 -25.30 -14.93
C2 EDO H . -12.79 -25.30 -14.58
O2 EDO H . -11.62 -25.56 -15.37
C1 PEG I . -18.48 -21.67 -58.31
O1 PEG I . -19.42 -21.32 -57.31
C2 PEG I . -17.96 -23.06 -58.13
O2 PEG I . -16.74 -23.21 -58.87
C3 PEG I . -15.58 -23.12 -58.05
C4 PEG I . -14.35 -23.13 -58.91
O4 PEG I . -13.13 -23.21 -58.15
C1 PEG J . -50.36 4.83 -34.45
O1 PEG J . -51.50 4.13 -34.89
C2 PEG J . -49.86 5.81 -35.47
O2 PEG J . -48.58 5.41 -35.94
C3 PEG J . -48.00 6.32 -36.88
C4 PEG J . -47.51 5.57 -38.09
O4 PEG J . -46.83 6.40 -39.02
MG MG K . -55.34 -37.12 -55.37
MG MG L . 7.73 -29.03 -22.39
C1 PEG M . 30.42 22.39 68.69
O1 PEG M . 29.04 22.10 68.53
C2 PEG M . 30.74 23.84 68.41
O2 PEG M . 30.66 24.10 67.01
C3 PEG M . 31.07 25.41 66.63
C4 PEG M . 30.33 25.84 65.38
O4 PEG M . 30.53 27.20 65.04
C1 EDO N . 4.64 24.93 20.29
O1 EDO N . 4.71 26.01 21.21
C2 EDO N . 5.20 25.27 18.96
O2 EDO N . 6.50 25.82 18.99
C1 PEG O . 18.23 20.60 41.28
O1 PEG O . 17.03 20.58 42.03
C2 PEG O . 18.15 21.52 40.10
O2 PEG O . 19.42 22.13 39.85
C3 PEG O . 19.34 23.39 39.18
C4 PEG O . 20.63 24.13 39.29
O4 PEG O . 20.53 25.46 38.79
C1 PEG P . 10.27 17.87 42.69
O1 PEG P . 10.80 19.13 42.33
C2 PEG P . 10.69 17.43 44.05
O2 PEG P . 10.05 16.19 44.38
C3 PEG P . 10.68 15.48 45.44
C4 PEG P . 11.72 14.53 44.88
O4 PEG P . 11.60 13.22 45.42
C1 EDO Q . 15.87 20.71 49.58
O1 EDO Q . 14.89 20.45 48.59
C2 EDO Q . 16.94 21.66 49.12
O2 EDO Q . 18.23 21.49 49.68
MG MG R . 17.12 37.82 76.07
#